data_6XZC
#
_entry.id   6XZC
#
_cell.length_a   1.00
_cell.length_b   1.00
_cell.length_c   1.00
_cell.angle_alpha   90.00
_cell.angle_beta   90.00
_cell.angle_gamma   90.00
#
_symmetry.space_group_name_H-M   'P 1'
#
_entity_poly.entity_id   1
_entity_poly.type   'polypeptide(L)'
_entity_poly.pdbx_seq_one_letter_code
;MTQSQTVTVDQQEILNRANEVEAPMADPPTDVPITPCELTAAKNAAQQLVLSADNMREYLAAGAKERQRLATSLRNAAKA
YGEVDEEAATALDNDGEGTVQAESAGAVGGDSSAELTDTPRVATAGEPNFMDLKEAARKLETGDQGASLAHFADGWNTFN
LTLQGDVKRFRGFDNWEGDAATACEASLDQQRQWILHMAKLSAAMAKQAQYVAQLHVWARREHPTYEDIVGLERLYAENP
SARDQILPVYAEYQQRSEKVLTEYNNKAALEPVNPPKPPPAIKIDPPPPPQEQGLIPGFLMPPSDGSGVTPGTGMPAAPM
VPPTGSPGGGLPADTAAQLTSAGREAAALSGDVAVKAASLGGGGGGGVPSAPLGSAIGGAESVRPAGAGDIAGLGQGRAG
GGAALGGGGMGMPMGAAHQGQGGAKSKGSQQEDEALYTEDRAWTEAVIGNRRRQDSKESK
;
_entity_poly.pdbx_strand_id   A,B,C,D,E,F,G
#
# COMPACT_ATOMS: atom_id res chain seq x y z
N THR A 8 -16.83 47.90 19.83
CA THR A 8 -16.30 46.60 20.25
C THR A 8 -17.02 45.46 19.55
N VAL A 9 -18.31 45.31 19.85
CA VAL A 9 -19.15 44.27 19.27
C VAL A 9 -20.39 44.93 18.69
N ASP A 10 -20.63 44.70 17.41
CA ASP A 10 -21.80 45.25 16.71
C ASP A 10 -22.86 44.15 16.64
N GLN A 11 -23.96 44.35 17.35
CA GLN A 11 -25.01 43.34 17.42
C GLN A 11 -25.83 43.25 16.14
N GLN A 12 -25.87 44.31 15.34
CA GLN A 12 -26.63 44.28 14.10
C GLN A 12 -25.99 43.34 13.07
N GLU A 13 -24.67 43.24 13.08
CA GLU A 13 -23.98 42.25 12.26
C GLU A 13 -24.34 40.84 12.68
N ILE A 14 -24.48 40.61 14.00
CA ILE A 14 -24.85 39.28 14.50
C ILE A 14 -26.27 38.94 14.10
N LEU A 15 -27.19 39.91 14.17
CA LEU A 15 -28.58 39.65 13.76
C LEU A 15 -28.68 39.41 12.26
N ASN A 16 -27.93 40.16 11.46
CA ASN A 16 -27.93 39.97 10.01
C ASN A 16 -27.31 38.62 9.63
N ARG A 17 -26.26 38.21 10.34
CA ARG A 17 -25.65 36.91 10.06
C ARG A 17 -26.56 35.76 10.48
N ALA A 18 -27.32 35.93 11.57
CA ALA A 18 -28.29 34.91 11.96
C ALA A 18 -29.41 34.80 10.96
N ASN A 19 -29.93 35.94 10.47
CA ASN A 19 -30.98 35.90 9.47
C ASN A 19 -30.48 35.46 8.10
N GLU A 20 -29.17 35.52 7.86
CA GLU A 20 -28.63 35.00 6.61
C GLU A 20 -28.35 33.50 6.71
N VAL A 21 -27.93 33.02 7.88
CA VAL A 21 -27.73 31.58 8.08
C VAL A 21 -29.08 30.85 8.05
N GLU A 22 -30.11 31.45 8.66
CA GLU A 22 -31.43 30.82 8.67
C GLU A 22 -32.12 30.83 7.32
N ALA A 23 -31.62 31.59 6.35
CA ALA A 23 -32.28 31.69 5.05
C ALA A 23 -32.18 30.37 4.29
N PRO A 24 -33.24 29.98 3.57
CA PRO A 24 -33.26 28.65 2.96
C PRO A 24 -32.37 28.58 1.72
N MET A 25 -31.74 27.42 1.55
CA MET A 25 -30.96 27.16 0.36
C MET A 25 -31.87 26.65 -0.76
N ALA A 26 -31.27 26.24 -1.87
CA ALA A 26 -32.05 25.71 -2.97
C ALA A 26 -32.50 24.29 -2.67
N ASP A 27 -33.65 23.92 -3.22
CA ASP A 27 -34.19 22.59 -2.99
C ASP A 27 -33.43 21.58 -3.83
N PRO A 28 -33.22 20.36 -3.31
CA PRO A 28 -32.64 19.31 -4.13
C PRO A 28 -33.62 18.87 -5.21
N PRO A 29 -33.12 18.33 -6.32
CA PRO A 29 -34.02 17.97 -7.43
C PRO A 29 -34.87 16.75 -7.09
N THR A 30 -36.04 16.70 -7.70
CA THR A 30 -37.03 15.65 -7.42
C THR A 30 -37.25 14.74 -8.62
N ASP A 31 -36.21 14.52 -9.42
CA ASP A 31 -36.32 13.59 -10.54
C ASP A 31 -36.30 12.16 -10.02
N VAL A 32 -37.09 11.31 -10.65
CA VAL A 32 -37.22 9.91 -10.26
C VAL A 32 -36.48 9.06 -11.30
N PRO A 33 -35.39 8.39 -10.93
CA PRO A 33 -34.65 7.59 -11.91
C PRO A 33 -35.35 6.28 -12.24
N ILE A 34 -35.94 6.21 -13.43
CA ILE A 34 -36.60 5.00 -13.89
C ILE A 34 -35.54 4.02 -14.36
N THR A 35 -35.94 2.75 -14.47
CA THR A 35 -35.00 1.71 -14.84
C THR A 35 -34.64 1.80 -16.32
N PRO A 36 -33.41 1.47 -16.70
CA PRO A 36 -33.05 1.48 -18.13
C PRO A 36 -33.72 0.37 -18.92
N CYS A 37 -33.95 -0.79 -18.33
CA CYS A 37 -34.59 -1.90 -19.02
C CYS A 37 -35.39 -2.68 -17.99
N GLU A 38 -35.80 -3.90 -18.35
CA GLU A 38 -36.58 -4.74 -17.45
C GLU A 38 -35.75 -5.83 -16.80
N LEU A 39 -34.42 -5.76 -16.87
CA LEU A 39 -33.58 -6.70 -16.17
C LEU A 39 -33.65 -6.43 -14.67
N THR A 40 -33.28 -7.45 -13.88
CA THR A 40 -33.36 -7.32 -12.44
C THR A 40 -32.25 -6.44 -11.89
N ALA A 41 -31.06 -6.47 -12.50
CA ALA A 41 -29.96 -5.65 -12.04
C ALA A 41 -30.22 -4.17 -12.30
N ALA A 42 -30.87 -3.86 -13.42
CA ALA A 42 -31.18 -2.47 -13.72
C ALA A 42 -32.27 -1.92 -12.79
N LYS A 43 -33.26 -2.75 -12.46
CA LYS A 43 -34.30 -2.32 -11.53
C LYS A 43 -33.75 -2.16 -10.12
N ASN A 44 -32.81 -3.03 -9.72
CA ASN A 44 -32.18 -2.87 -8.42
C ASN A 44 -31.28 -1.63 -8.37
N ALA A 45 -30.61 -1.31 -9.48
CA ALA A 45 -29.80 -0.09 -9.53
C ALA A 45 -30.66 1.16 -9.48
N ALA A 46 -31.82 1.14 -10.16
CA ALA A 46 -32.72 2.29 -10.12
C ALA A 46 -33.34 2.47 -8.73
N GLN A 47 -33.70 1.37 -8.07
CA GLN A 47 -34.22 1.47 -6.72
C GLN A 47 -33.15 1.92 -5.73
N GLN A 48 -31.89 1.53 -5.97
CA GLN A 48 -30.79 2.00 -5.13
C GLN A 48 -30.57 3.49 -5.30
N LEU A 49 -30.73 4.00 -6.52
CA LEU A 49 -30.59 5.44 -6.75
C LEU A 49 -31.75 6.21 -6.12
N VAL A 50 -32.96 5.64 -6.15
CA VAL A 50 -34.11 6.28 -5.50
C VAL A 50 -33.90 6.35 -3.99
N LEU A 51 -33.39 5.27 -3.38
CA LEU A 51 -33.17 5.25 -1.94
C LEU A 51 -32.02 6.19 -1.55
N SER A 52 -30.99 6.29 -2.38
CA SER A 52 -29.90 7.22 -2.09
C SER A 52 -30.36 8.67 -2.19
N ALA A 53 -31.23 8.97 -3.16
CA ALA A 53 -31.76 10.33 -3.28
C ALA A 53 -32.66 10.68 -2.10
N ASP A 54 -33.46 9.72 -1.62
CA ASP A 54 -34.31 9.97 -0.46
C ASP A 54 -33.48 10.17 0.80
N ASN A 55 -32.40 9.40 0.95
CA ASN A 55 -31.47 9.58 2.06
C ASN A 55 -30.82 10.97 2.02
N MET A 56 -30.43 11.41 0.82
CA MET A 56 -29.80 12.71 0.67
C MET A 56 -30.77 13.85 1.02
N ARG A 57 -32.02 13.73 0.59
CA ARG A 57 -33.00 14.78 0.89
C ARG A 57 -33.34 14.82 2.38
N GLU A 58 -33.41 13.65 3.03
CA GLU A 58 -33.64 13.59 4.46
C GLU A 58 -32.51 14.25 5.24
N TYR A 59 -31.26 13.99 4.87
CA TYR A 59 -30.16 14.60 5.60
C TYR A 59 -30.00 16.08 5.27
N LEU A 60 -30.45 16.51 4.09
CA LEU A 60 -30.44 17.95 3.82
C LEU A 60 -31.49 18.68 4.65
N ALA A 61 -32.65 18.04 4.88
CA ALA A 61 -33.64 18.64 5.78
C ALA A 61 -33.13 18.69 7.22
N ALA A 62 -32.40 17.64 7.64
CA ALA A 62 -31.80 17.65 8.98
C ALA A 62 -30.74 18.75 9.11
N GLY A 63 -29.98 18.99 8.05
CA GLY A 63 -29.04 20.09 8.07
C GLY A 63 -29.70 21.45 8.08
N ALA A 64 -30.88 21.56 7.46
CA ALA A 64 -31.65 22.81 7.54
C ALA A 64 -32.11 23.06 8.97
N LYS A 65 -32.54 22.01 9.68
CA LYS A 65 -32.90 22.18 11.09
C LYS A 65 -31.70 22.54 11.95
N GLU A 66 -30.52 21.99 11.63
CA GLU A 66 -29.32 22.35 12.38
C GLU A 66 -28.90 23.81 12.12
N ARG A 67 -29.09 24.29 10.89
CA ARG A 67 -28.83 25.69 10.61
C ARG A 67 -29.83 26.61 11.32
N GLN A 68 -31.08 26.15 11.47
CA GLN A 68 -32.05 26.92 12.25
C GLN A 68 -31.65 27.01 13.72
N ARG A 69 -31.15 25.91 14.29
CA ARG A 69 -30.67 25.94 15.67
C ARG A 69 -29.42 26.82 15.82
N LEU A 70 -28.56 26.83 14.80
CA LEU A 70 -27.38 27.69 14.84
C LEU A 70 -27.78 29.17 14.74
N ALA A 71 -28.81 29.48 13.98
CA ALA A 71 -29.30 30.85 13.91
C ALA A 71 -29.93 31.28 15.23
N THR A 72 -30.64 30.36 15.89
CA THR A 72 -31.17 30.65 17.23
C THR A 72 -30.04 30.91 18.23
N SER A 73 -28.96 30.13 18.15
CA SER A 73 -27.81 30.37 19.02
C SER A 73 -27.11 31.69 18.72
N LEU A 74 -27.03 32.09 17.44
CA LEU A 74 -26.47 33.39 17.11
C LEU A 74 -27.35 34.52 17.61
N ARG A 75 -28.67 34.34 17.59
CA ARG A 75 -29.57 35.34 18.15
C ARG A 75 -29.42 35.44 19.66
N ASN A 76 -29.18 34.30 20.34
CA ASN A 76 -28.92 34.36 21.78
C ASN A 76 -27.60 35.03 22.09
N ALA A 77 -26.57 34.80 21.26
CA ALA A 77 -25.29 35.47 21.45
C ALA A 77 -25.39 36.96 21.18
N ALA A 78 -26.29 37.37 20.27
CA ALA A 78 -26.53 38.80 20.07
C ALA A 78 -27.33 39.39 21.23
N LYS A 79 -28.29 38.65 21.75
CA LYS A 79 -29.11 39.10 22.88
C LYS A 79 -28.32 39.16 24.18
N ALA A 80 -27.19 38.45 24.26
CA ALA A 80 -26.35 38.53 25.45
C ALA A 80 -25.73 39.92 25.63
N TYR A 81 -25.41 40.61 24.54
CA TYR A 81 -24.80 41.93 24.66
C TYR A 81 -25.84 42.99 24.99
N GLY A 82 -26.81 43.22 24.10
CA GLY A 82 -27.78 44.27 24.26
C GLY A 82 -29.20 43.72 24.21
N GLU A 83 -30.15 44.64 24.27
CA GLU A 83 -31.56 44.28 24.33
C GLU A 83 -32.13 44.22 22.91
N VAL A 84 -32.41 43.00 22.44
CA VAL A 84 -32.97 42.82 21.11
C VAL A 84 -34.48 43.03 21.14
N ASP A 85 -35.06 43.25 19.98
CA ASP A 85 -36.52 43.42 19.85
C ASP A 85 -37.23 42.09 20.09
N GLU A 127 -33.72 -28.44 -29.66
CA GLU A 127 -32.48 -28.33 -28.90
C GLU A 127 -31.94 -26.87 -28.71
N PRO A 128 -32.04 -25.97 -29.70
CA PRO A 128 -31.79 -24.56 -29.38
C PRO A 128 -32.93 -23.97 -28.57
N ASN A 129 -32.59 -23.43 -27.40
CA ASN A 129 -33.56 -22.72 -26.57
C ASN A 129 -33.59 -21.26 -27.00
N PHE A 130 -34.28 -21.02 -28.11
CA PHE A 130 -34.45 -19.66 -28.62
C PHE A 130 -35.34 -18.80 -27.72
N MET A 131 -36.19 -19.44 -26.91
CA MET A 131 -37.12 -18.69 -26.07
C MET A 131 -36.38 -17.90 -24.99
N ASP A 132 -35.40 -18.51 -24.33
CA ASP A 132 -34.66 -17.82 -23.28
C ASP A 132 -33.77 -16.72 -23.87
N LEU A 133 -33.20 -16.95 -25.05
CA LEU A 133 -32.34 -15.95 -25.67
C LEU A 133 -33.14 -14.74 -26.13
N LYS A 134 -34.25 -14.97 -26.83
CA LYS A 134 -35.07 -13.83 -27.25
C LYS A 134 -35.82 -13.19 -26.09
N GLU A 135 -36.04 -13.92 -25.00
CA GLU A 135 -36.60 -13.31 -23.80
C GLU A 135 -35.59 -12.39 -23.13
N ALA A 136 -34.32 -12.80 -23.09
CA ALA A 136 -33.28 -11.95 -22.54
C ALA A 136 -33.08 -10.69 -23.39
N ALA A 137 -33.11 -10.83 -24.72
CA ALA A 137 -33.00 -9.68 -25.59
C ALA A 137 -34.20 -8.74 -25.47
N ARG A 138 -35.41 -9.30 -25.36
CA ARG A 138 -36.63 -8.52 -25.23
C ARG A 138 -36.60 -7.77 -23.91
N LYS A 139 -36.27 -8.42 -22.80
CA LYS A 139 -36.13 -7.78 -21.49
C LYS A 139 -35.06 -6.72 -21.49
N LEU A 140 -33.99 -6.92 -22.26
CA LEU A 140 -32.93 -5.94 -22.32
C LEU A 140 -33.31 -4.71 -23.14
N GLU A 141 -34.27 -4.83 -24.05
CA GLU A 141 -34.60 -3.68 -24.89
C GLU A 141 -35.93 -2.99 -24.55
N THR A 142 -36.70 -3.47 -23.58
CA THR A 142 -38.03 -2.89 -23.34
C THR A 142 -38.01 -1.79 -22.28
N GLY A 143 -37.10 -0.83 -22.41
CA GLY A 143 -37.02 0.18 -21.36
C GLY A 143 -36.85 1.61 -21.81
N ASP A 144 -36.52 2.48 -20.86
CA ASP A 144 -36.27 3.88 -21.13
C ASP A 144 -34.91 4.15 -21.73
N GLN A 145 -34.05 3.12 -21.82
CA GLN A 145 -32.71 3.17 -22.41
C GLN A 145 -31.80 4.19 -21.74
N GLY A 146 -32.01 4.43 -20.45
CA GLY A 146 -31.16 5.36 -19.73
C GLY A 146 -31.42 6.81 -20.03
N ALA A 147 -32.63 7.16 -20.48
CA ALA A 147 -32.95 8.55 -20.74
C ALA A 147 -33.40 9.28 -19.49
N SER A 148 -33.77 8.55 -18.43
CA SER A 148 -34.12 9.17 -17.16
C SER A 148 -32.97 9.18 -16.17
N LEU A 149 -31.93 8.37 -16.41
CA LEU A 149 -30.73 8.45 -15.59
C LEU A 149 -29.88 9.65 -15.97
N ALA A 150 -29.83 10.00 -17.25
CA ALA A 150 -29.07 11.15 -17.69
C ALA A 150 -29.77 12.47 -17.37
N HIS A 151 -31.04 12.42 -16.98
CA HIS A 151 -31.73 13.60 -16.46
C HIS A 151 -31.71 13.65 -14.94
N PHE A 152 -31.54 12.51 -14.28
CA PHE A 152 -31.28 12.46 -12.85
C PHE A 152 -29.88 12.98 -12.54
N ALA A 153 -28.89 12.53 -13.31
CA ALA A 153 -27.51 12.89 -13.06
C ALA A 153 -27.23 14.35 -13.37
N ASP A 154 -27.90 14.92 -14.37
CA ASP A 154 -27.73 16.34 -14.67
C ASP A 154 -28.28 17.21 -13.54
N GLY A 155 -29.41 16.83 -12.98
CA GLY A 155 -29.96 17.57 -11.84
C GLY A 155 -29.09 17.46 -10.60
N TRP A 156 -28.63 16.25 -10.29
CA TRP A 156 -27.79 16.11 -9.10
C TRP A 156 -26.35 16.56 -9.32
N ASN A 157 -25.95 16.85 -10.57
CA ASN A 157 -24.67 17.50 -10.81
C ASN A 157 -24.78 19.01 -10.80
N THR A 158 -25.92 19.56 -11.22
CA THR A 158 -26.14 20.99 -11.07
C THR A 158 -26.36 21.36 -9.60
N PHE A 159 -26.96 20.45 -8.82
CA PHE A 159 -27.13 20.71 -7.40
C PHE A 159 -25.81 20.71 -6.64
N ASN A 160 -24.79 20.03 -7.16
CA ASN A 160 -23.45 20.10 -6.58
C ASN A 160 -22.90 21.52 -6.66
N LEU A 161 -22.96 22.14 -7.84
CA LEU A 161 -22.50 23.51 -8.00
C LEU A 161 -23.42 24.50 -7.29
N THR A 162 -24.70 24.16 -7.16
CA THR A 162 -25.61 25.03 -6.41
C THR A 162 -25.30 25.02 -4.91
N LEU A 163 -24.94 23.85 -4.37
CA LEU A 163 -24.54 23.78 -2.97
C LEU A 163 -23.19 24.43 -2.73
N GLN A 164 -22.28 24.33 -3.70
CA GLN A 164 -21.00 25.03 -3.54
C GLN A 164 -21.13 26.53 -3.76
N GLY A 165 -22.19 26.99 -4.44
CA GLY A 165 -22.31 28.39 -4.75
C GLY A 165 -22.75 29.27 -3.59
N ASP A 166 -23.37 28.68 -2.58
CA ASP A 166 -23.90 29.47 -1.48
C ASP A 166 -23.37 29.00 -0.13
N VAL A 167 -22.05 28.83 -0.03
CA VAL A 167 -21.38 28.66 1.25
C VAL A 167 -20.81 29.97 1.75
N LYS A 168 -21.22 31.10 1.16
CA LYS A 168 -20.78 32.41 1.62
C LYS A 168 -21.42 32.82 2.93
N ARG A 169 -22.52 32.19 3.33
CA ARG A 169 -23.18 32.51 4.58
C ARG A 169 -22.45 32.00 5.81
N PHE A 170 -21.46 31.12 5.63
CA PHE A 170 -20.68 30.58 6.74
C PHE A 170 -19.32 31.26 6.86
N ARG A 171 -19.21 32.50 6.37
CA ARG A 171 -17.96 33.23 6.51
C ARG A 171 -17.77 33.70 7.94
N GLY A 172 -16.51 33.98 8.28
CA GLY A 172 -16.22 34.50 9.60
C GLY A 172 -16.70 35.92 9.77
N PHE A 173 -16.85 36.31 11.04
CA PHE A 173 -17.37 37.64 11.33
C PHE A 173 -16.30 38.70 11.11
N ASP A 174 -16.76 39.94 10.96
CA ASP A 174 -15.87 41.08 10.72
C ASP A 174 -15.63 41.89 11.99
N ASN A 175 -16.69 42.38 12.61
CA ASN A 175 -16.58 43.28 13.76
C ASN A 175 -16.76 42.56 15.09
N TRP A 176 -17.05 41.26 15.08
CA TRP A 176 -17.26 40.50 16.30
C TRP A 176 -16.00 39.71 16.62
N GLU A 177 -15.33 40.09 17.70
CA GLU A 177 -14.19 39.34 18.22
C GLU A 177 -14.47 38.98 19.67
N GLY A 178 -13.82 37.93 20.15
CA GLY A 178 -14.00 37.50 21.51
C GLY A 178 -13.83 36.00 21.62
N ASP A 179 -14.41 35.44 22.68
CA ASP A 179 -14.32 34.01 22.95
C ASP A 179 -15.54 33.25 22.47
N ALA A 180 -16.69 33.90 22.37
CA ALA A 180 -17.86 33.26 21.78
C ALA A 180 -17.84 33.35 20.26
N ALA A 181 -17.19 34.38 19.70
CA ALA A 181 -17.09 34.52 18.26
C ALA A 181 -16.24 33.42 17.65
N THR A 182 -15.21 32.96 18.37
CA THR A 182 -14.39 31.87 17.87
C THR A 182 -15.16 30.56 17.82
N ALA A 183 -15.99 30.30 18.84
CA ALA A 183 -16.81 29.09 18.84
C ALA A 183 -17.90 29.15 17.78
N CYS A 184 -18.49 30.33 17.57
CA CYS A 184 -19.50 30.46 16.52
C CYS A 184 -18.89 30.35 15.13
N GLU A 185 -17.67 30.86 14.94
CA GLU A 185 -16.98 30.67 13.68
C GLU A 185 -16.59 29.20 13.46
N ALA A 186 -16.25 28.50 14.54
CA ALA A 186 -15.97 27.07 14.42
C ALA A 186 -17.21 26.27 14.04
N SER A 187 -18.36 26.67 14.60
CA SER A 187 -19.62 25.99 14.24
C SER A 187 -20.01 26.28 12.80
N LEU A 188 -19.84 27.53 12.34
CA LEU A 188 -20.12 27.87 10.96
C LEU A 188 -19.17 27.17 10.00
N ASP A 189 -17.91 26.99 10.41
CA ASP A 189 -16.95 26.27 9.58
C ASP A 189 -17.29 24.78 9.50
N GLN A 190 -17.78 24.21 10.61
CA GLN A 190 -18.22 22.81 10.59
C GLN A 190 -19.42 22.62 9.66
N GLN A 191 -20.37 23.56 9.70
CA GLN A 191 -21.51 23.48 8.79
C GLN A 191 -21.09 23.66 7.34
N ARG A 192 -20.09 24.51 7.07
CA ARG A 192 -19.61 24.71 5.72
C ARG A 192 -18.91 23.46 5.18
N GLN A 193 -18.06 22.84 6.00
CA GLN A 193 -17.39 21.61 5.58
C GLN A 193 -18.39 20.46 5.38
N TRP A 194 -19.45 20.42 6.20
CA TRP A 194 -20.47 19.40 6.01
C TRP A 194 -21.25 19.62 4.72
N ILE A 195 -21.54 20.88 4.37
CA ILE A 195 -22.27 21.16 3.13
C ILE A 195 -21.41 20.85 1.91
N LEU A 196 -20.10 21.12 2.00
CA LEU A 196 -19.21 20.77 0.90
C LEU A 196 -19.08 19.25 0.75
N HIS A 197 -19.08 18.51 1.87
CA HIS A 197 -19.07 17.06 1.78
C HIS A 197 -20.37 16.51 1.19
N MET A 198 -21.50 17.15 1.50
CA MET A 198 -22.77 16.75 0.94
C MET A 198 -22.83 17.03 -0.57
N ALA A 199 -22.20 18.12 -1.01
CA ALA A 199 -22.11 18.40 -2.44
C ALA A 199 -21.22 17.39 -3.15
N LYS A 200 -20.15 16.95 -2.49
CA LYS A 200 -19.30 15.90 -3.03
C LYS A 200 -20.05 14.58 -3.16
N LEU A 201 -20.89 14.26 -2.18
CA LEU A 201 -21.71 13.06 -2.27
C LEU A 201 -22.78 13.16 -3.36
N SER A 202 -23.30 14.36 -3.60
CA SER A 202 -24.25 14.55 -4.70
C SER A 202 -23.57 14.32 -6.05
N ALA A 203 -22.33 14.81 -6.20
CA ALA A 203 -21.59 14.55 -7.43
C ALA A 203 -21.26 13.07 -7.59
N ALA A 204 -20.98 12.36 -6.49
CA ALA A 204 -20.73 10.93 -6.56
C ALA A 204 -21.98 10.14 -6.97
N MET A 205 -23.15 10.55 -6.48
CA MET A 205 -24.39 9.89 -6.88
C MET A 205 -24.72 10.15 -8.35
N ALA A 206 -24.44 11.36 -8.83
CA ALA A 206 -24.62 11.63 -10.25
C ALA A 206 -23.67 10.81 -11.11
N LYS A 207 -22.44 10.59 -10.63
CA LYS A 207 -21.50 9.74 -11.35
C LYS A 207 -21.96 8.28 -11.36
N GLN A 208 -22.58 7.82 -10.27
CA GLN A 208 -23.14 6.46 -10.26
C GLN A 208 -24.28 6.31 -11.28
N ALA A 209 -25.15 7.32 -11.39
CA ALA A 209 -26.24 7.25 -12.35
C ALA A 209 -25.72 7.27 -13.79
N GLN A 210 -24.71 8.11 -14.06
CA GLN A 210 -24.10 8.12 -15.39
C GLN A 210 -23.38 6.81 -15.69
N TYR A 211 -22.81 6.16 -14.68
CA TYR A 211 -22.15 4.88 -14.89
C TYR A 211 -23.15 3.78 -15.25
N VAL A 212 -24.32 3.79 -14.59
CA VAL A 212 -25.35 2.81 -14.94
C VAL A 212 -25.89 3.06 -16.34
N ALA A 213 -26.03 4.34 -16.73
CA ALA A 213 -26.50 4.65 -18.08
C ALA A 213 -25.50 4.22 -19.16
N GLN A 214 -24.21 4.48 -18.93
CA GLN A 214 -23.19 4.04 -19.87
C GLN A 214 -23.08 2.51 -19.94
N LEU A 215 -23.28 1.85 -18.80
CA LEU A 215 -23.28 0.39 -18.78
C LEU A 215 -24.44 -0.18 -19.58
N HIS A 216 -25.62 0.45 -19.50
CA HIS A 216 -26.74 -0.05 -20.30
C HIS A 216 -26.55 0.23 -21.78
N VAL A 217 -25.90 1.35 -22.13
CA VAL A 217 -25.59 1.63 -23.54
C VAL A 217 -24.63 0.58 -24.08
N TRP A 218 -23.62 0.21 -23.30
CA TRP A 218 -22.70 -0.85 -23.71
C TRP A 218 -23.41 -2.21 -23.79
N ALA A 219 -24.32 -2.48 -22.85
CA ALA A 219 -24.96 -3.79 -22.80
C ALA A 219 -26.03 -3.93 -23.88
N ARG A 220 -26.49 -2.82 -24.44
CA ARG A 220 -27.38 -2.92 -25.59
C ARG A 220 -26.60 -2.90 -26.89
N ARG A 221 -25.38 -2.33 -26.88
CA ARG A 221 -24.55 -2.42 -28.06
C ARG A 221 -23.99 -3.82 -28.26
N GLU A 222 -23.60 -4.50 -27.18
CA GLU A 222 -22.90 -5.77 -27.27
C GLU A 222 -23.82 -6.96 -27.44
N HIS A 223 -24.99 -6.92 -26.81
CA HIS A 223 -25.93 -8.04 -26.87
C HIS A 223 -26.51 -8.17 -28.27
N PRO A 224 -26.77 -9.40 -28.74
CA PRO A 224 -27.42 -9.56 -30.05
C PRO A 224 -28.85 -9.07 -30.02
N THR A 225 -29.26 -8.40 -31.11
CA THR A 225 -30.55 -7.74 -31.18
C THR A 225 -31.69 -8.75 -31.24
N TYR A 226 -32.89 -8.27 -30.92
CA TYR A 226 -34.07 -9.13 -30.88
C TYR A 226 -34.47 -9.60 -32.28
N GLU A 227 -34.39 -8.70 -33.26
CA GLU A 227 -34.84 -9.03 -34.61
C GLU A 227 -33.90 -10.02 -35.28
N ASP A 228 -32.61 -9.98 -34.92
CA ASP A 228 -31.67 -10.94 -35.48
C ASP A 228 -31.92 -12.35 -34.92
N ILE A 229 -32.28 -12.44 -33.64
CA ILE A 229 -32.61 -13.73 -33.05
C ILE A 229 -33.92 -14.27 -33.61
N VAL A 230 -34.89 -13.38 -33.84
CA VAL A 230 -36.15 -13.79 -34.47
C VAL A 230 -35.92 -14.26 -35.91
N GLY A 231 -35.06 -13.58 -36.66
CA GLY A 231 -34.71 -14.05 -38.00
C GLY A 231 -33.95 -15.35 -38.01
N LEU A 232 -33.05 -15.56 -37.05
CA LEU A 232 -32.34 -16.82 -36.94
C LEU A 232 -33.27 -17.97 -36.55
N GLU A 233 -34.31 -17.68 -35.77
CA GLU A 233 -35.29 -18.71 -35.43
C GLU A 233 -36.09 -19.15 -36.65
N ARG A 234 -36.48 -18.20 -37.51
CA ARG A 234 -37.16 -18.56 -38.74
C ARG A 234 -36.23 -19.27 -39.72
N LEU A 235 -34.95 -18.90 -39.73
CA LEU A 235 -33.98 -19.61 -40.55
C LEU A 235 -33.76 -21.04 -40.04
N TYR A 236 -33.87 -21.26 -38.73
CA TYR A 236 -33.80 -22.61 -38.18
C TYR A 236 -35.07 -23.40 -38.47
N ALA A 237 -36.22 -22.72 -38.51
CA ALA A 237 -37.48 -23.44 -38.67
C ALA A 237 -37.76 -23.80 -40.12
N GLU A 238 -37.36 -22.94 -41.06
CA GLU A 238 -37.73 -23.15 -42.46
C GLU A 238 -36.95 -24.25 -43.14
N ASN A 239 -35.69 -24.47 -42.77
CA ASN A 239 -34.84 -25.43 -43.46
C ASN A 239 -33.95 -26.14 -42.44
N PRO A 240 -34.28 -27.38 -42.07
CA PRO A 240 -33.40 -28.12 -41.15
C PRO A 240 -32.13 -28.65 -41.81
N SER A 241 -32.00 -28.54 -43.13
CA SER A 241 -30.80 -29.01 -43.83
C SER A 241 -29.55 -28.24 -43.43
N ALA A 242 -29.69 -27.00 -42.97
CA ALA A 242 -28.58 -26.22 -42.46
C ALA A 242 -28.49 -26.27 -40.93
N ARG A 243 -29.05 -27.30 -40.29
CA ARG A 243 -28.97 -27.41 -38.84
C ARG A 243 -27.55 -27.66 -38.33
N ASP A 244 -26.66 -28.17 -39.18
CA ASP A 244 -25.26 -28.28 -38.83
C ASP A 244 -24.46 -27.05 -39.23
N GLN A 245 -25.11 -25.99 -39.69
CA GLN A 245 -24.42 -24.80 -40.18
C GLN A 245 -24.70 -23.56 -39.34
N ILE A 246 -25.96 -23.26 -39.04
CA ILE A 246 -26.31 -22.08 -38.27
C ILE A 246 -26.26 -22.32 -36.77
N LEU A 247 -26.12 -23.57 -36.34
CA LEU A 247 -26.02 -23.88 -34.91
C LEU A 247 -24.70 -23.44 -34.27
N PRO A 248 -23.53 -23.46 -34.94
CA PRO A 248 -22.37 -22.77 -34.34
C PRO A 248 -22.55 -21.26 -34.23
N VAL A 249 -23.32 -20.64 -35.13
CA VAL A 249 -23.61 -19.22 -35.00
C VAL A 249 -24.47 -18.96 -33.77
N TYR A 250 -25.55 -19.75 -33.62
CA TYR A 250 -26.46 -19.61 -32.48
C TYR A 250 -25.74 -19.85 -31.16
N ALA A 251 -24.85 -20.84 -31.13
CA ALA A 251 -24.04 -21.09 -29.94
C ALA A 251 -23.19 -19.88 -29.59
N GLU A 252 -22.63 -19.20 -30.62
CA GLU A 252 -21.92 -17.96 -30.39
C GLU A 252 -22.85 -16.89 -29.84
N TYR A 253 -24.09 -16.83 -30.38
CA TYR A 253 -25.11 -15.93 -29.85
C TYR A 253 -25.44 -16.23 -28.41
N GLN A 254 -25.34 -17.50 -28.02
CA GLN A 254 -25.53 -17.84 -26.61
C GLN A 254 -24.39 -17.27 -25.78
N GLN A 255 -23.15 -17.50 -26.21
CA GLN A 255 -22.00 -17.21 -25.37
C GLN A 255 -21.82 -15.71 -25.16
N ARG A 256 -21.96 -14.95 -26.25
CA ARG A 256 -21.93 -13.49 -26.17
C ARG A 256 -23.04 -12.95 -25.28
N SER A 257 -24.23 -13.57 -25.34
CA SER A 257 -25.31 -13.14 -24.46
C SER A 257 -24.97 -13.43 -23.01
N GLU A 258 -24.32 -14.56 -22.75
CA GLU A 258 -23.89 -14.86 -21.39
C GLU A 258 -22.79 -13.92 -20.94
N LYS A 259 -22.01 -13.39 -21.89
CA LYS A 259 -21.02 -12.39 -21.52
C LYS A 259 -21.69 -11.08 -21.13
N VAL A 260 -22.82 -10.76 -21.75
CA VAL A 260 -23.45 -9.47 -21.49
C VAL A 260 -24.15 -9.47 -20.14
N LEU A 261 -25.01 -10.48 -19.91
CA LEU A 261 -25.83 -10.50 -18.71
C LEU A 261 -25.01 -10.70 -17.45
N THR A 262 -23.94 -11.52 -17.53
CA THR A 262 -23.00 -11.64 -16.43
C THR A 262 -22.33 -10.30 -16.14
N GLU A 263 -22.00 -9.54 -17.19
CA GLU A 263 -21.44 -8.21 -16.96
C GLU A 263 -22.49 -7.25 -16.43
N TYR A 264 -23.78 -7.52 -16.67
CA TYR A 264 -24.80 -6.62 -16.16
C TYR A 264 -25.07 -6.89 -14.69
N ASN A 265 -25.09 -8.16 -14.29
CA ASN A 265 -25.31 -8.47 -12.88
C ASN A 265 -24.10 -8.15 -12.02
N ASN A 266 -22.91 -8.05 -12.60
CA ASN A 266 -21.73 -7.72 -11.82
C ASN A 266 -21.47 -6.23 -11.73
N LYS A 267 -21.70 -5.47 -12.80
CA LYS A 267 -21.33 -4.06 -12.81
C LYS A 267 -22.45 -3.12 -12.38
N ALA A 268 -23.71 -3.52 -12.49
CA ALA A 268 -24.82 -2.67 -12.10
C ALA A 268 -25.25 -2.90 -10.65
N ALA A 269 -24.33 -3.32 -9.79
CA ALA A 269 -24.61 -3.46 -8.36
C ALA A 269 -24.00 -2.25 -7.66
N LEU A 270 -24.83 -1.26 -7.37
CA LEU A 270 -24.37 -0.01 -6.81
C LEU A 270 -24.21 -0.10 -5.30
N GLU A 271 -23.20 0.58 -4.77
CA GLU A 271 -23.17 0.66 -3.32
C GLU A 271 -23.98 1.88 -2.86
N PRO A 272 -24.63 1.82 -1.70
CA PRO A 272 -25.44 2.96 -1.27
C PRO A 272 -24.59 4.13 -0.84
N VAL A 273 -25.17 5.32 -0.96
CA VAL A 273 -24.52 6.56 -0.54
C VAL A 273 -25.19 7.00 0.75
N ASN A 274 -24.60 6.62 1.88
CA ASN A 274 -25.13 7.04 3.16
C ASN A 274 -24.40 8.29 3.61
N PRO A 275 -25.07 9.42 3.75
CA PRO A 275 -24.39 10.65 4.14
C PRO A 275 -24.20 10.71 5.64
N PRO A 276 -23.24 11.49 6.12
CA PRO A 276 -23.14 11.71 7.57
C PRO A 276 -24.21 12.68 8.02
N LYS A 277 -24.71 12.46 9.24
CA LYS A 277 -25.67 13.36 9.81
C LYS A 277 -24.99 14.71 10.11
N PRO A 278 -25.73 15.82 10.01
CA PRO A 278 -25.11 17.14 10.18
C PRO A 278 -24.59 17.34 11.58
N PRO A 279 -23.46 18.03 11.73
CA PRO A 279 -22.88 18.22 13.06
C PRO A 279 -23.73 19.13 13.91
N PRO A 280 -23.80 18.88 15.22
CA PRO A 280 -24.70 19.66 16.07
C PRO A 280 -24.21 21.08 16.24
N ALA A 281 -25.14 22.03 16.14
CA ALA A 281 -24.82 23.43 16.34
C ALA A 281 -24.49 23.69 17.79
N ILE A 282 -23.73 24.77 18.02
CA ILE A 282 -23.41 25.18 19.38
C ILE A 282 -24.68 25.68 20.05
N LYS A 283 -24.86 25.34 21.33
CA LYS A 283 -26.02 25.76 22.09
C LYS A 283 -25.60 26.84 23.06
N ILE A 284 -25.93 28.09 22.74
CA ILE A 284 -25.69 29.22 23.63
C ILE A 284 -27.03 29.58 24.26
N ASP A 285 -27.12 29.40 25.58
CA ASP A 285 -28.35 29.65 26.29
C ASP A 285 -28.62 31.16 26.36
N PRO A 286 -29.89 31.56 26.45
CA PRO A 286 -30.19 32.99 26.62
C PRO A 286 -29.72 33.49 27.96
N PRO A 287 -29.38 34.78 28.08
CA PRO A 287 -28.88 35.28 29.35
C PRO A 287 -29.99 35.40 30.37
N PRO A 288 -29.68 35.25 31.66
CA PRO A 288 -30.73 35.37 32.68
C PRO A 288 -31.12 36.83 32.87
N PRO A 289 -32.39 37.09 33.19
CA PRO A 289 -32.81 38.48 33.42
C PRO A 289 -32.31 38.98 34.77
N PRO A 290 -31.60 40.13 34.79
CA PRO A 290 -31.09 40.68 36.05
C PRO A 290 -32.18 41.30 36.91
N THR B 8 19.03 44.74 24.35
CA THR B 8 18.27 43.54 24.64
C THR B 8 17.17 43.33 23.59
N VAL B 9 16.20 44.24 23.56
CA VAL B 9 15.08 44.20 22.64
C VAL B 9 15.00 45.53 21.92
N ASP B 10 15.05 45.50 20.59
CA ASP B 10 14.97 46.70 19.77
C ASP B 10 13.53 46.81 19.25
N GLN B 11 12.81 47.83 19.72
CA GLN B 11 11.41 48.00 19.37
C GLN B 11 11.21 48.49 17.94
N GLN B 12 12.22 49.16 17.36
CA GLN B 12 12.07 49.64 15.99
C GLN B 12 12.05 48.51 14.99
N GLU B 13 12.77 47.42 15.28
CA GLU B 13 12.67 46.21 14.46
C GLU B 13 11.27 45.61 14.53
N ILE B 14 10.65 45.66 15.72
CA ILE B 14 9.29 45.13 15.87
C ILE B 14 8.29 45.98 15.11
N LEU B 15 8.45 47.31 15.14
CA LEU B 15 7.54 48.18 14.40
C LEU B 15 7.72 48.03 12.89
N ASN B 16 8.98 47.88 12.43
CA ASN B 16 9.23 47.67 11.02
C ASN B 16 8.70 46.31 10.54
N ARG B 17 8.81 45.28 11.38
CA ARG B 17 8.28 43.97 11.02
C ARG B 17 6.76 43.97 11.01
N ALA B 18 6.14 44.72 11.91
CA ALA B 18 4.67 44.84 11.88
C ALA B 18 4.20 45.58 10.64
N ASN B 19 4.88 46.67 10.28
CA ASN B 19 4.51 47.40 9.07
C ASN B 19 4.87 46.65 7.80
N GLU B 20 5.77 45.67 7.86
CA GLU B 20 6.04 44.84 6.69
C GLU B 20 5.06 43.68 6.57
N VAL B 21 4.62 43.12 7.70
CA VAL B 21 3.61 42.07 7.68
C VAL B 21 2.27 42.63 7.22
N GLU B 22 1.93 43.84 7.68
CA GLU B 22 0.66 44.45 7.28
C GLU B 22 0.62 44.92 5.83
N ALA B 23 1.77 44.95 5.15
CA ALA B 23 1.83 45.45 3.78
C ALA B 23 1.10 44.50 2.83
N PRO B 24 0.38 45.02 1.84
CA PRO B 24 -0.45 44.15 1.00
C PRO B 24 0.37 43.34 0.00
N MET B 25 -0.06 42.11 -0.23
CA MET B 25 0.55 41.27 -1.24
C MET B 25 -0.07 41.58 -2.61
N ALA B 26 0.30 40.79 -3.61
CA ALA B 26 -0.25 40.98 -4.93
C ALA B 26 -1.68 40.46 -5.00
N ASP B 27 -2.49 41.08 -5.85
CA ASP B 27 -3.86 40.65 -6.01
C ASP B 27 -3.94 39.37 -6.83
N PRO B 28 -4.87 38.47 -6.50
CA PRO B 28 -5.08 37.31 -7.35
C PRO B 28 -5.68 37.72 -8.68
N PRO B 29 -5.47 36.93 -9.74
CA PRO B 29 -5.98 37.32 -11.06
C PRO B 29 -7.49 37.22 -11.14
N THR B 30 -8.07 38.05 -12.00
CA THR B 30 -9.52 38.16 -12.15
C THR B 30 -9.99 37.68 -13.51
N ASP B 31 -9.31 36.70 -14.09
CA ASP B 31 -9.75 36.13 -15.35
C ASP B 31 -10.95 35.22 -15.11
N VAL B 32 -11.90 35.25 -16.05
CA VAL B 32 -13.13 34.48 -15.95
C VAL B 32 -13.04 33.32 -16.93
N PRO B 33 -12.99 32.07 -16.47
CA PRO B 33 -12.87 30.93 -17.38
C PRO B 33 -14.18 30.63 -18.09
N ILE B 34 -14.25 30.97 -19.37
CA ILE B 34 -15.42 30.69 -20.18
C ILE B 34 -15.38 29.21 -20.58
N THR B 35 -16.54 28.70 -21.00
CA THR B 35 -16.65 27.29 -21.32
C THR B 35 -15.95 26.99 -22.65
N PRO B 36 -15.35 25.81 -22.80
CA PRO B 36 -14.74 25.45 -24.08
C PRO B 36 -15.73 25.22 -25.19
N CYS B 37 -16.91 24.69 -24.90
CA CYS B 37 -17.94 24.44 -25.90
C CYS B 37 -19.29 24.61 -25.24
N GLU B 38 -20.35 24.14 -25.89
CA GLU B 38 -21.69 24.25 -25.37
C GLU B 38 -22.21 22.95 -24.75
N LEU B 39 -21.33 21.99 -24.51
CA LEU B 39 -21.74 20.78 -23.82
C LEU B 39 -22.01 21.09 -22.35
N THR B 40 -22.76 20.20 -21.70
CA THR B 40 -23.13 20.44 -20.30
C THR B 40 -21.96 20.18 -19.37
N ALA B 41 -21.11 19.20 -19.70
CA ALA B 41 -19.95 18.90 -18.85
C ALA B 41 -18.93 20.03 -18.90
N ALA B 42 -18.77 20.66 -20.05
CA ALA B 42 -17.82 21.77 -20.16
C ALA B 42 -18.32 23.00 -19.42
N LYS B 43 -19.64 23.25 -19.48
CA LYS B 43 -20.20 24.38 -18.74
C LYS B 43 -20.15 24.15 -17.24
N ASN B 44 -20.35 22.89 -16.81
CA ASN B 44 -20.22 22.59 -15.38
C ASN B 44 -18.77 22.69 -14.91
N ALA B 45 -17.81 22.32 -15.77
CA ALA B 45 -16.40 22.47 -15.41
C ALA B 45 -15.99 23.93 -15.33
N ALA B 46 -16.50 24.76 -16.24
CA ALA B 46 -16.19 26.19 -16.19
C ALA B 46 -16.82 26.86 -14.98
N GLN B 47 -18.05 26.48 -14.63
CA GLN B 47 -18.67 27.03 -13.43
C GLN B 47 -17.97 26.54 -12.16
N GLN B 48 -17.44 25.31 -12.18
CA GLN B 48 -16.67 24.81 -11.04
C GLN B 48 -15.37 25.59 -10.88
N LEU B 49 -14.73 25.96 -11.99
CA LEU B 49 -13.51 26.76 -11.92
C LEU B 49 -13.80 28.18 -11.43
N VAL B 50 -14.94 28.74 -11.84
CA VAL B 50 -15.34 30.07 -11.35
C VAL B 50 -15.58 30.04 -9.85
N LEU B 51 -16.27 29.00 -9.36
CA LEU B 51 -16.55 28.90 -7.94
C LEU B 51 -15.28 28.65 -7.12
N SER B 52 -14.35 27.85 -7.66
CA SER B 52 -13.09 27.63 -6.97
C SER B 52 -12.24 28.90 -6.91
N ALA B 53 -12.26 29.70 -7.98
CA ALA B 53 -11.53 30.97 -7.97
C ALA B 53 -12.13 31.96 -6.98
N ASP B 54 -13.47 31.99 -6.88
CA ASP B 54 -14.12 32.87 -5.90
C ASP B 54 -13.83 32.44 -4.48
N ASN B 55 -13.81 31.12 -4.24
CA ASN B 55 -13.42 30.59 -2.93
C ASN B 55 -11.99 30.97 -2.56
N MET B 56 -11.09 30.88 -3.55
CA MET B 56 -9.68 31.21 -3.32
C MET B 56 -9.51 32.70 -3.00
N ARG B 57 -10.23 33.57 -3.71
CA ARG B 57 -10.12 35.00 -3.45
C ARG B 57 -10.70 35.38 -2.09
N GLU B 58 -11.80 34.71 -1.70
CA GLU B 58 -12.40 34.96 -0.38
C GLU B 58 -11.44 34.56 0.74
N TYR B 59 -10.79 33.39 0.60
CA TYR B 59 -9.87 32.97 1.66
C TYR B 59 -8.58 33.78 1.66
N LEU B 60 -8.19 34.34 0.50
CA LEU B 60 -7.03 35.23 0.51
C LEU B 60 -7.35 36.56 1.20
N ALA B 61 -8.58 37.05 1.05
CA ALA B 61 -8.99 38.24 1.80
C ALA B 61 -9.05 37.96 3.31
N ALA B 62 -9.52 36.76 3.67
CA ALA B 62 -9.52 36.38 5.09
C ALA B 62 -8.11 36.28 5.65
N GLY B 63 -7.18 35.78 4.86
CA GLY B 63 -5.78 35.76 5.28
C GLY B 63 -5.17 37.14 5.39
N ALA B 64 -5.61 38.08 4.55
CA ALA B 64 -5.16 39.46 4.69
C ALA B 64 -5.66 40.08 5.99
N LYS B 65 -6.90 39.77 6.39
CA LYS B 65 -7.40 40.24 7.69
C LYS B 65 -6.64 39.59 8.85
N GLU B 66 -6.26 38.32 8.71
CA GLU B 66 -5.47 37.67 9.76
C GLU B 66 -4.08 38.26 9.87
N ARG B 67 -3.47 38.64 8.74
CA ARG B 67 -2.18 39.31 8.78
C ARG B 67 -2.29 40.71 9.39
N GLN B 68 -3.43 41.38 9.19
CA GLN B 68 -3.66 42.67 9.85
C GLN B 68 -3.76 42.50 11.36
N ARG B 69 -4.46 41.46 11.82
CA ARG B 69 -4.52 41.19 13.27
C ARG B 69 -3.17 40.80 13.83
N LEU B 70 -2.35 40.07 13.07
CA LEU B 70 -1.01 39.72 13.52
C LEU B 70 -0.12 40.95 13.62
N ALA B 71 -0.29 41.91 12.70
CA ALA B 71 0.48 43.15 12.77
C ALA B 71 0.05 43.99 13.97
N THR B 72 -1.26 43.99 14.28
CA THR B 72 -1.73 44.66 15.50
C THR B 72 -1.15 44.01 16.76
N SER B 73 -1.06 42.68 16.78
CA SER B 73 -0.44 42.01 17.92
C SER B 73 1.05 42.28 18.02
N LEU B 74 1.76 42.40 16.89
CA LEU B 74 3.17 42.78 16.94
C LEU B 74 3.35 44.21 17.42
N ARG B 75 2.42 45.11 17.07
CA ARG B 75 2.48 46.47 17.59
C ARG B 75 2.21 46.51 19.10
N ASN B 76 1.32 45.64 19.59
CA ASN B 76 1.10 45.57 21.04
C ASN B 76 2.31 44.99 21.76
N ALA B 77 2.98 44.00 21.14
CA ALA B 77 4.20 43.46 21.73
C ALA B 77 5.34 44.47 21.73
N ALA B 78 5.36 45.36 20.73
CA ALA B 78 6.34 46.45 20.74
C ALA B 78 5.99 47.50 21.78
N LYS B 79 4.70 47.81 21.94
CA LYS B 79 4.23 48.78 22.91
C LYS B 79 4.38 48.30 24.34
N ALA B 80 4.51 46.98 24.54
CA ALA B 80 4.74 46.45 25.88
C ALA B 80 6.08 46.88 26.45
N TYR B 81 7.11 47.00 25.60
CA TYR B 81 8.43 47.38 26.10
C TYR B 81 8.51 48.88 26.38
N GLY B 82 8.35 49.70 25.33
CA GLY B 82 8.50 51.13 25.47
C GLY B 82 7.26 51.88 25.00
N GLU B 83 7.37 53.20 25.01
CA GLU B 83 6.25 54.05 24.68
C GLU B 83 6.25 54.37 23.19
N VAL B 84 5.31 53.79 22.46
CA VAL B 84 5.21 54.02 21.03
C VAL B 84 4.46 55.32 20.76
N ASP B 85 4.60 55.84 19.55
CA ASP B 85 3.90 57.05 19.13
C ASP B 85 2.41 56.77 18.95
N GLU B 127 -34.31 6.25 -40.73
CA GLU B 127 -33.70 5.42 -39.69
C GLU B 127 -32.33 5.93 -39.13
N PRO B 128 -31.43 6.53 -39.94
CA PRO B 128 -30.32 7.24 -39.31
C PRO B 128 -30.79 8.55 -38.68
N ASN B 129 -30.51 8.71 -37.39
CA ASN B 129 -30.81 9.95 -36.69
C ASN B 129 -29.60 10.88 -36.84
N PHE B 130 -29.51 11.50 -38.02
CA PHE B 130 -28.46 12.47 -38.30
C PHE B 130 -28.59 13.74 -37.47
N MET B 131 -29.80 14.04 -37.01
CA MET B 131 -30.05 15.28 -36.27
C MET B 131 -29.32 15.29 -34.94
N ASP B 132 -29.37 14.17 -34.20
CA ASP B 132 -28.71 14.10 -32.90
C ASP B 132 -27.19 14.09 -33.05
N LEU B 133 -26.69 13.44 -34.10
CA LEU B 133 -25.24 13.37 -34.33
C LEU B 133 -24.68 14.73 -34.72
N LYS B 134 -25.33 15.41 -35.68
CA LYS B 134 -24.83 16.72 -36.06
C LYS B 134 -25.14 17.77 -35.00
N GLU B 135 -26.12 17.55 -34.13
CA GLU B 135 -26.33 18.44 -33.01
C GLU B 135 -25.24 18.29 -31.97
N ALA B 136 -24.80 17.05 -31.73
CA ALA B 136 -23.69 16.82 -30.80
C ALA B 136 -22.39 17.42 -31.34
N ALA B 137 -22.15 17.27 -32.65
CA ALA B 137 -20.96 17.88 -33.24
C ALA B 137 -21.01 19.40 -33.24
N ARG B 138 -22.19 19.98 -33.50
CA ARG B 138 -22.37 21.42 -33.51
C ARG B 138 -22.15 21.97 -32.10
N LYS B 139 -22.77 21.36 -31.08
CA LYS B 139 -22.58 21.73 -29.69
C LYS B 139 -21.12 21.58 -29.24
N LEU B 140 -20.43 20.58 -29.77
CA LEU B 140 -19.04 20.39 -29.43
C LEU B 140 -18.12 21.42 -30.07
N GLU B 141 -18.51 22.04 -31.19
CA GLU B 141 -17.62 22.97 -31.85
C GLU B 141 -17.98 24.45 -31.69
N THR B 142 -19.08 24.79 -31.03
CA THR B 142 -19.51 26.20 -30.99
C THR B 142 -18.97 26.94 -29.77
N GLY B 143 -17.68 26.85 -29.51
CA GLY B 143 -17.18 27.48 -28.30
C GLY B 143 -15.87 28.23 -28.44
N ASP B 144 -15.29 28.59 -27.30
CA ASP B 144 -14.01 29.29 -27.24
C ASP B 144 -12.82 28.36 -27.46
N GLN B 145 -13.06 27.04 -27.54
CA GLN B 145 -12.05 26.02 -27.81
C GLN B 145 -10.93 26.00 -26.78
N GLY B 146 -11.24 26.39 -25.54
CA GLY B 146 -10.24 26.37 -24.49
C GLY B 146 -9.22 27.47 -24.57
N ALA B 147 -9.55 28.60 -25.21
CA ALA B 147 -8.63 29.72 -25.27
C ALA B 147 -8.70 30.60 -24.04
N SER B 148 -9.77 30.49 -23.25
CA SER B 148 -9.88 31.23 -22.00
C SER B 148 -9.46 30.40 -20.79
N LEU B 149 -9.38 29.08 -20.93
CA LEU B 149 -8.84 28.25 -19.87
C LEU B 149 -7.32 28.33 -19.82
N ALA B 150 -6.67 28.44 -20.98
CA ALA B 150 -5.22 28.57 -21.02
C ALA B 150 -4.75 29.97 -20.62
N HIS B 151 -5.65 30.93 -20.53
CA HIS B 151 -5.33 32.24 -19.99
C HIS B 151 -5.71 32.35 -18.51
N PHE B 152 -6.65 31.53 -18.05
CA PHE B 152 -6.94 31.39 -16.64
C PHE B 152 -5.79 30.66 -15.93
N ALA B 153 -5.33 29.57 -16.53
CA ALA B 153 -4.29 28.74 -15.91
C ALA B 153 -2.95 29.45 -15.88
N ASP B 154 -2.64 30.27 -16.88
CA ASP B 154 -1.39 31.01 -16.87
C ASP B 154 -1.37 32.05 -15.76
N GLY B 155 -2.51 32.72 -15.54
CA GLY B 155 -2.60 33.68 -14.45
C GLY B 155 -2.52 33.01 -13.08
N TRP B 156 -3.23 31.91 -12.89
CA TRP B 156 -3.17 31.24 -11.60
C TRP B 156 -1.90 30.41 -11.41
N ASN B 157 -1.10 30.22 -12.45
CA ASN B 157 0.22 29.63 -12.28
C ASN B 157 1.28 30.67 -12.02
N THR B 158 1.13 31.88 -12.58
CA THR B 158 2.04 32.97 -12.22
C THR B 158 1.76 33.46 -10.81
N PHE B 159 0.50 33.38 -10.35
CA PHE B 159 0.19 33.76 -8.98
C PHE B 159 0.77 32.79 -7.96
N ASN B 160 1.01 31.54 -8.35
CA ASN B 160 1.71 30.59 -7.49
C ASN B 160 3.12 31.06 -7.17
N LEU B 161 3.88 31.44 -8.21
CA LEU B 161 5.23 31.95 -8.01
C LEU B 161 5.23 33.33 -7.36
N THR B 162 4.16 34.11 -7.58
CA THR B 162 4.07 35.40 -6.91
C THR B 162 3.81 35.24 -5.42
N LEU B 163 3.00 34.25 -5.02
CA LEU B 163 2.79 34.00 -3.60
C LEU B 163 4.02 33.38 -2.95
N GLN B 164 4.77 32.56 -3.69
CA GLN B 164 6.01 32.03 -3.13
C GLN B 164 7.12 33.06 -3.09
N GLY B 165 7.02 34.13 -3.90
CA GLY B 165 8.10 35.10 -3.96
C GLY B 165 8.16 36.06 -2.80
N ASP B 166 7.05 36.23 -2.07
CA ASP B 166 7.01 37.21 -0.99
C ASP B 166 6.60 36.57 0.33
N VAL B 167 7.23 35.46 0.68
CA VAL B 167 7.14 34.92 2.03
C VAL B 167 8.34 35.34 2.88
N LYS B 168 9.10 36.34 2.43
CA LYS B 168 10.21 36.86 3.20
C LYS B 168 9.77 37.70 4.39
N ARG B 169 8.53 38.15 4.42
CA ARG B 169 8.01 38.95 5.52
C ARG B 169 7.72 38.13 6.76
N PHE B 170 7.70 36.80 6.66
CA PHE B 170 7.45 35.92 7.80
C PHE B 170 8.74 35.31 8.34
N ARG B 171 9.87 35.99 8.13
CA ARG B 171 11.13 35.51 8.66
C ARG B 171 11.19 35.73 10.17
N GLY B 172 12.06 34.97 10.83
CA GLY B 172 12.25 35.14 12.25
C GLY B 172 12.98 36.44 12.57
N PHE B 173 12.82 36.88 13.81
CA PHE B 173 13.43 38.14 14.23
C PHE B 173 14.92 37.98 14.44
N ASP B 174 15.63 39.11 14.42
CA ASP B 174 17.07 39.14 14.60
C ASP B 174 17.47 39.55 16.01
N ASN B 175 17.03 40.71 16.47
CA ASN B 175 17.44 41.26 17.74
C ASN B 175 16.42 41.02 18.85
N TRP B 176 15.27 40.42 18.53
CA TRP B 176 14.23 40.17 19.53
C TRP B 176 14.31 38.71 19.97
N GLU B 177 14.68 38.50 21.23
CA GLU B 177 14.65 37.18 21.84
C GLU B 177 13.81 37.25 23.10
N GLY B 178 13.27 36.12 23.50
CA GLY B 178 12.45 36.06 24.70
C GLY B 178 11.40 34.98 24.57
N ASP B 179 10.34 35.14 25.35
CA ASP B 179 9.25 34.17 25.37
C ASP B 179 8.08 34.59 24.51
N ALA B 180 7.90 35.89 24.26
CA ALA B 180 6.90 36.35 23.31
C ALA B 180 7.40 36.31 21.88
N ALA B 181 8.72 36.43 21.69
CA ALA B 181 9.30 36.35 20.36
C ALA B 181 9.15 34.96 19.76
N THR B 182 9.21 33.91 20.59
CA THR B 182 9.03 32.55 20.10
C THR B 182 7.60 32.32 19.64
N ALA B 183 6.62 32.86 20.38
CA ALA B 183 5.23 32.71 19.98
C ALA B 183 4.91 33.53 18.73
N CYS B 184 5.51 34.72 18.61
CA CYS B 184 5.29 35.52 17.41
C CYS B 184 5.98 34.90 16.19
N GLU B 185 7.15 34.28 16.38
CA GLU B 185 7.77 33.53 15.28
C GLU B 185 6.97 32.30 14.90
N ALA B 186 6.33 31.65 15.87
CA ALA B 186 5.46 30.51 15.56
C ALA B 186 4.24 30.96 14.78
N SER B 187 3.68 32.12 15.12
CA SER B 187 2.53 32.64 14.37
C SER B 187 2.92 33.03 12.96
N LEU B 188 4.08 33.67 12.80
CA LEU B 188 4.56 34.03 11.47
C LEU B 188 4.88 32.78 10.64
N ASP B 189 5.38 31.72 11.27
CA ASP B 189 5.64 30.48 10.56
C ASP B 189 4.35 29.79 10.15
N GLN B 190 3.31 29.87 10.99
CA GLN B 190 2.01 29.32 10.62
C GLN B 190 1.41 30.06 9.43
N GLN B 191 1.54 31.39 9.42
CA GLN B 191 1.05 32.17 8.28
C GLN B 191 1.84 31.87 7.01
N ARG B 192 3.15 31.63 7.15
CA ARG B 192 3.97 31.30 5.99
C ARG B 192 3.62 29.94 5.41
N GLN B 193 3.42 28.94 6.27
CA GLN B 193 3.01 27.61 5.78
C GLN B 193 1.62 27.64 5.17
N TRP B 194 0.72 28.47 5.70
CA TRP B 194 -0.60 28.60 5.10
C TRP B 194 -0.54 29.27 3.73
N ILE B 195 0.33 30.28 3.57
CA ILE B 195 0.46 30.94 2.28
C ILE B 195 1.08 30.01 1.24
N LEU B 196 2.04 29.18 1.67
CA LEU B 196 2.62 28.20 0.75
C LEU B 196 1.61 27.12 0.36
N HIS B 197 0.74 26.73 1.29
CA HIS B 197 -0.32 25.79 0.96
C HIS B 197 -1.34 26.41 0.00
N MET B 198 -1.62 27.70 0.17
CA MET B 198 -2.53 28.39 -0.75
C MET B 198 -1.93 28.52 -2.15
N ALA B 199 -0.61 28.71 -2.23
CA ALA B 199 0.06 28.74 -3.53
C ALA B 199 0.03 27.36 -4.19
N LYS B 200 0.17 26.29 -3.39
CA LYS B 200 0.04 24.94 -3.92
C LYS B 200 -1.38 24.67 -4.45
N LEU B 201 -2.39 25.18 -3.75
CA LEU B 201 -3.76 25.04 -4.25
C LEU B 201 -4.01 25.86 -5.52
N SER B 202 -3.36 27.02 -5.65
CA SER B 202 -3.46 27.79 -6.88
C SER B 202 -2.85 27.05 -8.05
N ALA B 203 -1.70 26.39 -7.83
CA ALA B 203 -1.10 25.58 -8.89
C ALA B 203 -1.97 24.38 -9.25
N ALA B 204 -2.64 23.79 -8.25
CA ALA B 204 -3.55 22.67 -8.53
C ALA B 204 -4.76 23.11 -9.34
N MET B 205 -5.30 24.30 -9.06
CA MET B 205 -6.43 24.80 -9.84
C MET B 205 -6.02 25.14 -11.27
N ALA B 206 -4.80 25.66 -11.45
CA ALA B 206 -4.30 25.89 -12.80
C ALA B 206 -4.11 24.59 -13.56
N LYS B 207 -3.68 23.53 -12.87
CA LYS B 207 -3.55 22.22 -13.51
C LYS B 207 -4.91 21.65 -13.88
N GLN B 208 -5.95 21.89 -13.07
CA GLN B 208 -7.30 21.47 -13.43
C GLN B 208 -7.80 22.18 -14.68
N ALA B 209 -7.54 23.49 -14.78
CA ALA B 209 -7.97 24.23 -15.98
C ALA B 209 -7.24 23.76 -17.22
N GLN B 210 -5.93 23.49 -17.11
CA GLN B 210 -5.18 22.96 -18.24
C GLN B 210 -5.65 21.55 -18.61
N TYR B 211 -6.07 20.76 -17.63
CA TYR B 211 -6.58 19.42 -17.92
C TYR B 211 -7.90 19.47 -18.68
N VAL B 212 -8.78 20.41 -18.33
CA VAL B 212 -10.04 20.57 -19.06
C VAL B 212 -9.77 21.06 -20.48
N ALA B 213 -8.79 21.95 -20.65
CA ALA B 213 -8.45 22.44 -21.99
C ALA B 213 -7.87 21.33 -22.87
N GLN B 214 -6.98 20.51 -22.32
CA GLN B 214 -6.42 19.38 -23.08
C GLN B 214 -7.48 18.33 -23.39
N LEU B 215 -8.43 18.13 -22.47
CA LEU B 215 -9.52 17.20 -22.72
C LEU B 215 -10.42 17.69 -23.84
N HIS B 216 -10.67 19.00 -23.92
CA HIS B 216 -11.49 19.50 -25.02
C HIS B 216 -10.75 19.44 -26.34
N VAL B 217 -9.42 19.63 -26.33
CA VAL B 217 -8.63 19.49 -27.56
C VAL B 217 -8.69 18.05 -28.06
N TRP B 218 -8.58 17.08 -27.15
CA TRP B 218 -8.71 15.68 -27.53
C TRP B 218 -10.13 15.36 -28.01
N ALA B 219 -11.14 15.93 -27.37
CA ALA B 219 -12.52 15.60 -27.70
C ALA B 219 -12.97 16.26 -29.00
N ARG B 220 -12.24 17.29 -29.43
CA ARG B 220 -12.53 17.84 -30.75
C ARG B 220 -11.67 17.19 -31.82
N ARG B 221 -10.54 16.61 -31.44
CA ARG B 221 -9.76 15.84 -32.40
C ARG B 221 -10.42 14.50 -32.72
N GLU B 222 -11.00 13.85 -31.71
CA GLU B 222 -11.50 12.49 -31.87
C GLU B 222 -12.91 12.43 -32.47
N HIS B 223 -13.76 13.39 -32.12
CA HIS B 223 -15.14 13.39 -32.59
C HIS B 223 -15.19 13.68 -34.08
N PRO B 224 -16.13 13.07 -34.82
CA PRO B 224 -16.27 13.39 -36.24
C PRO B 224 -16.77 14.82 -36.45
N THR B 225 -16.20 15.48 -37.46
CA THR B 225 -16.46 16.89 -37.69
C THR B 225 -17.89 17.12 -38.18
N TYR B 226 -18.33 18.37 -38.07
CA TYR B 226 -19.70 18.72 -38.46
C TYR B 226 -19.89 18.65 -39.96
N GLU B 227 -18.88 19.11 -40.73
CA GLU B 227 -19.02 19.16 -42.18
C GLU B 227 -19.01 17.77 -42.79
N ASP B 228 -18.31 16.82 -42.15
CA ASP B 228 -18.32 15.45 -42.65
C ASP B 228 -19.66 14.79 -42.42
N ILE B 229 -20.32 15.09 -41.30
CA ILE B 229 -21.65 14.54 -41.03
C ILE B 229 -22.68 15.18 -41.96
N VAL B 230 -22.54 16.48 -42.24
CA VAL B 230 -23.41 17.15 -43.21
C VAL B 230 -23.22 16.60 -44.61
N GLY B 231 -21.98 16.32 -45.02
CA GLY B 231 -21.76 15.68 -46.31
C GLY B 231 -22.27 14.25 -46.39
N LEU B 232 -22.15 13.49 -45.31
CA LEU B 232 -22.71 12.14 -45.27
C LEU B 232 -24.23 12.15 -45.31
N GLU B 233 -24.87 13.18 -44.75
CA GLU B 233 -26.31 13.31 -44.83
C GLU B 233 -26.78 13.58 -46.25
N ARG B 234 -26.05 14.42 -46.99
CA ARG B 234 -26.39 14.65 -48.40
C ARG B 234 -26.07 13.42 -49.24
N LEU B 235 -25.04 12.67 -48.89
CA LEU B 235 -24.76 11.41 -49.60
C LEU B 235 -25.85 10.38 -49.33
N TYR B 236 -26.44 10.39 -48.13
CA TYR B 236 -27.57 9.52 -47.84
C TYR B 236 -28.83 9.98 -48.53
N ALA B 237 -29.02 11.29 -48.71
CA ALA B 237 -30.26 11.79 -49.28
C ALA B 237 -30.29 11.69 -50.80
N GLU B 238 -29.14 11.87 -51.46
CA GLU B 238 -29.12 11.95 -52.91
C GLU B 238 -29.29 10.59 -53.59
N ASN B 239 -28.80 9.51 -52.99
CA ASN B 239 -28.81 8.20 -53.63
C ASN B 239 -29.10 7.13 -52.59
N PRO B 240 -30.34 6.62 -52.54
CA PRO B 240 -30.63 5.53 -51.60
C PRO B 240 -30.07 4.18 -52.03
N SER B 241 -29.54 4.07 -53.25
CA SER B 241 -28.98 2.80 -53.74
C SER B 241 -27.77 2.35 -52.93
N ALA B 242 -27.05 3.28 -52.30
CA ALA B 242 -25.95 2.94 -51.41
C ALA B 242 -26.35 2.94 -49.94
N ARG B 243 -27.65 2.75 -49.65
CA ARG B 243 -28.10 2.71 -48.25
C ARG B 243 -27.57 1.49 -47.50
N ASP B 244 -27.19 0.43 -48.21
CA ASP B 244 -26.53 -0.70 -47.57
C ASP B 244 -25.01 -0.56 -47.55
N GLN B 245 -24.48 0.59 -47.95
CA GLN B 245 -23.04 0.79 -48.04
C GLN B 245 -22.51 1.84 -47.07
N ILE B 246 -23.13 3.02 -47.03
CA ILE B 246 -22.66 4.08 -46.14
C ILE B 246 -23.24 3.98 -44.74
N LEU B 247 -24.23 3.11 -44.52
CA LEU B 247 -24.80 2.91 -43.20
C LEU B 247 -23.86 2.21 -42.20
N PRO B 248 -22.98 1.26 -42.59
CA PRO B 248 -21.94 0.85 -41.63
C PRO B 248 -20.95 1.95 -41.28
N VAL B 249 -20.69 2.88 -42.20
CA VAL B 249 -19.84 4.03 -41.89
C VAL B 249 -20.51 4.92 -40.86
N TYR B 250 -21.79 5.26 -41.10
CA TYR B 250 -22.55 6.12 -40.19
C TYR B 250 -22.66 5.49 -38.80
N ALA B 251 -22.89 4.17 -38.75
CA ALA B 251 -22.92 3.46 -37.48
C ALA B 251 -21.60 3.60 -36.73
N GLU B 252 -20.49 3.54 -37.48
CA GLU B 252 -19.19 3.80 -36.87
C GLU B 252 -19.10 5.23 -36.35
N TYR B 253 -19.64 6.19 -37.13
CA TYR B 253 -19.71 7.58 -36.71
C TYR B 253 -20.55 7.72 -35.45
N GLN B 254 -21.56 6.86 -35.27
CA GLN B 254 -22.32 6.87 -34.04
C GLN B 254 -21.44 6.42 -32.88
N GLN B 255 -20.75 5.28 -33.05
CA GLN B 255 -20.09 4.63 -31.94
C GLN B 255 -18.93 5.46 -31.43
N ARG B 256 -18.13 5.99 -32.36
CA ARG B 256 -17.03 6.90 -32.02
C ARG B 256 -17.55 8.14 -31.31
N SER B 257 -18.71 8.66 -31.75
CA SER B 257 -19.28 9.82 -31.07
C SER B 257 -19.70 9.46 -29.66
N GLU B 258 -20.24 8.25 -29.47
CA GLU B 258 -20.59 7.82 -28.12
C GLU B 258 -19.35 7.59 -27.28
N LYS B 259 -18.22 7.28 -27.92
CA LYS B 259 -16.98 7.17 -27.16
C LYS B 259 -16.50 8.54 -26.70
N VAL B 260 -16.76 9.58 -27.48
CA VAL B 260 -16.24 10.91 -27.14
C VAL B 260 -17.05 11.52 -26.01
N LEU B 261 -18.38 11.55 -26.16
CA LEU B 261 -19.23 12.24 -25.21
C LEU B 261 -19.24 11.55 -23.85
N THR B 262 -19.20 10.21 -23.84
CA THR B 262 -19.04 9.47 -22.59
C THR B 262 -17.71 9.82 -21.93
N GLU B 263 -16.65 9.99 -22.71
CA GLU B 263 -15.39 10.42 -22.12
C GLU B 263 -15.44 11.89 -21.69
N TYR B 264 -16.35 12.68 -22.25
CA TYR B 264 -16.43 14.07 -21.82
C TYR B 264 -17.22 14.19 -20.52
N ASN B 265 -18.29 13.42 -20.37
CA ASN B 265 -19.06 13.48 -19.14
C ASN B 265 -18.33 12.81 -17.97
N ASN B 266 -17.38 11.92 -18.25
CA ASN B 266 -16.65 11.27 -17.18
C ASN B 266 -15.39 12.02 -16.75
N LYS B 267 -14.67 12.62 -17.70
CA LYS B 267 -13.37 13.23 -17.38
C LYS B 267 -13.47 14.71 -17.04
N ALA B 268 -14.49 15.42 -17.50
CA ALA B 268 -14.63 16.84 -17.21
C ALA B 268 -15.47 17.11 -15.97
N ALA B 269 -15.48 16.19 -15.02
CA ALA B 269 -16.15 16.39 -13.73
C ALA B 269 -15.08 16.74 -12.71
N LEU B 270 -14.91 18.02 -12.44
CA LEU B 270 -13.85 18.50 -11.58
C LEU B 270 -14.26 18.41 -10.11
N GLU B 271 -13.30 18.09 -9.26
CA GLU B 271 -13.63 18.22 -7.84
C GLU B 271 -13.33 19.63 -7.37
N PRO B 272 -14.09 20.17 -6.41
CA PRO B 272 -13.85 21.54 -5.97
C PRO B 272 -12.57 21.66 -5.15
N VAL B 273 -11.99 22.85 -5.18
CA VAL B 273 -10.79 23.17 -4.41
C VAL B 273 -11.23 24.03 -3.24
N ASN B 274 -11.49 23.41 -2.10
CA ASN B 274 -11.85 24.17 -0.91
C ASN B 274 -10.60 24.42 -0.09
N PRO B 275 -10.20 25.67 0.11
CA PRO B 275 -8.98 25.95 0.85
C PRO B 275 -9.25 25.93 2.34
N PRO B 276 -8.22 25.71 3.15
CA PRO B 276 -8.40 25.85 4.60
C PRO B 276 -8.44 27.32 4.97
N LYS B 277 -9.25 27.64 5.98
CA LYS B 277 -9.32 29.00 6.48
C LYS B 277 -7.98 29.34 7.16
N PRO B 278 -7.57 30.61 7.11
CA PRO B 278 -6.25 30.99 7.64
C PRO B 278 -6.19 30.80 9.14
N PRO B 279 -5.03 30.38 9.68
CA PRO B 279 -4.93 30.13 11.11
C PRO B 279 -4.99 31.41 11.89
N PRO B 280 -5.58 31.39 13.09
CA PRO B 280 -5.78 32.62 13.84
C PRO B 280 -4.47 33.16 14.37
N ALA B 281 -4.29 34.48 14.24
CA ALA B 281 -3.10 35.13 14.75
C ALA B 281 -3.12 35.12 16.28
N ILE B 282 -1.93 35.25 16.86
CA ILE B 282 -1.81 35.34 18.30
C ILE B 282 -2.39 36.68 18.75
N LYS B 283 -3.10 36.67 19.87
CA LYS B 283 -3.70 37.88 20.41
C LYS B 283 -2.91 38.30 21.63
N ILE B 284 -2.10 39.33 21.49
CA ILE B 284 -1.34 39.91 22.58
C ILE B 284 -2.04 41.21 22.96
N ASP B 285 -2.61 41.24 24.17
CA ASP B 285 -3.36 42.40 24.62
C ASP B 285 -2.42 43.57 24.91
N PRO B 286 -2.90 44.80 24.79
CA PRO B 286 -2.05 45.95 25.12
C PRO B 286 -1.79 45.99 26.62
N PRO B 287 -0.64 46.55 27.04
CA PRO B 287 -0.32 46.56 28.46
C PRO B 287 -1.19 47.56 29.21
N PRO B 288 -1.48 47.31 30.48
CA PRO B 288 -2.31 48.25 31.24
C PRO B 288 -1.50 49.48 31.60
N PRO B 289 -2.14 50.64 31.67
CA PRO B 289 -1.43 51.87 32.05
C PRO B 289 -1.14 51.89 33.55
N PRO B 290 0.14 52.06 33.94
CA PRO B 290 0.51 52.10 35.35
C PRO B 290 0.08 53.38 36.04
N THR C 8 38.69 16.11 34.96
CA THR C 8 37.27 15.84 34.86
C THR C 8 36.67 16.48 33.61
N VAL C 9 36.69 17.81 33.56
CA VAL C 9 36.16 18.59 32.44
C VAL C 9 37.25 19.54 31.98
N ASP C 10 37.61 19.47 30.71
CA ASP C 10 38.62 20.34 30.11
C ASP C 10 37.90 21.45 29.36
N GLN C 11 38.02 22.68 29.86
CA GLN C 11 37.31 23.82 29.29
C GLN C 11 37.91 24.28 27.96
N GLN C 12 39.18 23.98 27.71
CA GLN C 12 39.80 24.40 26.46
C GLN C 12 39.25 23.63 25.28
N GLU C 13 38.87 22.36 25.49
CA GLU C 13 38.18 21.60 24.47
C GLU C 13 36.81 22.21 24.16
N ILE C 14 36.12 22.71 25.19
CA ILE C 14 34.82 23.34 24.98
C ILE C 14 34.97 24.64 24.20
N LEU C 15 36.00 25.43 24.51
CA LEU C 15 36.21 26.68 23.79
C LEU C 15 36.62 26.42 22.34
N ASN C 16 37.46 25.41 22.11
CA ASN C 16 37.85 25.05 20.74
C ASN C 16 36.67 24.50 19.94
N ARG C 17 35.80 23.72 20.58
CA ARG C 17 34.63 23.22 19.89
C ARG C 17 33.62 24.32 19.59
N ALA C 18 33.50 25.31 20.48
CA ALA C 18 32.64 26.45 20.19
C ALA C 18 33.19 27.28 19.04
N ASN C 19 34.50 27.53 19.02
CA ASN C 19 35.08 28.27 17.92
C ASN C 19 35.13 27.48 16.62
N GLU C 20 35.00 26.16 16.68
CA GLU C 20 34.91 25.38 15.46
C GLU C 20 33.48 25.29 14.94
N VAL C 21 32.49 25.25 15.84
CA VAL C 21 31.10 25.27 15.42
C VAL C 21 30.73 26.63 14.83
N GLU C 22 31.24 27.71 15.43
CA GLU C 22 30.95 29.04 14.91
C GLU C 22 31.65 29.36 13.59
N ALA C 23 32.60 28.54 13.16
CA ALA C 23 33.35 28.82 11.94
C ALA C 23 32.45 28.68 10.72
N PRO C 24 32.61 29.54 9.72
CA PRO C 24 31.68 29.54 8.59
C PRO C 24 31.90 28.38 7.64
N MET C 25 30.81 27.86 7.10
CA MET C 25 30.89 26.83 6.09
C MET C 25 31.07 27.47 4.71
N ALA C 26 31.02 26.64 3.68
CA ALA C 26 31.14 27.16 2.32
C ALA C 26 29.85 27.83 1.88
N ASP C 27 29.99 28.82 1.02
CA ASP C 27 28.82 29.55 0.54
C ASP C 27 28.08 28.70 -0.50
N PRO C 28 26.75 28.78 -0.53
CA PRO C 28 26.02 28.12 -1.61
C PRO C 28 26.27 28.82 -2.92
N PRO C 29 26.13 28.11 -4.05
CA PRO C 29 26.42 28.73 -5.35
C PRO C 29 25.37 29.76 -5.74
N THR C 30 25.81 30.74 -6.53
CA THR C 30 24.99 31.87 -6.92
C THR C 30 24.68 31.87 -8.42
N ASP C 31 24.60 30.69 -9.02
CA ASP C 31 24.23 30.59 -10.43
C ASP C 31 22.75 30.86 -10.60
N VAL C 32 22.39 31.56 -11.67
CA VAL C 32 21.01 31.93 -11.96
C VAL C 32 20.52 31.05 -13.10
N PRO C 33 19.55 30.17 -12.87
CA PRO C 33 19.07 29.29 -13.94
C PRO C 33 18.17 30.02 -14.93
N ILE C 34 18.71 30.28 -16.12
CA ILE C 34 17.96 30.93 -17.18
C ILE C 34 17.04 29.89 -17.83
N THR C 35 16.04 30.38 -18.54
CA THR C 35 15.05 29.49 -19.14
C THR C 35 15.64 28.76 -20.34
N PRO C 36 15.24 27.51 -20.59
CA PRO C 36 15.74 26.80 -21.77
C PRO C 36 15.21 27.35 -23.08
N CYS C 37 13.99 27.86 -23.11
CA CYS C 37 13.41 28.42 -24.32
C CYS C 37 12.47 29.54 -23.91
N GLU C 38 11.61 29.97 -24.83
CA GLU C 38 10.66 31.03 -24.55
C GLU C 38 9.25 30.54 -24.31
N LEU C 39 9.08 29.23 -24.09
CA LEU C 39 7.77 28.72 -23.71
C LEU C 39 7.43 29.14 -22.29
N THR C 40 6.12 29.11 -21.97
CA THR C 40 5.68 29.55 -20.66
C THR C 40 6.03 28.53 -19.58
N ALA C 41 5.99 27.24 -19.91
CA ALA C 41 6.31 26.20 -18.93
C ALA C 41 7.78 26.22 -18.57
N ALA C 42 8.65 26.52 -19.53
CA ALA C 42 10.08 26.59 -19.25
C ALA C 42 10.42 27.82 -18.41
N LYS C 43 9.75 28.95 -18.67
CA LYS C 43 9.98 30.14 -17.87
C LYS C 43 9.45 29.96 -16.45
N ASN C 44 8.33 29.25 -16.30
CA ASN C 44 7.82 28.98 -14.95
C ASN C 44 8.71 27.99 -14.21
N ALA C 45 9.30 27.03 -14.92
CA ALA C 45 10.24 26.11 -14.27
C ALA C 45 11.52 26.82 -13.85
N ALA C 46 12.02 27.74 -14.67
CA ALA C 46 13.21 28.48 -14.30
C ALA C 46 12.95 29.42 -13.13
N GLN C 47 11.78 30.07 -13.11
CA GLN C 47 11.45 30.90 -11.96
C GLN C 47 11.23 30.09 -10.69
N GLN C 48 10.71 28.86 -10.83
CA GLN C 48 10.56 27.98 -9.68
C GLN C 48 11.93 27.56 -9.13
N LEU C 49 12.89 27.33 -10.02
CA LEU C 49 14.24 26.99 -9.56
C LEU C 49 14.92 28.17 -8.89
N VAL C 50 14.69 29.39 -9.40
CA VAL C 50 15.23 30.59 -8.77
C VAL C 50 14.65 30.77 -7.36
N LEU C 51 13.33 30.58 -7.21
CA LEU C 51 12.70 30.73 -5.91
C LEU C 51 13.14 29.65 -4.94
N SER C 52 13.34 28.42 -5.42
CA SER C 52 13.82 27.35 -4.55
C SER C 52 15.26 27.60 -4.10
N ALA C 53 16.10 28.15 -4.99
CA ALA C 53 17.47 28.48 -4.60
C ALA C 53 17.50 29.61 -3.58
N ASP C 54 16.63 30.61 -3.74
CA ASP C 54 16.57 31.70 -2.76
C ASP C 54 16.07 31.21 -1.41
N ASN C 55 15.10 30.30 -1.41
CA ASN C 55 14.62 29.68 -0.17
C ASN C 55 15.74 28.90 0.52
N MET C 56 16.53 28.16 -0.27
CA MET C 56 17.63 27.38 0.28
C MET C 56 18.70 28.26 0.90
N ARG C 57 19.03 29.38 0.23
CA ARG C 57 20.05 30.27 0.77
C ARG C 57 19.57 30.99 2.03
N GLU C 58 18.28 31.35 2.08
CA GLU C 58 17.70 31.95 3.28
C GLU C 58 17.75 31.00 4.47
N TYR C 59 17.40 29.73 4.25
CA TYR C 59 17.42 28.80 5.37
C TYR C 59 18.83 28.41 5.76
N LEU C 60 19.80 28.47 4.83
CA LEU C 60 21.19 28.24 5.22
C LEU C 60 21.72 29.39 6.07
N ALA C 61 21.30 30.63 5.77
CA ALA C 61 21.69 31.75 6.64
C ALA C 61 21.04 31.63 8.02
N ALA C 62 19.80 31.15 8.08
CA ALA C 62 19.14 30.92 9.36
C ALA C 62 19.85 29.83 10.17
N GLY C 63 20.33 28.78 9.48
CA GLY C 63 21.11 27.77 10.16
C GLY C 63 22.46 28.27 10.63
N ALA C 64 23.05 29.22 9.91
CA ALA C 64 24.29 29.84 10.39
C ALA C 64 24.06 30.64 11.66
N LYS C 65 22.92 31.34 11.74
CA LYS C 65 22.58 32.05 12.98
C LYS C 65 22.32 31.08 14.13
N GLU C 66 21.70 29.92 13.84
CA GLU C 66 21.48 28.92 14.88
C GLU C 66 22.78 28.29 15.36
N ARG C 67 23.74 28.10 14.46
CA ARG C 67 25.06 27.63 14.88
C ARG C 67 25.80 28.67 15.70
N GLN C 68 25.59 29.96 15.40
CA GLN C 68 26.17 31.01 16.24
C GLN C 68 25.59 31.00 17.65
N ARG C 69 24.27 30.79 17.76
CA ARG C 69 23.65 30.69 19.09
C ARG C 69 24.12 29.43 19.83
N LEU C 70 24.34 28.33 19.11
CA LEU C 70 24.87 27.12 19.75
C LEU C 70 26.29 27.32 20.23
N ALA C 71 27.10 28.08 19.48
CA ALA C 71 28.45 28.37 19.93
C ALA C 71 28.45 29.28 21.16
N THR C 72 27.51 30.23 21.21
CA THR C 72 27.34 31.05 22.41
C THR C 72 26.93 30.22 23.62
N SER C 73 26.06 29.24 23.41
CA SER C 73 25.68 28.34 24.51
C SER C 73 26.83 27.44 24.95
N LEU C 74 27.68 26.99 24.01
CA LEU C 74 28.86 26.23 24.40
C LEU C 74 29.85 27.08 25.17
N ARG C 75 29.98 28.35 24.81
CA ARG C 75 30.83 29.25 25.58
C ARG C 75 30.29 29.50 26.98
N ASN C 76 28.95 29.57 27.13
CA ASN C 76 28.38 29.70 28.46
C ASN C 76 28.57 28.42 29.29
N ALA C 77 28.48 27.26 28.64
CA ALA C 77 28.74 26.00 29.34
C ALA C 77 30.20 25.87 29.74
N ALA C 78 31.12 26.44 28.95
CA ALA C 78 32.52 26.47 29.35
C ALA C 78 32.76 27.46 30.48
N LYS C 79 32.09 28.62 30.43
CA LYS C 79 32.21 29.64 31.46
C LYS C 79 31.59 29.22 32.78
N ALA C 80 30.68 28.23 32.76
CA ALA C 80 30.10 27.72 33.99
C ALA C 80 31.14 27.04 34.87
N TYR C 81 32.12 26.36 34.29
CA TYR C 81 33.13 25.66 35.08
C TYR C 81 34.17 26.63 35.64
N GLY C 82 34.92 27.30 34.76
CA GLY C 82 35.99 28.17 35.18
C GLY C 82 35.82 29.57 34.62
N GLU C 83 36.83 30.40 34.90
CA GLU C 83 36.78 31.81 34.52
C GLU C 83 37.40 31.98 33.14
N VAL C 84 36.57 32.28 32.15
CA VAL C 84 37.05 32.47 30.79
C VAL C 84 37.55 33.91 30.64
N ASP C 85 38.33 34.14 29.58
CA ASP C 85 38.83 35.47 29.27
C ASP C 85 37.70 36.38 28.76
N GLU C 127 -6.26 27.69 -45.09
CA GLU C 127 -6.71 26.69 -44.13
C GLU C 127 -5.60 26.06 -43.24
N PRO C 128 -4.39 25.80 -43.73
CA PRO C 128 -3.31 25.49 -42.78
C PRO C 128 -2.86 26.72 -42.02
N ASN C 129 -2.91 26.65 -40.70
CA ASN C 129 -2.41 27.73 -39.85
C ASN C 129 -0.93 27.49 -39.59
N PHE C 130 -0.12 27.82 -40.60
CA PHE C 130 1.33 27.71 -40.49
C PHE C 130 1.92 28.70 -39.49
N MET C 131 1.21 29.79 -39.21
CA MET C 131 1.74 30.82 -38.33
C MET C 131 1.86 30.32 -36.89
N ASP C 132 0.85 29.61 -36.40
CA ASP C 132 0.89 29.10 -35.03
C ASP C 132 1.93 27.98 -34.89
N LEU C 133 2.06 27.15 -35.92
CA LEU C 133 3.02 26.04 -35.88
C LEU C 133 4.46 26.56 -35.90
N LYS C 134 4.77 27.47 -36.82
CA LYS C 134 6.12 28.02 -36.86
C LYS C 134 6.39 28.97 -35.70
N GLU C 135 5.35 29.55 -35.10
CA GLU C 135 5.54 30.33 -33.89
C GLU C 135 5.88 29.44 -32.70
N ALA C 136 5.23 28.28 -32.60
CA ALA C 136 5.56 27.32 -31.55
C ALA C 136 6.96 26.77 -31.71
N ALA C 137 7.37 26.48 -32.95
CA ALA C 137 8.74 26.01 -33.18
C ALA C 137 9.78 27.10 -32.90
N ARG C 138 9.48 28.35 -33.28
CA ARG C 138 10.39 29.46 -33.06
C ARG C 138 10.53 29.70 -31.56
N LYS C 139 9.43 29.75 -30.80
CA LYS C 139 9.46 29.89 -29.35
C LYS C 139 10.18 28.74 -28.68
N LEU C 140 10.07 27.53 -29.25
CA LEU C 140 10.76 26.40 -28.67
C LEU C 140 12.26 26.42 -28.92
N GLU C 141 12.72 27.11 -29.96
CA GLU C 141 14.16 27.08 -30.26
C GLU C 141 14.91 28.36 -29.91
N THR C 142 14.26 29.41 -29.42
CA THR C 142 14.96 30.69 -29.21
C THR C 142 15.52 30.82 -27.79
N GLY C 143 16.23 29.82 -27.30
CA GLY C 143 16.69 29.90 -25.93
C GLY C 143 18.12 29.46 -25.68
N ASP C 144 18.45 29.30 -24.39
CA ASP C 144 19.76 28.84 -23.97
C ASP C 144 19.95 27.35 -24.12
N GLN C 145 18.88 26.61 -24.48
CA GLN C 145 18.88 25.17 -24.74
C GLN C 145 19.33 24.36 -23.53
N GLY C 146 19.08 24.86 -22.33
CA GLY C 146 19.45 24.14 -21.13
C GLY C 146 20.92 24.15 -20.80
N ALA C 147 21.66 25.15 -21.27
CA ALA C 147 23.08 25.24 -20.95
C ALA C 147 23.33 25.92 -19.62
N SER C 148 22.34 26.64 -19.08
CA SER C 148 22.45 27.23 -17.76
C SER C 148 21.83 26.39 -16.67
N LEU C 149 20.98 25.43 -17.03
CA LEU C 149 20.48 24.48 -16.05
C LEU C 149 21.51 23.43 -15.71
N ALA C 150 22.33 23.01 -16.68
CA ALA C 150 23.38 22.04 -16.40
C ALA C 150 24.56 22.65 -15.68
N HIS C 151 24.64 23.97 -15.60
CA HIS C 151 25.63 24.64 -14.76
C HIS C 151 25.07 25.02 -13.39
N PHE C 152 23.74 25.15 -13.29
CA PHE C 152 23.08 25.28 -12.00
C PHE C 152 23.13 23.97 -11.23
N ALA C 153 22.82 22.86 -11.92
CA ALA C 153 22.76 21.56 -11.27
C ALA C 153 24.12 21.06 -10.86
N ASP C 154 25.18 21.37 -11.62
CA ASP C 154 26.52 20.98 -11.23
C ASP C 154 26.97 21.70 -9.96
N GLY C 155 26.64 22.98 -9.84
CA GLY C 155 26.96 23.72 -8.63
C GLY C 155 26.19 23.23 -7.42
N TRP C 156 24.89 22.99 -7.59
CA TRP C 156 24.11 22.52 -6.45
C TRP C 156 24.30 21.03 -6.18
N ASN C 157 24.96 20.29 -7.06
CA ASN C 157 25.38 18.93 -6.76
C ASN C 157 26.75 18.88 -6.10
N THR C 158 27.65 19.79 -6.45
CA THR C 158 28.92 19.89 -5.73
C THR C 158 28.70 20.44 -4.33
N PHE C 159 27.71 21.31 -4.15
CA PHE C 159 27.41 21.83 -2.81
C PHE C 159 26.83 20.76 -1.89
N ASN C 160 26.21 19.72 -2.45
CA ASN C 160 25.77 18.57 -1.67
C ASN C 160 26.94 17.87 -1.01
N LEU C 161 27.98 17.56 -1.79
CA LEU C 161 29.17 16.92 -1.24
C LEU C 161 29.96 17.88 -0.36
N THR C 162 29.89 19.19 -0.63
CA THR C 162 30.56 20.15 0.23
C THR C 162 29.88 20.24 1.60
N LEU C 163 28.55 20.18 1.63
CA LEU C 163 27.85 20.17 2.92
C LEU C 163 28.04 18.86 3.66
N GLN C 164 28.15 17.74 2.95
CA GLN C 164 28.45 16.48 3.63
C GLN C 164 29.90 16.38 4.07
N GLY C 165 30.79 17.18 3.47
CA GLY C 165 32.21 17.05 3.79
C GLY C 165 32.62 17.68 5.10
N ASP C 166 31.82 18.61 5.61
CA ASP C 166 32.20 19.33 6.83
C ASP C 166 31.13 19.21 7.91
N VAL C 167 30.67 18.00 8.18
CA VAL C 167 29.87 17.71 9.35
C VAL C 167 30.72 17.15 10.48
N LYS C 168 32.04 17.27 10.37
CA LYS C 168 32.95 16.83 11.43
C LYS C 168 32.93 17.73 12.64
N ARG C 169 32.43 18.96 12.51
CA ARG C 169 32.36 19.89 13.62
C ARG C 169 31.25 19.56 14.61
N PHE C 170 30.33 18.67 14.26
CA PHE C 170 29.25 18.26 15.15
C PHE C 170 29.52 16.91 15.82
N ARG C 171 30.79 16.55 15.95
CA ARG C 171 31.14 15.31 16.61
C ARG C 171 30.94 15.44 18.12
N GLY C 172 30.80 14.31 18.79
CA GLY C 172 30.68 14.30 20.23
C GLY C 172 31.98 14.65 20.91
N PHE C 173 31.86 15.09 22.16
CA PHE C 173 33.02 15.52 22.90
C PHE C 173 33.84 14.32 23.37
N ASP C 174 35.11 14.59 23.70
CA ASP C 174 36.03 13.54 24.15
C ASP C 174 36.20 13.56 25.67
N ASN C 175 36.62 14.69 26.22
CA ASN C 175 36.94 14.78 27.64
C ASN C 175 35.80 15.38 28.46
N TRP C 176 34.71 15.80 27.84
CA TRP C 176 33.59 16.41 28.54
C TRP C 176 32.49 15.36 28.72
N GLU C 177 32.25 14.96 29.96
CA GLU C 177 31.14 14.09 30.30
C GLU C 177 30.31 14.77 31.38
N GLY C 178 29.04 14.40 31.45
CA GLY C 178 28.15 14.96 32.43
C GLY C 178 26.72 15.00 31.91
N ASP C 179 25.93 15.89 32.49
CA ASP C 179 24.53 16.02 32.12
C ASP C 179 24.29 17.16 31.13
N ALA C 180 25.16 18.17 31.11
CA ALA C 180 25.07 19.21 30.09
C ALA C 180 25.75 18.78 28.79
N ALA C 181 26.75 17.90 28.89
CA ALA C 181 27.43 17.40 27.69
C ALA C 181 26.51 16.55 26.84
N THR C 182 25.59 15.81 27.46
CA THR C 182 24.64 15.00 26.70
C THR C 182 23.66 15.88 25.93
N ALA C 183 23.20 16.97 26.56
CA ALA C 183 22.29 17.88 25.89
C ALA C 183 23.00 18.65 24.77
N CYS C 184 24.26 19.03 24.99
CA CYS C 184 25.00 19.71 23.94
C CYS C 184 25.32 18.77 22.77
N GLU C 185 25.61 17.49 23.06
CA GLU C 185 25.78 16.52 22.00
C GLU C 185 24.49 16.25 21.25
N ALA C 186 23.35 16.28 21.94
CA ALA C 186 22.06 16.13 21.27
C ALA C 186 21.77 17.32 20.36
N SER C 187 22.15 18.53 20.79
CA SER C 187 21.95 19.71 19.95
C SER C 187 22.87 19.68 18.73
N LEU C 188 24.12 19.26 18.92
CA LEU C 188 25.04 19.13 17.78
C LEU C 188 24.58 18.05 16.82
N ASP C 189 24.00 16.96 17.34
CA ASP C 189 23.48 15.90 16.47
C ASP C 189 22.25 16.38 15.70
N GLN C 190 21.41 17.19 16.33
CA GLN C 190 20.26 17.77 15.62
C GLN C 190 20.71 18.69 14.50
N GLN C 191 21.74 19.51 14.74
CA GLN C 191 22.27 20.37 13.70
C GLN C 191 22.91 19.57 12.58
N ARG C 192 23.57 18.45 12.91
CA ARG C 192 24.19 17.61 11.90
C ARG C 192 23.14 16.94 11.01
N GLN C 193 22.07 16.40 11.62
CA GLN C 193 21.00 15.79 10.84
C GLN C 193 20.27 16.82 9.98
N TRP C 194 20.13 18.05 10.47
CA TRP C 194 19.51 19.09 9.67
C TRP C 194 20.38 19.47 8.48
N ILE C 195 21.70 19.53 8.68
CA ILE C 195 22.60 19.88 7.56
C ILE C 195 22.63 18.76 6.53
N LEU C 196 22.56 17.51 6.97
CA LEU C 196 22.49 16.40 6.02
C LEU C 196 21.17 16.40 5.24
N HIS C 197 20.08 16.78 5.90
CA HIS C 197 18.80 16.90 5.20
C HIS C 197 18.82 18.05 4.20
N MET C 198 19.50 19.14 4.54
CA MET C 198 19.64 20.26 3.61
C MET C 198 20.50 19.90 2.40
N ALA C 199 21.52 19.06 2.62
CA ALA C 199 22.32 18.57 1.50
C ALA C 199 21.51 17.64 0.60
N LYS C 200 20.63 16.83 1.20
CA LYS C 200 19.73 15.98 0.42
C LYS C 200 18.75 16.82 -0.42
N LEU C 201 18.26 17.92 0.16
CA LEU C 201 17.39 18.81 -0.61
C LEU C 201 18.15 19.53 -1.73
N SER C 202 19.43 19.85 -1.52
CA SER C 202 20.24 20.44 -2.58
C SER C 202 20.42 19.47 -3.74
N ALA C 203 20.65 18.19 -3.42
CA ALA C 203 20.75 17.18 -4.47
C ALA C 203 19.43 16.98 -5.21
N ALA C 204 18.31 17.09 -4.48
CA ALA C 204 17.00 16.98 -5.13
C ALA C 204 16.72 18.15 -6.06
N MET C 205 17.14 19.36 -5.68
CA MET C 205 16.95 20.51 -6.56
C MET C 205 17.84 20.43 -7.80
N ALA C 206 19.06 19.89 -7.64
CA ALA C 206 19.91 19.67 -8.81
C ALA C 206 19.31 18.62 -9.74
N LYS C 207 18.67 17.59 -9.18
CA LYS C 207 17.99 16.60 -10.01
C LYS C 207 16.79 17.19 -10.74
N GLN C 208 16.08 18.12 -10.11
CA GLN C 208 14.98 18.81 -10.78
C GLN C 208 15.49 19.64 -11.97
N ALA C 209 16.61 20.35 -11.78
CA ALA C 209 17.17 21.15 -12.87
C ALA C 209 17.66 20.27 -14.02
N GLN C 210 18.29 19.14 -13.71
CA GLN C 210 18.71 18.21 -14.75
C GLN C 210 17.50 17.59 -15.46
N TYR C 211 16.40 17.37 -14.73
CA TYR C 211 15.20 16.82 -15.37
C TYR C 211 14.57 17.81 -16.34
N VAL C 212 14.56 19.10 -15.99
CA VAL C 212 14.04 20.11 -16.92
C VAL C 212 14.94 20.23 -18.15
N ALA C 213 16.26 20.11 -17.96
CA ALA C 213 17.18 20.19 -19.10
C ALA C 213 17.02 18.99 -20.04
N GLN C 214 16.87 17.78 -19.48
CA GLN C 214 16.64 16.60 -20.31
C GLN C 214 15.29 16.65 -21.00
N LEU C 215 14.28 17.21 -20.34
CA LEU C 215 12.97 17.38 -20.95
C LEU C 215 13.02 18.34 -22.13
N HIS C 216 13.80 19.42 -22.01
CA HIS C 216 13.92 20.35 -23.13
C HIS C 216 14.71 19.74 -24.28
N VAL C 217 15.71 18.91 -23.98
CA VAL C 217 16.46 18.22 -25.04
C VAL C 217 15.54 17.26 -25.80
N TRP C 218 14.68 16.53 -25.07
CA TRP C 218 13.70 15.67 -25.72
C TRP C 218 12.68 16.48 -26.52
N ALA C 219 12.24 17.62 -25.98
CA ALA C 219 11.20 18.40 -26.63
C ALA C 219 11.72 19.15 -27.85
N ARG C 220 13.03 19.31 -27.95
CA ARG C 220 13.58 19.88 -29.17
C ARG C 220 13.96 18.80 -30.16
N ARG C 221 14.21 17.58 -29.67
CA ARG C 221 14.43 16.47 -30.59
C ARG C 221 13.14 16.03 -31.26
N GLU C 222 12.02 16.03 -30.54
CA GLU C 222 10.77 15.46 -31.03
C GLU C 222 9.97 16.43 -31.89
N HIS C 223 9.99 17.72 -31.53
CA HIS C 223 9.21 18.72 -32.25
C HIS C 223 9.78 18.92 -33.65
N PRO C 224 8.93 19.19 -34.65
CA PRO C 224 9.44 19.48 -35.99
C PRO C 224 10.18 20.82 -36.03
N THR C 225 11.28 20.84 -36.77
CA THR C 225 12.17 21.99 -36.79
C THR C 225 11.53 23.18 -37.49
N TYR C 226 12.09 24.37 -37.24
CA TYR C 226 11.54 25.60 -37.81
C TYR C 226 11.78 25.67 -39.32
N GLU C 227 12.95 25.23 -39.77
CA GLU C 227 13.29 25.35 -41.19
C GLU C 227 12.46 24.38 -42.02
N ASP C 228 12.09 23.24 -41.45
CA ASP C 228 11.25 22.29 -42.19
C ASP C 228 9.83 22.82 -42.35
N ILE C 229 9.32 23.52 -41.34
CA ILE C 229 7.99 24.12 -41.44
C ILE C 229 8.02 25.30 -42.41
N VAL C 230 9.10 26.08 -42.41
CA VAL C 230 9.25 27.16 -43.38
C VAL C 230 9.36 26.62 -44.81
N GLY C 231 10.08 25.52 -45.02
CA GLY C 231 10.12 24.90 -46.33
C GLY C 231 8.80 24.30 -46.77
N LEU C 232 8.05 23.70 -45.84
CA LEU C 232 6.72 23.19 -46.16
C LEU C 232 5.75 24.31 -46.49
N GLU C 233 5.91 25.48 -45.88
CA GLU C 233 5.06 26.62 -46.22
C GLU C 233 5.32 27.12 -47.63
N ARG C 234 6.60 27.17 -48.05
CA ARG C 234 6.91 27.54 -49.42
C ARG C 234 6.47 26.46 -50.40
N LEU C 235 6.52 25.19 -50.01
CA LEU C 235 6.01 24.12 -50.86
C LEU C 235 4.49 24.21 -51.00
N TYR C 236 3.80 24.67 -49.96
CA TYR C 236 2.36 24.91 -50.05
C TYR C 236 2.04 26.13 -50.89
N ALA C 237 2.90 27.16 -50.85
CA ALA C 237 2.59 28.39 -51.55
C ALA C 237 2.89 28.32 -53.03
N GLU C 238 3.95 27.60 -53.41
CA GLU C 238 4.41 27.61 -54.79
C GLU C 238 3.52 26.80 -55.74
N ASN C 239 2.92 25.72 -55.26
CA ASN C 239 2.14 24.82 -56.12
C ASN C 239 0.93 24.32 -55.37
N PRO C 240 -0.26 24.86 -55.65
CA PRO C 240 -1.47 24.34 -55.00
C PRO C 240 -1.94 23.01 -55.56
N SER C 241 -1.35 22.52 -56.65
CA SER C 241 -1.74 21.25 -57.25
C SER C 241 -1.48 20.06 -56.32
N ALA C 242 -0.52 20.19 -55.39
CA ALA C 242 -0.27 19.17 -54.39
C ALA C 242 -0.93 19.48 -53.06
N ARG C 243 -2.00 20.31 -53.05
CA ARG C 243 -2.69 20.62 -51.81
C ARG C 243 -3.40 19.42 -51.20
N ASP C 244 -3.72 18.40 -52.00
CA ASP C 244 -4.25 17.16 -51.47
C ASP C 244 -3.15 16.16 -51.14
N GLN C 245 -1.89 16.54 -51.20
CA GLN C 245 -0.77 15.63 -50.98
C GLN C 245 0.05 15.97 -49.75
N ILE C 246 0.47 17.23 -49.61
CA ILE C 246 1.29 17.63 -48.47
C ILE C 246 0.47 18.01 -47.25
N LEU C 247 -0.84 18.13 -47.39
CA LEU C 247 -1.72 18.43 -46.26
C LEU C 247 -1.85 17.29 -45.24
N PRO C 248 -1.85 15.99 -45.62
CA PRO C 248 -1.71 14.96 -44.57
C PRO C 248 -0.38 14.99 -43.84
N VAL C 249 0.70 15.44 -44.51
CA VAL C 249 1.98 15.59 -43.84
C VAL C 249 1.90 16.71 -42.82
N TYR C 250 1.36 17.88 -43.23
CA TYR C 250 1.22 19.02 -42.34
C TYR C 250 0.34 18.71 -41.14
N ALA C 251 -0.75 17.97 -41.38
CA ALA C 251 -1.61 17.53 -40.28
C ALA C 251 -0.84 16.67 -39.29
N GLU C 252 0.04 15.80 -39.79
CA GLU C 252 0.91 15.04 -38.91
C GLU C 252 1.85 15.97 -38.14
N TYR C 253 2.37 17.00 -38.82
CA TYR C 253 3.19 18.01 -38.16
C TYR C 253 2.41 18.75 -37.08
N GLN C 254 1.09 18.89 -37.27
CA GLN C 254 0.27 19.47 -36.23
C GLN C 254 0.22 18.54 -35.02
N GLN C 255 -0.07 17.26 -35.26
CA GLN C 255 -0.40 16.34 -34.18
C GLN C 255 0.82 16.07 -33.32
N ARG C 256 1.97 15.84 -33.96
CA ARG C 256 3.23 15.67 -33.25
C ARG C 256 3.59 16.91 -32.45
N SER C 257 3.31 18.10 -32.99
CA SER C 257 3.57 19.32 -32.24
C SER C 257 2.67 19.40 -31.02
N GLU C 258 1.41 18.97 -31.16
CA GLU C 258 0.52 18.95 -30.02
C GLU C 258 0.95 17.90 -29.01
N LYS C 259 1.64 16.86 -29.46
CA LYS C 259 2.17 15.89 -28.51
C LYS C 259 3.33 16.49 -27.72
N VAL C 260 4.10 17.38 -28.34
CA VAL C 260 5.29 17.91 -27.67
C VAL C 260 4.88 18.93 -26.62
N LEU C 261 4.08 19.92 -27.02
CA LEU C 261 3.76 21.04 -26.13
C LEU C 261 2.90 20.59 -24.95
N THR C 262 1.99 19.64 -25.19
CA THR C 262 1.24 19.03 -24.08
C THR C 262 2.18 18.32 -23.12
N GLU C 263 3.20 17.64 -23.65
CA GLU C 263 4.18 17.04 -22.76
C GLU C 263 5.05 18.07 -22.07
N TYR C 264 5.18 19.27 -22.65
CA TYR C 264 6.00 20.29 -22.00
C TYR C 264 5.22 20.96 -20.88
N ASN C 265 3.93 21.23 -21.08
CA ASN C 265 3.14 21.84 -20.02
C ASN C 265 2.83 20.87 -18.89
N ASN C 266 2.90 19.57 -19.13
CA ASN C 266 2.64 18.60 -18.08
C ASN C 266 3.88 18.21 -17.29
N LYS C 267 5.03 18.08 -17.95
CA LYS C 267 6.21 17.55 -17.28
C LYS C 267 7.13 18.64 -16.70
N ALA C 268 7.07 19.86 -17.21
CA ALA C 268 7.91 20.94 -16.70
C ALA C 268 7.22 21.75 -15.62
N ALA C 269 6.31 21.14 -14.87
CA ALA C 269 5.67 21.80 -13.73
C ALA C 269 6.34 21.26 -12.47
N LEU C 270 7.29 22.03 -11.93
CA LEU C 270 8.10 21.59 -10.81
C LEU C 270 7.38 21.85 -9.50
N GLU C 271 7.56 20.95 -8.54
CA GLU C 271 7.05 21.29 -7.22
C GLU C 271 8.12 22.05 -6.45
N PRO C 272 7.75 22.98 -5.56
CA PRO C 272 8.77 23.76 -4.84
C PRO C 272 9.47 22.92 -3.79
N VAL C 273 10.69 23.31 -3.49
CA VAL C 273 11.50 22.67 -2.46
C VAL C 273 11.51 23.60 -1.26
N ASN C 274 10.60 23.37 -0.32
CA ASN C 274 10.58 24.18 0.89
C ASN C 274 11.37 23.45 1.98
N PRO C 275 12.46 24.01 2.47
CA PRO C 275 13.26 23.32 3.47
C PRO C 275 12.68 23.53 4.85
N PRO C 276 12.97 22.64 5.79
CA PRO C 276 12.57 22.90 7.18
C PRO C 276 13.49 23.94 7.80
N LYS C 277 12.91 24.76 8.68
CA LYS C 277 13.71 25.74 9.40
C LYS C 277 14.64 25.02 10.37
N PRO C 278 15.82 25.58 10.63
CA PRO C 278 16.81 24.88 11.46
C PRO C 278 16.32 24.73 12.90
N PRO C 279 16.64 23.62 13.55
CA PRO C 279 16.15 23.38 14.90
C PRO C 279 16.81 24.32 15.89
N PRO C 280 16.08 24.75 16.92
CA PRO C 280 16.64 25.75 17.83
C PRO C 280 17.74 25.17 18.70
N ALA C 281 18.81 25.94 18.84
CA ALA C 281 19.91 25.53 19.69
C ALA C 281 19.51 25.56 21.15
N ILE C 282 20.21 24.77 21.96
CA ILE C 282 19.98 24.78 23.40
C ILE C 282 20.42 26.13 23.96
N LYS C 283 19.64 26.66 24.90
CA LYS C 283 19.96 27.93 25.53
C LYS C 283 20.46 27.66 26.94
N ILE C 284 21.76 27.77 27.14
CA ILE C 284 22.38 27.64 28.45
C ILE C 284 22.72 29.04 28.91
N ASP C 285 22.06 29.49 29.98
CA ASP C 285 22.27 30.84 30.48
C ASP C 285 23.63 30.95 31.15
N PRO C 286 24.23 32.14 31.17
CA PRO C 286 25.50 32.32 31.87
C PRO C 286 25.31 32.17 33.37
N PRO C 287 26.34 31.73 34.10
CA PRO C 287 26.18 31.53 35.54
C PRO C 287 26.12 32.85 36.27
N PRO C 288 25.41 32.91 37.39
CA PRO C 288 25.33 34.17 38.14
C PRO C 288 26.63 34.44 38.87
N PRO C 289 27.01 35.70 39.03
CA PRO C 289 28.25 36.02 39.76
C PRO C 289 28.06 35.84 41.25
N PRO C 290 28.92 35.04 41.90
CA PRO C 290 28.81 34.81 43.35
C PRO C 290 29.25 36.02 44.17
N THR D 8 27.34 -17.07 44.44
CA THR D 8 26.26 -16.18 44.02
C THR D 8 26.68 -15.37 42.80
N VAL D 9 27.67 -14.49 42.99
CA VAL D 9 28.19 -13.63 41.93
C VAL D 9 29.69 -13.81 41.88
N ASP D 10 30.21 -14.19 40.71
CA ASP D 10 31.64 -14.38 40.49
C ASP D 10 32.18 -13.13 39.82
N GLN D 11 33.02 -12.38 40.53
CA GLN D 11 33.54 -11.11 40.02
C GLN D 11 34.60 -11.30 38.95
N GLN D 12 35.27 -12.46 38.92
CA GLN D 12 36.30 -12.70 37.91
C GLN D 12 35.69 -12.84 36.53
N GLU D 13 34.48 -13.40 36.44
CA GLU D 13 33.76 -13.42 35.17
C GLU D 13 33.42 -12.01 34.71
N ILE D 14 33.07 -11.13 35.64
CA ILE D 14 32.75 -9.74 35.29
C ILE D 14 33.99 -9.01 34.79
N LEU D 15 35.14 -9.24 35.44
CA LEU D 15 36.38 -8.60 34.99
C LEU D 15 36.83 -9.14 33.64
N ASN D 16 36.68 -10.45 33.41
CA ASN D 16 37.04 -11.02 32.12
C ASN D 16 36.11 -10.55 31.01
N ARG D 17 34.82 -10.39 31.32
CA ARG D 17 33.89 -9.89 30.32
C ARG D 17 34.13 -8.42 30.01
N ALA D 18 34.54 -7.63 31.01
CA ALA D 18 34.88 -6.23 30.76
C ALA D 18 36.14 -6.13 29.91
N ASN D 19 37.15 -6.95 30.20
CA ASN D 19 38.37 -6.92 29.39
C ASN D 19 38.16 -7.54 28.01
N GLU D 20 37.11 -8.33 27.81
CA GLU D 20 36.81 -8.84 26.48
C GLU D 20 35.97 -7.84 25.66
N VAL D 21 35.08 -7.11 26.33
CA VAL D 21 34.31 -6.07 25.64
C VAL D 21 35.22 -4.91 25.23
N GLU D 22 36.17 -4.54 26.10
CA GLU D 22 37.09 -3.45 25.77
C GLU D 22 38.11 -3.81 24.70
N ALA D 23 38.24 -5.09 24.34
CA ALA D 23 39.24 -5.51 23.37
C ALA D 23 38.89 -4.98 21.98
N PRO D 24 39.88 -4.56 21.19
CA PRO D 24 39.59 -3.90 19.92
C PRO D 24 39.14 -4.89 18.85
N MET D 25 38.21 -4.45 18.01
CA MET D 25 37.78 -5.24 16.87
C MET D 25 38.72 -5.00 15.70
N ALA D 26 38.36 -5.55 14.54
CA ALA D 26 39.17 -5.36 13.35
C ALA D 26 38.96 -3.96 12.79
N ASP D 27 39.99 -3.43 12.16
CA ASP D 27 39.91 -2.10 11.57
C ASP D 27 39.10 -2.15 10.28
N PRO D 28 38.31 -1.11 9.99
CA PRO D 28 37.65 -1.05 8.69
C PRO D 28 38.66 -0.82 7.58
N PRO D 29 38.37 -1.23 6.36
CA PRO D 29 39.34 -1.08 5.27
C PRO D 29 39.53 0.37 4.85
N THR D 30 40.73 0.66 4.35
CA THR D 30 41.12 2.01 3.99
C THR D 30 41.33 2.18 2.50
N ASP D 31 40.58 1.43 1.69
CA ASP D 31 40.65 1.59 0.25
C ASP D 31 39.95 2.87 -0.18
N VAL D 32 40.51 3.55 -1.16
CA VAL D 32 39.97 4.81 -1.66
C VAL D 32 39.32 4.55 -3.01
N PRO D 33 38.01 4.70 -3.14
CA PRO D 33 37.34 4.43 -4.42
C PRO D 33 37.58 5.55 -5.43
N ILE D 34 38.41 5.27 -6.41
CA ILE D 34 38.68 6.23 -7.48
C ILE D 34 37.53 6.18 -8.47
N THR D 35 37.43 7.23 -9.29
CA THR D 35 36.32 7.35 -10.22
C THR D 35 36.48 6.36 -11.37
N PRO D 36 35.38 5.83 -11.91
CA PRO D 36 35.50 4.93 -13.07
C PRO D 36 35.91 5.64 -14.35
N CYS D 37 35.50 6.89 -14.54
CA CYS D 37 35.86 7.65 -15.73
C CYS D 37 35.96 9.12 -15.33
N GLU D 38 35.97 10.00 -16.33
CA GLU D 38 36.08 11.43 -16.07
C GLU D 38 34.75 12.16 -16.21
N LEU D 39 33.63 11.43 -16.25
CA LEU D 39 32.33 12.06 -16.24
C LEU D 39 32.05 12.67 -14.87
N THR D 40 31.11 13.61 -14.84
CA THR D 40 30.80 14.28 -13.58
C THR D 40 30.00 13.40 -12.65
N ALA D 41 29.12 12.56 -13.20
CA ALA D 41 28.31 11.66 -12.37
C ALA D 41 29.17 10.60 -11.71
N ALA D 42 30.19 10.11 -12.42
CA ALA D 42 31.08 9.11 -11.84
C ALA D 42 31.96 9.70 -10.75
N LYS D 43 32.43 10.95 -10.94
CA LYS D 43 33.23 11.59 -9.91
C LYS D 43 32.38 11.92 -8.69
N ASN D 44 31.12 12.31 -8.89
CA ASN D 44 30.23 12.55 -7.76
C ASN D 44 29.90 11.26 -7.02
N ALA D 45 29.76 10.14 -7.74
CA ALA D 45 29.51 8.86 -7.10
C ALA D 45 30.72 8.39 -6.30
N ALA D 46 31.93 8.61 -6.83
CA ALA D 46 33.13 8.23 -6.11
C ALA D 46 33.34 9.09 -4.86
N GLN D 47 33.05 10.40 -4.97
CA GLN D 47 33.14 11.25 -3.79
C GLN D 47 32.08 10.92 -2.76
N GLN D 48 30.90 10.48 -3.20
CA GLN D 48 29.86 10.04 -2.28
C GLN D 48 30.28 8.78 -1.55
N LEU D 49 30.96 7.86 -2.24
CA LEU D 49 31.44 6.65 -1.58
C LEU D 49 32.56 6.97 -0.60
N VAL D 50 33.43 7.93 -0.93
CA VAL D 50 34.48 8.35 0.01
C VAL D 50 33.87 8.96 1.27
N LEU D 51 32.85 9.81 1.11
CA LEU D 51 32.21 10.44 2.26
C LEU D 51 31.44 9.42 3.11
N SER D 52 30.81 8.44 2.47
CA SER D 52 30.12 7.39 3.22
C SER D 52 31.10 6.51 3.99
N ALA D 53 32.26 6.22 3.40
CA ALA D 53 33.27 5.43 4.12
C ALA D 53 33.85 6.21 5.30
N ASP D 54 34.06 7.52 5.14
CA ASP D 54 34.55 8.33 6.25
C ASP D 54 33.52 8.42 7.37
N ASN D 55 32.23 8.55 7.01
CA ASN D 55 31.16 8.53 8.00
C ASN D 55 31.11 7.20 8.77
N MET D 56 31.29 6.10 8.04
CA MET D 56 31.27 4.77 8.66
C MET D 56 32.44 4.59 9.63
N ARG D 57 33.63 5.07 9.25
CA ARG D 57 34.79 4.92 10.13
C ARG D 57 34.67 5.81 11.36
N GLU D 58 34.09 7.00 11.20
CA GLU D 58 33.85 7.88 12.36
C GLU D 58 32.88 7.27 13.34
N TYR D 59 31.79 6.68 12.84
CA TYR D 59 30.83 6.08 13.76
C TYR D 59 31.34 4.77 14.36
N LEU D 60 32.25 4.07 13.68
CA LEU D 60 32.86 2.90 14.30
C LEU D 60 33.82 3.29 15.42
N ALA D 61 34.53 4.42 15.27
CA ALA D 61 35.34 4.92 16.37
C ALA D 61 34.49 5.37 17.55
N ALA D 62 33.33 5.98 17.27
CA ALA D 62 32.42 6.37 18.34
C ALA D 62 31.86 5.14 19.07
N GLY D 63 31.59 4.07 18.32
CA GLY D 63 31.17 2.83 18.96
C GLY D 63 32.26 2.17 19.78
N ALA D 64 33.52 2.34 19.36
CA ALA D 64 34.63 1.85 20.19
C ALA D 64 34.71 2.61 21.50
N LYS D 65 34.48 3.93 21.47
CA LYS D 65 34.46 4.70 22.72
C LYS D 65 33.28 4.29 23.60
N GLU D 66 32.13 3.96 22.99
CA GLU D 66 30.98 3.51 23.78
C GLU D 66 31.23 2.14 24.40
N ARG D 67 31.95 1.26 23.70
CA ARG D 67 32.33 -0.02 24.28
C ARG D 67 33.34 0.16 25.42
N GLN D 68 34.22 1.15 25.31
CA GLN D 68 35.13 1.46 26.41
C GLN D 68 34.38 1.94 27.64
N ARG D 69 33.36 2.79 27.45
CA ARG D 69 32.53 3.22 28.58
C ARG D 69 31.72 2.08 29.18
N LEU D 70 31.27 1.14 28.35
CA LEU D 70 30.55 -0.02 28.85
C LEU D 70 31.46 -0.94 29.65
N ALA D 71 32.73 -1.06 29.22
CA ALA D 71 33.69 -1.86 29.99
C ALA D 71 34.01 -1.20 31.32
N THR D 72 34.09 0.14 31.35
CA THR D 72 34.26 0.86 32.61
C THR D 72 33.08 0.65 33.54
N SER D 73 31.87 0.64 33.00
CA SER D 73 30.68 0.37 33.81
C SER D 73 30.65 -1.07 34.32
N LEU D 74 31.10 -2.03 33.52
CA LEU D 74 31.20 -3.41 34.00
C LEU D 74 32.25 -3.56 35.09
N ARG D 75 33.35 -2.81 34.99
CA ARG D 75 34.34 -2.82 36.06
C ARG D 75 33.81 -2.19 37.34
N ASN D 76 32.97 -1.15 37.23
CA ASN D 76 32.34 -0.58 38.42
C ASN D 76 31.33 -1.55 39.03
N ALA D 77 30.59 -2.27 38.18
CA ALA D 77 29.66 -3.28 38.70
C ALA D 77 30.39 -4.45 39.36
N ALA D 78 31.59 -4.77 38.88
CA ALA D 78 32.40 -5.78 39.56
C ALA D 78 32.98 -5.25 40.87
N LYS D 79 33.40 -3.98 40.88
CA LYS D 79 33.94 -3.35 42.08
C LYS D 79 32.89 -3.11 43.15
N ALA D 80 31.61 -3.10 42.77
CA ALA D 80 30.54 -2.96 43.76
C ALA D 80 30.47 -4.16 44.70
N TYR D 81 30.77 -5.37 44.22
CA TYR D 81 30.69 -6.55 45.07
C TYR D 81 31.90 -6.65 45.98
N GLY D 82 33.09 -6.80 45.40
CA GLY D 82 34.30 -7.01 46.19
C GLY D 82 35.36 -5.97 45.86
N GLU D 83 36.52 -6.15 46.47
CA GLU D 83 37.62 -5.20 46.34
C GLU D 83 38.51 -5.59 45.16
N VAL D 84 38.44 -4.82 44.09
CA VAL D 84 39.25 -5.09 42.92
C VAL D 84 40.65 -4.51 43.10
N ASP D 85 41.59 -4.98 42.30
CA ASP D 85 42.96 -4.47 42.33
C ASP D 85 43.03 -3.06 41.76
N GLU D 127 28.33 20.99 -39.89
CA GLU D 127 27.06 20.70 -39.23
C GLU D 127 27.07 19.49 -38.25
N PRO D 128 27.78 18.39 -38.52
CA PRO D 128 27.99 17.41 -37.44
C PRO D 128 28.97 17.94 -36.41
N ASN D 129 28.53 17.98 -35.16
CA ASN D 129 29.41 18.36 -34.05
C ASN D 129 30.11 17.09 -33.54
N PHE D 130 31.13 16.69 -34.29
CA PHE D 130 31.94 15.53 -33.91
C PHE D 130 32.77 15.78 -32.65
N MET D 131 33.05 17.05 -32.34
CA MET D 131 33.89 17.39 -31.20
C MET D 131 33.23 17.02 -29.88
N ASP D 132 31.93 17.32 -29.73
CA ASP D 132 31.23 16.99 -28.50
C ASP D 132 31.04 15.49 -28.34
N LEU D 133 30.80 14.79 -29.45
CA LEU D 133 30.60 13.34 -29.40
C LEU D 133 31.89 12.61 -29.04
N LYS D 134 32.99 12.96 -29.71
CA LYS D 134 34.25 12.32 -29.37
C LYS D 134 34.80 12.80 -28.03
N GLU D 135 34.40 13.99 -27.56
CA GLU D 135 34.78 14.41 -26.23
C GLU D 135 34.04 13.61 -25.17
N ALA D 136 32.74 13.32 -25.41
CA ALA D 136 31.99 12.48 -24.49
C ALA D 136 32.54 11.06 -24.45
N ALA D 137 32.90 10.51 -25.61
CA ALA D 137 33.49 9.18 -25.64
C ALA D 137 34.87 9.13 -24.97
N ARG D 138 35.69 10.17 -25.18
CA ARG D 138 37.01 10.26 -24.59
C ARG D 138 36.88 10.36 -23.08
N LYS D 139 36.02 11.24 -22.56
CA LYS D 139 35.75 11.37 -21.13
C LYS D 139 35.20 10.09 -20.53
N LEU D 140 34.41 9.35 -21.31
CA LEU D 140 33.86 8.10 -20.81
C LEU D 140 34.90 6.99 -20.75
N GLU D 141 35.98 7.06 -21.53
CA GLU D 141 36.94 5.97 -21.53
C GLU D 141 38.26 6.27 -20.82
N THR D 142 38.47 7.48 -20.30
CA THR D 142 39.79 7.82 -19.73
C THR D 142 39.87 7.55 -18.23
N GLY D 143 39.46 6.36 -17.78
CA GLY D 143 39.45 6.14 -16.36
C GLY D 143 39.97 4.79 -15.89
N ASP D 144 39.73 4.49 -14.62
CA ASP D 144 40.12 3.22 -14.02
C ASP D 144 39.19 2.07 -14.38
N GLN D 145 38.08 2.36 -15.08
CA GLN D 145 37.10 1.39 -15.57
C GLN D 145 36.48 0.56 -14.45
N GLY D 146 36.37 1.14 -13.26
CA GLY D 146 35.76 0.43 -12.15
C GLY D 146 36.61 -0.65 -11.54
N ALA D 147 37.94 -0.55 -11.67
CA ALA D 147 38.81 -1.53 -11.05
C ALA D 147 39.12 -1.21 -9.60
N SER D 148 38.86 0.02 -9.16
CA SER D 148 39.02 0.39 -7.77
C SER D 148 37.72 0.33 -6.98
N LEU D 149 36.59 0.30 -7.67
CA LEU D 149 35.31 0.09 -7.00
C LEU D 149 35.12 -1.37 -6.62
N ALA D 150 35.59 -2.30 -7.47
CA ALA D 150 35.48 -3.71 -7.15
C ALA D 150 36.49 -4.16 -6.12
N HIS D 151 37.47 -3.33 -5.78
CA HIS D 151 38.36 -3.59 -4.67
C HIS D 151 37.93 -2.87 -3.40
N PHE D 152 37.15 -1.79 -3.54
CA PHE D 152 36.48 -1.16 -2.41
C PHE D 152 35.35 -2.04 -1.89
N ALA D 153 34.54 -2.58 -2.81
CA ALA D 153 33.38 -3.37 -2.42
C ALA D 153 33.78 -4.72 -1.83
N ASP D 154 34.88 -5.30 -2.29
CA ASP D 154 35.34 -6.56 -1.71
C ASP D 154 35.82 -6.37 -0.28
N GLY D 155 36.51 -5.25 -0.01
CA GLY D 155 36.93 -4.96 1.35
C GLY D 155 35.76 -4.66 2.27
N TRP D 156 34.80 -3.86 1.81
CA TRP D 156 33.65 -3.56 2.67
C TRP D 156 32.64 -4.69 2.72
N ASN D 157 32.76 -5.70 1.87
CA ASN D 157 31.95 -6.90 2.02
C ASN D 157 32.60 -7.93 2.91
N THR D 158 33.93 -8.00 2.92
CA THR D 158 34.62 -8.85 3.89
C THR D 158 34.52 -8.27 5.29
N PHE D 159 34.46 -6.94 5.42
CA PHE D 159 34.29 -6.32 6.73
C PHE D 159 32.91 -6.56 7.31
N ASN D 160 31.91 -6.83 6.46
CA ASN D 160 30.59 -7.23 6.94
C ASN D 160 30.65 -8.55 7.69
N LEU D 161 31.30 -9.56 7.10
CA LEU D 161 31.45 -10.85 7.75
C LEU D 161 32.42 -10.77 8.93
N THR D 162 33.37 -9.84 8.88
CA THR D 162 34.28 -9.66 10.01
C THR D 162 33.55 -9.05 11.20
N LEU D 163 32.65 -8.10 10.95
CA LEU D 163 31.87 -7.53 12.05
C LEU D 163 30.85 -8.53 12.59
N GLN D 164 30.29 -9.38 11.73
CA GLN D 164 29.39 -10.41 12.22
C GLN D 164 30.12 -11.54 12.93
N GLY D 165 31.42 -11.71 12.67
CA GLY D 165 32.14 -12.83 13.25
C GLY D 165 32.52 -12.65 14.70
N ASP D 166 32.55 -11.42 15.20
CA ASP D 166 32.98 -11.19 16.57
C ASP D 166 31.94 -10.42 17.38
N VAL D 167 30.69 -10.88 17.32
CA VAL D 167 29.66 -10.42 18.24
C VAL D 167 29.50 -11.39 19.40
N LYS D 168 30.45 -12.30 19.59
CA LYS D 168 30.42 -13.23 20.72
C LYS D 168 30.74 -12.57 22.04
N ARG D 169 31.36 -11.38 22.02
CA ARG D 169 31.69 -10.66 23.24
C ARG D 169 30.49 -10.02 23.92
N PHE D 170 29.35 -9.94 23.24
CA PHE D 170 28.13 -9.37 23.80
C PHE D 170 27.16 -10.44 24.26
N ARG D 171 27.66 -11.63 24.59
CA ARG D 171 26.81 -12.69 25.09
C ARG D 171 26.38 -12.40 26.52
N GLY D 172 25.28 -13.03 26.94
CA GLY D 172 24.82 -12.88 28.30
C GLY D 172 25.73 -13.59 29.29
N PHE D 173 25.64 -13.16 30.54
CA PHE D 173 26.49 -13.71 31.57
C PHE D 173 26.02 -15.10 31.98
N ASP D 174 26.93 -15.86 32.60
CA ASP D 174 26.64 -17.21 33.04
C ASP D 174 26.36 -17.27 34.54
N ASN D 175 27.29 -16.81 35.36
CA ASN D 175 27.19 -16.92 36.81
C ASN D 175 26.69 -15.65 37.47
N TRP D 176 26.46 -14.58 36.71
CA TRP D 176 26.00 -13.32 37.27
C TRP D 176 24.50 -13.19 37.04
N GLU D 177 23.72 -13.24 38.12
CA GLU D 177 22.30 -12.98 38.07
C GLU D 177 21.98 -11.85 39.05
N GLY D 178 20.88 -11.16 38.79
CA GLY D 178 20.47 -10.08 39.66
C GLY D 178 19.72 -9.02 38.87
N ASP D 179 19.71 -7.81 39.42
CA ASP D 179 19.02 -6.70 38.79
C ASP D 179 19.94 -5.80 37.99
N ALA D 180 21.24 -5.77 38.32
CA ALA D 180 22.20 -5.06 37.50
C ALA D 180 22.67 -5.90 36.31
N ALA D 181 22.64 -7.22 36.45
CA ALA D 181 23.03 -8.11 35.36
C ALA D 181 22.06 -8.02 34.20
N THR D 182 20.77 -7.81 34.49
CA THR D 182 19.78 -7.68 33.43
C THR D 182 20.00 -6.39 32.64
N ALA D 183 20.33 -5.30 33.33
CA ALA D 183 20.59 -4.03 32.65
C ALA D 183 21.89 -4.09 31.85
N CYS D 184 22.91 -4.77 32.38
CA CYS D 184 24.16 -4.91 31.64
C CYS D 184 23.99 -5.82 30.43
N GLU D 185 23.16 -6.87 30.54
CA GLU D 185 22.84 -7.70 29.39
C GLU D 185 22.03 -6.94 28.36
N ALA D 186 21.15 -6.04 28.80
CA ALA D 186 20.40 -5.22 27.86
C ALA D 186 21.31 -4.24 27.13
N SER D 187 22.31 -3.69 27.82
CA SER D 187 23.26 -2.79 27.17
C SER D 187 24.15 -3.54 26.18
N LEU D 188 24.59 -4.74 26.55
CA LEU D 188 25.38 -5.56 25.63
C LEU D 188 24.56 -5.99 24.41
N ASP D 189 23.27 -6.25 24.61
CA ASP D 189 22.40 -6.61 23.48
C ASP D 189 22.16 -5.41 22.57
N GLN D 190 22.06 -4.21 23.14
CA GLN D 190 21.93 -3.00 22.33
C GLN D 190 23.18 -2.76 21.49
N GLN D 191 24.36 -2.97 22.09
CA GLN D 191 25.60 -2.83 21.34
C GLN D 191 25.72 -3.89 20.24
N ARG D 192 25.25 -5.11 20.51
CA ARG D 192 25.30 -6.17 19.52
C ARG D 192 24.37 -5.87 18.33
N GLN D 193 23.15 -5.41 18.61
CA GLN D 193 22.23 -5.06 17.54
C GLN D 193 22.74 -3.86 16.73
N TRP D 194 23.41 -2.91 17.39
CA TRP D 194 23.99 -1.79 16.67
C TRP D 194 25.14 -2.23 15.76
N ILE D 195 25.96 -3.16 16.23
CA ILE D 195 27.08 -3.64 15.41
C ILE D 195 26.56 -4.45 14.22
N LEU D 196 25.50 -5.23 14.41
CA LEU D 196 24.89 -5.95 13.29
C LEU D 196 24.27 -5.00 12.29
N HIS D 197 23.67 -3.90 12.76
CA HIS D 197 23.13 -2.90 11.84
C HIS D 197 24.24 -2.19 11.08
N MET D 198 25.38 -1.95 11.73
CA MET D 198 26.52 -1.34 11.06
C MET D 198 27.12 -2.28 10.01
N ALA D 199 27.11 -3.58 10.28
CA ALA D 199 27.55 -4.54 9.28
C ALA D 199 26.61 -4.59 8.09
N LYS D 200 25.30 -4.46 8.35
CA LYS D 200 24.33 -4.39 7.25
C LYS D 200 24.53 -3.14 6.40
N LEU D 201 24.87 -2.01 7.04
CA LEU D 201 25.16 -0.80 6.29
C LEU D 201 26.45 -0.92 5.48
N SER D 202 27.44 -1.66 6.00
CA SER D 202 28.67 -1.90 5.25
C SER D 202 28.38 -2.74 4.00
N ALA D 203 27.52 -3.75 4.13
CA ALA D 203 27.13 -4.54 2.96
C ALA D 203 26.34 -3.72 1.95
N ALA D 204 25.51 -2.78 2.44
CA ALA D 204 24.77 -1.91 1.53
C ALA D 204 25.69 -0.95 0.77
N MET D 205 26.73 -0.44 1.43
CA MET D 205 27.69 0.43 0.75
C MET D 205 28.51 -0.34 -0.28
N ALA D 206 28.86 -1.59 0.04
CA ALA D 206 29.55 -2.42 -0.95
C ALA D 206 28.66 -2.72 -2.15
N LYS D 207 27.35 -2.90 -1.92
CA LYS D 207 26.43 -3.09 -3.03
C LYS D 207 26.28 -1.83 -3.89
N GLN D 208 26.34 -0.65 -3.26
CA GLN D 208 26.33 0.60 -4.02
C GLN D 208 27.56 0.73 -4.91
N ALA D 209 28.73 0.38 -4.38
CA ALA D 209 29.95 0.44 -5.17
C ALA D 209 29.94 -0.54 -6.34
N GLN D 210 29.44 -1.76 -6.10
CA GLN D 210 29.30 -2.72 -7.19
C GLN D 210 28.27 -2.28 -8.22
N TYR D 211 27.22 -1.58 -7.79
CA TYR D 211 26.23 -1.08 -8.73
C TYR D 211 26.81 0.01 -9.63
N VAL D 212 27.64 0.90 -9.07
CA VAL D 212 28.28 1.92 -9.89
C VAL D 212 29.27 1.28 -10.88
N ALA D 213 29.98 0.23 -10.43
CA ALA D 213 30.92 -0.45 -11.34
C ALA D 213 30.19 -1.15 -12.48
N GLN D 214 29.08 -1.84 -12.19
CA GLN D 214 28.30 -2.48 -13.24
C GLN D 214 27.65 -1.47 -14.18
N LEU D 215 27.24 -0.32 -13.64
CA LEU D 215 26.69 0.74 -14.48
C LEU D 215 27.74 1.30 -15.42
N HIS D 216 28.98 1.45 -14.97
CA HIS D 216 30.02 1.94 -15.88
C HIS D 216 30.40 0.90 -16.93
N VAL D 217 30.35 -0.40 -16.56
CA VAL D 217 30.60 -1.45 -17.55
C VAL D 217 29.53 -1.43 -18.64
N TRP D 218 28.26 -1.26 -18.24
CA TRP D 218 27.18 -1.13 -19.21
C TRP D 218 27.33 0.14 -20.06
N ALA D 219 27.74 1.24 -19.43
CA ALA D 219 27.80 2.52 -20.15
C ALA D 219 29.00 2.58 -21.07
N ARG D 220 29.99 1.71 -20.87
CA ARG D 220 31.07 1.64 -21.84
C ARG D 220 30.78 0.59 -22.89
N ARG D 221 29.93 -0.39 -22.59
CA ARG D 221 29.51 -1.33 -23.62
C ARG D 221 28.55 -0.68 -24.61
N GLU D 222 27.65 0.17 -24.13
CA GLU D 222 26.57 0.71 -24.97
C GLU D 222 26.99 1.92 -25.78
N HIS D 223 27.84 2.77 -25.23
CA HIS D 223 28.26 3.99 -25.90
C HIS D 223 29.15 3.66 -27.10
N PRO D 224 29.05 4.43 -28.19
CA PRO D 224 29.96 4.18 -29.33
C PRO D 224 31.39 4.53 -28.98
N THR D 225 32.31 3.70 -29.46
CA THR D 225 33.71 3.80 -29.10
C THR D 225 34.36 5.04 -29.71
N TYR D 226 35.51 5.42 -29.15
CA TYR D 226 36.20 6.62 -29.59
C TYR D 226 36.79 6.45 -30.98
N GLU D 227 37.35 5.26 -31.26
CA GLU D 227 38.02 5.03 -32.54
C GLU D 227 37.02 4.97 -33.68
N ASP D 228 35.81 4.50 -33.41
CA ASP D 228 34.78 4.47 -34.44
C ASP D 228 34.31 5.88 -34.80
N ILE D 229 34.22 6.76 -33.81
CA ILE D 229 33.84 8.15 -34.07
C ILE D 229 34.95 8.88 -34.81
N VAL D 230 36.21 8.59 -34.45
CA VAL D 230 37.35 9.16 -35.16
C VAL D 230 37.41 8.67 -36.61
N GLY D 231 37.12 7.39 -36.86
CA GLY D 231 37.04 6.89 -38.22
C GLY D 231 35.88 7.45 -39.01
N LEU D 232 34.73 7.66 -38.37
CA LEU D 232 33.61 8.28 -39.05
C LEU D 232 33.87 9.75 -39.36
N GLU D 233 34.68 10.43 -38.54
CA GLU D 233 35.05 11.81 -38.84
C GLU D 233 35.95 11.89 -40.07
N ARG D 234 36.90 10.96 -40.20
CA ARG D 234 37.73 10.92 -41.39
C ARG D 234 36.94 10.49 -42.63
N LEU D 235 35.94 9.62 -42.44
CA LEU D 235 35.07 9.26 -43.56
C LEU D 235 34.21 10.43 -43.99
N TYR D 236 33.83 11.30 -43.05
CA TYR D 236 33.10 12.52 -43.39
C TYR D 236 34.00 13.55 -44.05
N ALA D 237 35.28 13.59 -43.67
CA ALA D 237 36.17 14.64 -44.18
C ALA D 237 36.71 14.29 -45.57
N GLU D 238 36.96 13.00 -45.83
CA GLU D 238 37.62 12.62 -47.07
C GLU D 238 36.72 12.70 -48.30
N ASN D 239 35.42 12.45 -48.15
CA ASN D 239 34.51 12.39 -49.30
C ASN D 239 33.17 12.99 -48.91
N PRO D 240 32.89 14.23 -49.33
CA PRO D 240 31.57 14.82 -49.04
C PRO D 240 30.45 14.25 -49.90
N SER D 241 30.76 13.44 -50.92
CA SER D 241 29.74 12.86 -51.79
C SER D 241 28.81 11.91 -51.05
N ALA D 242 29.26 11.32 -49.95
CA ALA D 242 28.41 10.49 -49.10
C ALA D 242 27.87 11.24 -47.89
N ARG D 243 27.79 12.57 -47.96
CA ARG D 243 27.25 13.35 -46.85
C ARG D 243 25.76 13.12 -46.63
N ASP D 244 25.04 12.63 -47.64
CA ASP D 244 23.66 12.22 -47.44
C ASP D 244 23.53 10.74 -47.07
N GLN D 245 24.64 10.06 -46.80
CA GLN D 245 24.62 8.63 -46.52
C GLN D 245 25.08 8.29 -45.11
N ILE D 246 26.21 8.82 -44.67
CA ILE D 246 26.74 8.53 -43.33
C ILE D 246 26.15 9.44 -42.26
N LEU D 247 25.45 10.50 -42.64
CA LEU D 247 24.81 11.38 -41.68
C LEU D 247 23.62 10.76 -40.93
N PRO D 248 22.79 9.88 -41.52
CA PRO D 248 21.85 9.14 -40.65
C PRO D 248 22.53 8.19 -39.68
N VAL D 249 23.70 7.65 -40.03
CA VAL D 249 24.47 6.84 -39.09
C VAL D 249 24.95 7.68 -37.92
N TYR D 250 25.56 8.84 -38.22
CA TYR D 250 26.07 9.75 -37.20
C TYR D 250 24.96 10.24 -36.29
N ALA D 251 23.79 10.55 -36.86
CA ALA D 251 22.64 10.94 -36.05
C ALA D 251 22.24 9.83 -35.10
N GLU D 252 22.32 8.58 -35.54
CA GLU D 252 22.08 7.45 -34.65
C GLU D 252 23.14 7.40 -33.56
N TYR D 253 24.40 7.68 -33.93
CA TYR D 253 25.48 7.77 -32.95
C TYR D 253 25.24 8.88 -31.95
N GLN D 254 24.56 9.95 -32.37
CA GLN D 254 24.17 10.99 -31.43
C GLN D 254 23.15 10.45 -30.44
N GLN D 255 22.10 9.81 -30.96
CA GLN D 255 20.94 9.49 -30.14
C GLN D 255 21.28 8.43 -29.10
N ARG D 256 22.02 7.39 -29.53
CA ARG D 256 22.51 6.37 -28.61
C ARG D 256 23.42 6.95 -27.55
N SER D 257 24.26 7.94 -27.94
CA SER D 257 25.11 8.59 -26.94
C SER D 257 24.27 9.36 -25.93
N GLU D 258 23.20 10.00 -26.40
CA GLU D 258 22.31 10.71 -25.49
C GLU D 258 21.56 9.73 -24.60
N LYS D 259 21.36 8.50 -25.09
CA LYS D 259 20.75 7.49 -24.22
C LYS D 259 21.71 7.06 -23.12
N VAL D 260 23.01 7.05 -23.41
CA VAL D 260 23.97 6.55 -22.44
C VAL D 260 24.18 7.57 -21.33
N LEU D 261 24.49 8.82 -21.70
CA LEU D 261 24.85 9.83 -20.72
C LEU D 261 23.67 10.22 -19.84
N THR D 262 22.46 10.26 -20.41
CA THR D 262 21.25 10.45 -19.61
C THR D 262 21.08 9.32 -18.61
N GLU D 263 21.38 8.09 -19.02
CA GLU D 263 21.33 6.98 -18.08
C GLU D 263 22.46 7.05 -17.06
N TYR D 264 23.56 7.73 -17.38
CA TYR D 264 24.64 7.83 -16.41
C TYR D 264 24.33 8.90 -15.36
N ASN D 265 23.76 10.03 -15.78
CA ASN D 265 23.42 11.07 -14.82
C ASN D 265 22.23 10.70 -13.96
N ASN D 266 21.39 9.76 -14.41
CA ASN D 266 20.24 9.36 -13.60
C ASN D 266 20.54 8.20 -12.66
N LYS D 267 21.35 7.23 -13.09
CA LYS D 267 21.55 6.03 -12.29
C LYS D 267 22.76 6.09 -11.35
N ALA D 268 23.75 6.93 -11.65
CA ALA D 268 24.92 7.05 -10.80
C ALA D 268 24.79 8.15 -9.75
N ALA D 269 23.58 8.45 -9.33
CA ALA D 269 23.34 9.40 -8.24
C ALA D 269 23.05 8.59 -6.99
N LEU D 270 24.06 8.42 -6.15
CA LEU D 270 23.96 7.58 -4.97
C LEU D 270 23.35 8.34 -3.81
N GLU D 271 22.55 7.64 -3.00
CA GLU D 271 22.13 8.29 -1.78
C GLU D 271 23.15 8.03 -0.68
N PRO D 272 23.36 8.96 0.24
CA PRO D 272 24.37 8.75 1.28
C PRO D 272 23.93 7.71 2.29
N VAL D 273 24.92 7.07 2.91
CA VAL D 273 24.70 6.09 3.95
C VAL D 273 25.06 6.74 5.27
N ASN D 274 24.07 7.31 5.96
CA ASN D 274 24.32 7.90 7.26
C ASN D 274 24.00 6.88 8.34
N PRO D 275 24.98 6.45 9.13
CA PRO D 275 24.72 5.44 10.13
C PRO D 275 24.14 6.06 11.39
N PRO D 276 23.43 5.29 12.20
CA PRO D 276 23.00 5.81 13.50
C PRO D 276 24.16 5.85 14.47
N LYS D 277 24.16 6.86 15.33
CA LYS D 277 25.19 6.96 16.35
C LYS D 277 25.00 5.81 17.36
N PRO D 278 26.09 5.32 17.96
CA PRO D 278 26.00 4.16 18.84
C PRO D 278 25.20 4.48 20.09
N PRO D 279 24.41 3.52 20.59
CA PRO D 279 23.57 3.77 21.75
C PRO D 279 24.42 3.95 23.01
N PRO D 280 23.99 4.83 23.92
CA PRO D 280 24.83 5.11 25.09
C PRO D 280 24.88 3.94 26.04
N ALA D 281 26.07 3.66 26.54
CA ALA D 281 26.26 2.59 27.50
C ALA D 281 25.63 2.98 28.84
N ILE D 282 25.30 1.96 29.63
CA ILE D 282 24.78 2.19 30.97
C ILE D 282 25.88 2.78 31.83
N LYS D 283 25.53 3.76 32.67
CA LYS D 283 26.49 4.39 33.56
C LYS D 283 26.23 3.89 34.98
N ILE D 284 27.08 3.01 35.45
CA ILE D 284 27.03 2.51 36.83
C ILE D 284 28.15 3.21 37.59
N ASP D 285 27.78 4.05 38.55
CA ASP D 285 28.75 4.81 39.30
C ASP D 285 29.52 3.89 40.26
N PRO D 286 30.76 4.25 40.60
CA PRO D 286 31.50 3.44 41.56
C PRO D 286 30.89 3.55 42.93
N PRO D 287 31.03 2.52 43.78
CA PRO D 287 30.39 2.56 45.09
C PRO D 287 31.13 3.51 46.01
N PRO D 288 30.42 4.12 46.98
CA PRO D 288 31.08 5.04 47.88
C PRO D 288 31.91 4.28 48.91
N PRO D 289 33.03 4.85 49.35
CA PRO D 289 33.85 4.18 50.36
C PRO D 289 33.21 4.26 51.73
N PRO D 290 33.00 3.11 52.39
CA PRO D 290 32.38 3.10 53.73
C PRO D 290 33.32 3.60 54.82
N THR E 8 -7.74 -29.57 45.25
CA THR E 8 -7.63 -28.19 44.78
C THR E 8 -6.44 -28.03 43.84
N VAL E 9 -5.24 -28.20 44.37
CA VAL E 9 -4.00 -28.07 43.63
C VAL E 9 -3.19 -29.34 43.84
N ASP E 10 -2.83 -30.03 42.75
CA ASP E 10 -2.03 -31.24 42.81
C ASP E 10 -0.58 -30.87 42.48
N GLN E 11 0.30 -30.98 43.48
CA GLN E 11 1.69 -30.59 43.33
C GLN E 11 2.49 -31.55 42.48
N GLN E 12 2.07 -32.81 42.38
CA GLN E 12 2.79 -33.78 41.58
C GLN E 12 2.68 -33.48 40.10
N GLU E 13 1.55 -32.92 39.67
CA GLU E 13 1.42 -32.45 38.29
C GLU E 13 2.37 -31.28 38.02
N ILE E 14 2.56 -30.40 39.01
CA ILE E 14 3.49 -29.28 38.85
C ILE E 14 4.92 -29.77 38.76
N LEU E 15 5.29 -30.76 39.57
CA LEU E 15 6.64 -31.30 39.51
C LEU E 15 6.89 -32.04 38.21
N ASN E 16 5.90 -32.80 37.73
CA ASN E 16 6.04 -33.49 36.45
C ASN E 16 6.11 -32.52 35.28
N ARG E 17 5.34 -31.43 35.33
CA ARG E 17 5.40 -30.43 34.27
C ARG E 17 6.72 -29.67 34.29
N ALA E 18 7.29 -29.43 35.48
CA ALA E 18 8.60 -28.80 35.56
C ALA E 18 9.69 -29.71 35.00
N ASN E 19 9.64 -31.01 35.35
CA ASN E 19 10.62 -31.95 34.82
C ASN E 19 10.41 -32.24 33.33
N GLU E 20 9.23 -31.96 32.80
CA GLU E 20 9.03 -32.12 31.35
C GLU E 20 9.46 -30.87 30.59
N VAL E 21 9.27 -29.69 31.17
CA VAL E 21 9.75 -28.46 30.54
C VAL E 21 11.27 -28.41 30.54
N GLU E 22 11.91 -28.86 31.63
CA GLU E 22 13.36 -28.85 31.70
C GLU E 22 14.01 -29.91 30.81
N ALA E 23 13.25 -30.85 30.27
CA ALA E 23 13.82 -31.93 29.47
C ALA E 23 14.37 -31.37 28.15
N PRO E 24 15.50 -31.88 27.67
CA PRO E 24 16.14 -31.28 26.50
C PRO E 24 15.43 -31.63 25.20
N MET E 25 15.40 -30.66 24.28
CA MET E 25 14.86 -30.90 22.96
C MET E 25 15.93 -31.50 22.06
N ALA E 26 15.61 -31.63 20.77
CA ALA E 26 16.58 -32.17 19.83
C ALA E 26 17.63 -31.11 19.49
N ASP E 27 18.83 -31.58 19.19
CA ASP E 27 19.91 -30.68 18.85
C ASP E 27 19.73 -30.15 17.43
N PRO E 28 20.08 -28.89 17.17
CA PRO E 28 20.07 -28.40 15.80
C PRO E 28 21.16 -29.07 14.99
N PRO E 29 21.00 -29.15 13.66
CA PRO E 29 22.00 -29.85 12.85
C PRO E 29 23.30 -29.05 12.75
N THR E 30 24.39 -29.79 12.56
CA THR E 30 25.74 -29.22 12.54
C THR E 30 26.39 -29.34 11.17
N ASP E 31 25.58 -29.29 10.11
CA ASP E 31 26.14 -29.29 8.76
C ASP E 31 26.75 -27.94 8.44
N VAL E 32 27.87 -27.97 7.72
CA VAL E 32 28.61 -26.76 7.37
C VAL E 32 28.37 -26.49 5.88
N PRO E 33 27.69 -25.40 5.51
CA PRO E 33 27.43 -25.12 4.10
C PRO E 33 28.67 -24.62 3.38
N ILE E 34 29.25 -25.47 2.55
CA ILE E 34 30.41 -25.09 1.75
C ILE E 34 29.94 -24.29 0.55
N THR E 35 30.86 -23.56 -0.06
CA THR E 35 30.51 -22.67 -1.17
C THR E 35 30.19 -23.48 -2.42
N PRO E 36 29.26 -23.03 -3.26
CA PRO E 36 28.99 -23.75 -4.51
C PRO E 36 30.10 -23.65 -5.53
N CYS E 37 30.83 -22.53 -5.57
CA CYS E 37 31.92 -22.35 -6.51
C CYS E 37 32.97 -21.46 -5.84
N GLU E 38 33.90 -20.94 -6.64
CA GLU E 38 34.94 -20.08 -6.12
C GLU E 38 34.69 -18.60 -6.39
N LEU E 39 33.48 -18.23 -6.79
CA LEU E 39 33.15 -16.83 -6.94
C LEU E 39 33.04 -16.17 -5.57
N THR E 40 33.16 -14.83 -5.56
CA THR E 40 33.13 -14.11 -4.28
C THR E 40 31.71 -14.04 -3.71
N ALA E 41 30.70 -13.94 -4.57
CA ALA E 41 29.32 -13.88 -4.10
C ALA E 41 28.89 -15.21 -3.48
N ALA E 42 29.36 -16.32 -4.04
CA ALA E 42 29.01 -17.63 -3.48
C ALA E 42 29.69 -17.87 -2.15
N LYS E 43 30.95 -17.42 -2.01
CA LYS E 43 31.65 -17.56 -0.74
C LYS E 43 31.05 -16.66 0.32
N ASN E 44 30.59 -15.46 -0.07
CA ASN E 44 29.93 -14.58 0.90
C ASN E 44 28.57 -15.14 1.30
N ALA E 45 27.85 -15.78 0.37
CA ALA E 45 26.58 -16.41 0.72
C ALA E 45 26.77 -17.60 1.66
N ALA E 46 27.81 -18.40 1.42
CA ALA E 46 28.09 -19.53 2.30
C ALA E 46 28.52 -19.07 3.69
N GLN E 47 29.33 -18.01 3.77
CA GLN E 47 29.71 -17.49 5.07
C GLN E 47 28.52 -16.84 5.79
N GLN E 48 27.59 -16.25 5.04
CA GLN E 48 26.37 -15.72 5.65
C GLN E 48 25.50 -16.82 6.20
N LEU E 49 25.44 -17.96 5.51
CA LEU E 49 24.67 -19.09 6.03
C LEU E 49 25.32 -19.70 7.26
N VAL E 50 26.66 -19.74 7.30
CA VAL E 50 27.38 -20.22 8.49
C VAL E 50 27.11 -19.32 9.68
N LEU E 51 27.14 -18.00 9.46
CA LEU E 51 26.91 -17.06 10.57
C LEU E 51 25.45 -17.11 11.04
N SER E 52 24.50 -17.29 10.12
CA SER E 52 23.11 -17.41 10.51
C SER E 52 22.85 -18.70 11.30
N ALA E 53 23.52 -19.80 10.92
CA ALA E 53 23.37 -21.04 11.67
C ALA E 53 23.98 -20.93 13.06
N ASP E 54 25.12 -20.24 13.19
CA ASP E 54 25.72 -20.05 14.50
C ASP E 54 24.86 -19.16 15.39
N ASN E 55 24.25 -18.12 14.80
CA ASN E 55 23.31 -17.27 15.53
C ASN E 55 22.10 -18.07 16.02
N MET E 56 21.59 -18.95 15.16
CA MET E 56 20.43 -19.77 15.52
C MET E 56 20.75 -20.75 16.65
N ARG E 57 21.94 -21.36 16.61
CA ARG E 57 22.32 -22.29 17.67
C ARG E 57 22.56 -21.57 19.00
N GLU E 58 23.14 -20.36 18.94
CA GLU E 58 23.34 -19.57 20.15
C GLU E 58 22.01 -19.19 20.80
N TYR E 59 21.03 -18.77 19.99
CA TYR E 59 19.75 -18.39 20.58
C TYR E 59 18.93 -19.60 21.02
N LEU E 60 19.17 -20.77 20.42
CA LEU E 60 18.51 -21.98 20.93
C LEU E 60 19.10 -22.40 22.28
N ALA E 61 20.41 -22.21 22.48
CA ALA E 61 20.99 -22.47 23.79
C ALA E 61 20.47 -21.47 24.84
N ALA E 62 20.29 -20.21 24.44
CA ALA E 62 19.71 -19.22 25.35
C ALA E 62 18.27 -19.57 25.71
N GLY E 63 17.50 -20.09 24.76
CA GLY E 63 16.16 -20.55 25.05
C GLY E 63 16.13 -21.78 25.95
N ALA E 64 17.15 -22.64 25.85
CA ALA E 64 17.26 -23.76 26.77
C ALA E 64 17.52 -23.29 28.19
N LYS E 65 18.36 -22.25 28.35
CA LYS E 65 18.57 -21.68 29.69
C LYS E 65 17.30 -21.01 30.22
N GLU E 66 16.52 -20.38 29.35
CA GLU E 66 15.26 -19.77 29.79
C GLU E 66 14.24 -20.84 30.20
N ARG E 67 14.22 -21.98 29.50
CA ARG E 67 13.35 -23.07 29.92
C ARG E 67 13.79 -23.68 31.24
N GLN E 68 15.11 -23.70 31.49
CA GLN E 68 15.60 -24.15 32.80
C GLN E 68 15.17 -23.22 33.92
N ARG E 69 15.22 -21.90 33.68
CA ARG E 69 14.72 -20.95 34.68
C ARG E 69 13.21 -21.05 34.88
N LEU E 70 12.47 -21.35 33.81
CA LEU E 70 11.02 -21.55 33.95
C LEU E 70 10.70 -22.81 34.74
N ALA E 71 11.51 -23.86 34.57
CA ALA E 71 11.31 -25.06 35.35
C ALA E 71 11.64 -24.84 36.82
N THR E 72 12.67 -24.03 37.10
CA THR E 72 12.97 -23.64 38.48
C THR E 72 11.83 -22.84 39.10
N SER E 73 11.22 -21.95 38.33
CA SER E 73 10.07 -21.19 38.82
C SER E 73 8.84 -22.09 39.05
N LEU E 74 8.63 -23.09 38.20
CA LEU E 74 7.55 -24.03 38.42
C LEU E 74 7.80 -24.88 39.67
N ARG E 75 9.06 -25.24 39.93
CA ARG E 75 9.38 -25.96 41.17
C ARG E 75 9.17 -25.08 42.39
N ASN E 76 9.45 -23.79 42.29
CA ASN E 76 9.16 -22.89 43.42
C ASN E 76 7.66 -22.72 43.63
N ALA E 77 6.88 -22.67 42.55
CA ALA E 77 5.43 -22.60 42.67
C ALA E 77 4.84 -23.88 43.24
N ALA E 78 5.47 -25.03 42.97
CA ALA E 78 5.05 -26.27 43.60
C ALA E 78 5.45 -26.31 45.07
N LYS E 79 6.63 -25.80 45.40
CA LYS E 79 7.12 -25.76 46.77
C LYS E 79 6.35 -24.76 47.64
N ALA E 80 5.67 -23.80 47.01
CA ALA E 80 4.85 -22.86 47.77
C ALA E 80 3.66 -23.54 48.45
N TYR E 81 3.09 -24.57 47.83
CA TYR E 81 1.94 -25.25 48.42
C TYR E 81 2.37 -26.20 49.53
N GLY E 82 3.16 -27.23 49.19
CA GLY E 82 3.53 -28.23 50.15
C GLY E 82 5.05 -28.38 50.23
N GLU E 83 5.47 -29.36 51.03
CA GLU E 83 6.89 -29.57 51.29
C GLU E 83 7.46 -30.55 50.28
N VAL E 84 8.28 -30.04 49.36
CA VAL E 84 8.89 -30.88 48.35
C VAL E 84 10.14 -31.56 48.92
N ASP E 85 10.59 -32.61 48.26
CA ASP E 85 11.80 -33.32 48.66
C ASP E 85 13.04 -32.47 48.38
N GLU E 127 43.60 -8.93 -28.92
CA GLU E 127 42.42 -8.13 -28.59
C GLU E 127 41.27 -8.88 -27.86
N PRO E 128 40.97 -10.15 -28.17
CA PRO E 128 40.08 -10.90 -27.27
C PRO E 128 40.81 -11.26 -25.98
N ASN E 129 40.23 -10.86 -24.86
CA ASN E 129 40.75 -11.23 -23.54
C ASN E 129 40.12 -12.56 -23.14
N PHE E 130 40.65 -13.63 -23.73
CA PHE E 130 40.20 -14.98 -23.39
C PHE E 130 40.56 -15.39 -21.98
N MET E 131 41.58 -14.76 -21.38
CA MET E 131 42.06 -15.14 -20.05
C MET E 131 41.01 -14.83 -18.99
N ASP E 132 40.39 -13.65 -19.06
CA ASP E 132 39.39 -13.28 -18.07
C ASP E 132 38.11 -14.10 -18.23
N LEU E 133 37.74 -14.42 -19.47
CA LEU E 133 36.54 -15.21 -19.72
C LEU E 133 36.71 -16.64 -19.24
N LYS E 134 37.82 -17.28 -19.60
CA LYS E 134 38.04 -18.65 -19.13
C LYS E 134 38.38 -18.70 -17.65
N GLU E 135 38.88 -17.61 -17.07
CA GLU E 135 39.06 -17.56 -15.62
C GLU E 135 37.73 -17.47 -14.90
N ALA E 136 36.78 -16.69 -15.45
CA ALA E 136 35.45 -16.62 -14.87
C ALA E 136 34.73 -17.96 -14.97
N ALA E 137 34.86 -18.65 -16.11
CA ALA E 137 34.25 -19.97 -16.26
C ALA E 137 34.89 -21.01 -15.34
N ARG E 138 36.22 -20.95 -15.19
CA ARG E 138 36.94 -21.89 -14.33
C ARG E 138 36.54 -21.66 -12.88
N LYS E 139 36.51 -20.41 -12.42
CA LYS E 139 36.05 -20.06 -11.06
C LYS E 139 34.61 -20.45 -10.83
N LEU E 140 33.78 -20.36 -11.88
CA LEU E 140 32.38 -20.75 -11.72
C LEU E 140 32.19 -22.26 -11.65
N GLU E 141 33.13 -23.06 -12.18
CA GLU E 141 32.91 -24.50 -12.17
C GLU E 141 33.76 -25.27 -11.16
N THR E 142 34.64 -24.63 -10.41
CA THR E 142 35.56 -25.38 -9.53
C THR E 142 34.99 -25.56 -8.11
N GLY E 143 33.76 -26.01 -7.98
CA GLY E 143 33.20 -26.09 -6.65
C GLY E 143 32.41 -27.34 -6.34
N ASP E 144 31.69 -27.30 -5.22
CA ASP E 144 30.83 -28.40 -4.79
C ASP E 144 29.51 -28.46 -5.53
N GLN E 145 29.23 -27.44 -6.37
CA GLN E 145 28.03 -27.36 -7.22
C GLN E 145 26.74 -27.38 -6.42
N GLY E 146 26.77 -26.87 -5.20
CA GLY E 146 25.58 -26.83 -4.37
C GLY E 146 25.15 -28.16 -3.80
N ALA E 147 26.07 -29.11 -3.65
CA ALA E 147 25.72 -30.39 -3.05
C ALA E 147 25.76 -30.35 -1.52
N SER E 148 26.38 -29.33 -0.95
CA SER E 148 26.38 -29.17 0.50
C SER E 148 25.33 -28.18 0.97
N LEU E 149 24.79 -27.36 0.07
CA LEU E 149 23.66 -26.51 0.43
C LEU E 149 22.36 -27.29 0.49
N ALA E 150 22.20 -28.29 -0.39
CA ALA E 150 21.01 -29.12 -0.36
C ALA E 150 21.02 -30.14 0.76
N HIS E 151 22.16 -30.32 1.43
CA HIS E 151 22.21 -31.12 2.64
C HIS E 151 22.13 -30.27 3.90
N PHE E 152 22.49 -28.99 3.80
CA PHE E 152 22.24 -28.02 4.86
C PHE E 152 20.75 -27.72 4.97
N ALA E 153 20.09 -27.49 3.83
CA ALA E 153 18.70 -27.11 3.83
C ALA E 153 17.78 -28.26 4.23
N ASP E 154 18.16 -29.51 3.91
CA ASP E 154 17.35 -30.65 4.34
C ASP E 154 17.41 -30.82 5.86
N GLY E 155 18.59 -30.61 6.45
CA GLY E 155 18.70 -30.68 7.89
C GLY E 155 17.94 -29.57 8.59
N TRP E 156 18.07 -28.34 8.10
CA TRP E 156 17.36 -27.24 8.75
C TRP E 156 15.88 -27.19 8.38
N ASN E 157 15.43 -27.98 7.41
CA ASN E 157 14.00 -28.14 7.17
C ASN E 157 13.41 -29.28 7.98
N THR E 158 14.19 -30.33 8.25
CA THR E 158 13.72 -31.36 9.17
C THR E 158 13.71 -30.86 10.61
N PHE E 159 14.63 -29.94 10.95
CA PHE E 159 14.62 -29.37 12.29
C PHE E 159 13.42 -28.44 12.52
N ASN E 160 12.85 -27.89 11.45
CA ASN E 160 11.61 -27.13 11.57
C ASN E 160 10.46 -28.01 12.08
N LEU E 161 10.28 -29.17 11.45
CA LEU E 161 9.25 -30.11 11.89
C LEU E 161 9.59 -30.74 13.23
N THR E 162 10.88 -30.87 13.54
CA THR E 162 11.27 -31.39 14.85
C THR E 162 10.96 -30.39 15.96
N LEU E 163 11.15 -29.10 15.71
CA LEU E 163 10.79 -28.09 16.70
C LEU E 163 9.29 -27.95 16.83
N GLN E 164 8.55 -28.10 15.73
CA GLN E 164 7.09 -28.07 15.85
C GLN E 164 6.52 -29.34 16.47
N GLY E 165 7.27 -30.45 16.46
CA GLY E 165 6.74 -31.69 16.96
C GLY E 165 6.71 -31.82 18.47
N ASP E 166 7.50 -31.01 19.17
CA ASP E 166 7.58 -31.13 20.63
C ASP E 166 7.28 -29.81 21.32
N VAL E 167 6.19 -29.16 20.94
CA VAL E 167 5.64 -28.05 21.69
C VAL E 167 4.51 -28.51 22.61
N LYS E 168 4.38 -29.82 22.82
CA LYS E 168 3.37 -30.36 23.73
C LYS E 168 3.71 -30.11 25.19
N ARG E 169 4.97 -29.81 25.51
CA ARG E 169 5.38 -29.55 26.88
C ARG E 169 4.93 -28.19 27.39
N PHE E 170 4.46 -27.31 26.52
CA PHE E 170 3.98 -25.99 26.92
C PHE E 170 2.46 -25.93 26.97
N ARG E 171 1.80 -27.07 27.17
CA ARG E 171 0.36 -27.10 27.30
C ARG E 171 -0.07 -26.52 28.65
N GLY E 172 -1.33 -26.08 28.71
CA GLY E 172 -1.87 -25.58 29.95
C GLY E 172 -2.09 -26.68 30.96
N PHE E 173 -2.17 -26.29 32.22
CA PHE E 173 -2.33 -27.26 33.30
C PHE E 173 -3.75 -27.79 33.34
N ASP E 174 -3.91 -28.94 33.99
CA ASP E 174 -5.22 -29.59 34.11
C ASP E 174 -5.84 -29.35 35.49
N ASN E 175 -5.13 -29.73 36.55
CA ASN E 175 -5.67 -29.67 37.90
C ASN E 175 -5.23 -28.43 38.67
N TRP E 176 -4.37 -27.60 38.08
CA TRP E 176 -3.87 -26.40 38.75
C TRP E 176 -4.64 -25.20 38.24
N GLU E 177 -5.44 -24.59 39.11
CA GLU E 177 -6.12 -23.34 38.83
C GLU E 177 -5.75 -22.33 39.90
N GLY E 178 -5.86 -21.05 39.56
CA GLY E 178 -5.54 -20.01 40.50
C GLY E 178 -5.00 -18.78 39.77
N ASP E 179 -4.26 -17.97 40.52
CA ASP E 179 -3.71 -16.74 39.98
C ASP E 179 -2.25 -16.89 39.56
N ALA E 180 -1.52 -17.84 40.14
CA ALA E 180 -0.17 -18.15 39.67
C ALA E 180 -0.19 -19.08 38.47
N ALA E 181 -1.23 -19.92 38.37
CA ALA E 181 -1.35 -20.84 37.24
C ALA E 181 -1.58 -20.09 35.93
N THR E 182 -2.30 -18.96 35.98
CA THR E 182 -2.52 -18.16 34.78
C THR E 182 -1.22 -17.52 34.30
N ALA E 183 -0.40 -17.04 35.23
CA ALA E 183 0.88 -16.44 34.86
C ALA E 183 1.86 -17.50 34.35
N CYS E 184 1.84 -18.69 34.95
CA CYS E 184 2.71 -19.76 34.45
C CYS E 184 2.26 -20.26 33.09
N GLU E 185 0.95 -20.31 32.85
CA GLU E 185 0.45 -20.68 31.52
C GLU E 185 0.78 -19.59 30.50
N ALA E 186 0.77 -18.32 30.91
CA ALA E 186 1.18 -17.25 29.99
C ALA E 186 2.66 -17.34 29.65
N SER E 187 3.49 -17.71 30.63
CA SER E 187 4.92 -17.88 30.35
C SER E 187 5.19 -19.08 29.45
N LEU E 188 4.47 -20.18 29.67
CA LEU E 188 4.60 -21.35 28.80
C LEU E 188 4.11 -21.05 27.39
N ASP E 189 3.06 -20.24 27.27
CA ASP E 189 2.56 -19.85 25.94
C ASP E 189 3.54 -18.94 25.23
N GLN E 190 4.21 -18.05 25.98
CA GLN E 190 5.24 -17.20 25.37
C GLN E 190 6.42 -18.03 24.87
N GLN E 191 6.83 -19.03 25.65
CA GLN E 191 7.91 -19.92 25.21
C GLN E 191 7.49 -20.74 23.99
N ARG E 192 6.23 -21.17 23.93
CA ARG E 192 5.74 -21.93 22.79
C ARG E 192 5.71 -21.08 21.52
N GLN E 193 5.21 -19.84 21.62
CA GLN E 193 5.20 -18.96 20.46
C GLN E 193 6.60 -18.60 20.00
N TRP E 194 7.55 -18.46 20.94
CA TRP E 194 8.92 -18.19 20.56
C TRP E 194 9.56 -19.38 19.85
N ILE E 195 9.25 -20.61 20.31
CA ILE E 195 9.80 -21.80 19.65
C ILE E 195 9.21 -21.98 18.25
N LEU E 196 7.92 -21.66 18.10
CA LEU E 196 7.32 -21.73 16.76
C LEU E 196 7.90 -20.67 15.83
N HIS E 197 8.22 -19.48 16.36
CA HIS E 197 8.87 -18.46 15.55
C HIS E 197 10.29 -18.86 15.16
N MET E 198 10.99 -19.55 16.07
CA MET E 198 12.33 -20.05 15.76
C MET E 198 12.29 -21.15 14.71
N ALA E 199 11.25 -21.99 14.73
CA ALA E 199 11.08 -23.00 13.68
C ALA E 199 10.77 -22.35 12.34
N LYS E 200 10.00 -21.26 12.35
CA LYS E 200 9.74 -20.52 11.12
C LYS E 200 11.02 -19.90 10.56
N LEU E 201 11.88 -19.39 11.43
CA LEU E 201 13.17 -18.86 10.99
C LEU E 201 14.09 -19.95 10.46
N SER E 202 14.02 -21.16 11.03
CA SER E 202 14.80 -22.27 10.50
C SER E 202 14.34 -22.65 9.10
N ALA E 203 13.03 -22.65 8.87
CA ALA E 203 12.51 -22.92 7.53
C ALA E 203 12.91 -21.82 6.54
N ALA E 204 12.95 -20.57 7.00
CA ALA E 204 13.39 -19.47 6.13
C ALA E 204 14.87 -19.58 5.76
N MET E 205 15.71 -20.00 6.71
CA MET E 205 17.12 -20.20 6.41
C MET E 205 17.34 -21.37 5.44
N ALA E 206 16.54 -22.43 5.59
CA ALA E 206 16.62 -23.53 4.63
C ALA E 206 16.17 -23.09 3.23
N LYS E 207 15.17 -22.21 3.16
CA LYS E 207 14.75 -21.67 1.86
C LYS E 207 15.82 -20.78 1.25
N GLN E 208 16.57 -20.04 2.07
CA GLN E 208 17.68 -19.24 1.55
C GLN E 208 18.78 -20.12 0.98
N ALA E 209 19.10 -21.23 1.66
CA ALA E 209 20.13 -22.14 1.15
C ALA E 209 19.70 -22.81 -0.14
N GLN E 210 18.43 -23.22 -0.23
CA GLN E 210 17.92 -23.78 -1.48
C GLN E 210 17.88 -22.76 -2.60
N TYR E 211 17.65 -21.48 -2.27
CA TYR E 211 17.65 -20.44 -3.29
C TYR E 211 19.05 -20.20 -3.85
N VAL E 212 20.07 -20.24 -2.99
CA VAL E 212 21.44 -20.09 -3.46
C VAL E 212 21.85 -21.29 -4.32
N ALA E 213 21.40 -22.50 -3.94
CA ALA E 213 21.71 -23.69 -4.74
C ALA E 213 21.05 -23.65 -6.12
N GLN E 214 19.78 -23.23 -6.18
CA GLN E 214 19.10 -23.10 -7.46
C GLN E 214 19.70 -22.00 -8.32
N LEU E 215 20.16 -20.91 -7.68
CA LEU E 215 20.82 -19.84 -8.41
C LEU E 215 22.13 -20.32 -9.02
N HIS E 216 22.89 -21.14 -8.28
CA HIS E 216 24.13 -21.64 -8.86
C HIS E 216 23.88 -22.65 -9.98
N VAL E 217 22.80 -23.44 -9.88
CA VAL E 217 22.44 -24.35 -10.96
C VAL E 217 22.08 -23.57 -12.22
N TRP E 218 21.33 -22.48 -12.07
CA TRP E 218 21.01 -21.62 -13.20
C TRP E 218 22.26 -20.94 -13.76
N ALA E 219 23.16 -20.51 -12.88
CA ALA E 219 24.33 -19.75 -13.32
C ALA E 219 25.38 -20.66 -13.95
N ARG E 220 25.29 -21.96 -13.71
CA ARG E 220 26.17 -22.87 -14.44
C ARG E 220 25.49 -23.38 -15.70
N ARG E 221 24.17 -23.35 -15.76
CA ARG E 221 23.48 -23.69 -17.00
C ARG E 221 23.63 -22.58 -18.04
N GLU E 222 23.58 -21.32 -17.61
CA GLU E 222 23.53 -20.19 -18.54
C GLU E 222 24.91 -19.76 -19.02
N HIS E 223 25.92 -19.82 -18.15
CA HIS E 223 27.25 -19.37 -18.50
C HIS E 223 27.87 -20.30 -19.54
N PRO E 224 28.67 -19.79 -20.46
CA PRO E 224 29.37 -20.66 -21.42
C PRO E 224 30.41 -21.52 -20.73
N THR E 225 30.50 -22.78 -21.16
CA THR E 225 31.34 -23.77 -20.51
C THR E 225 32.82 -23.46 -20.75
N TYR E 226 33.67 -24.06 -19.90
CA TYR E 226 35.10 -23.83 -19.96
C TYR E 226 35.71 -24.45 -21.22
N GLU E 227 35.25 -25.65 -21.58
CA GLU E 227 35.84 -26.37 -22.71
C GLU E 227 35.48 -25.70 -24.03
N ASP E 228 34.30 -25.06 -24.09
CA ASP E 228 33.93 -24.34 -25.31
C ASP E 228 34.77 -23.09 -25.50
N ILE E 229 35.10 -22.40 -24.41
CA ILE E 229 35.96 -21.22 -24.49
C ILE E 229 37.39 -21.63 -24.84
N VAL E 230 37.86 -22.75 -24.28
CA VAL E 230 39.18 -23.28 -24.65
C VAL E 230 39.24 -23.70 -26.11
N GLY E 231 38.18 -24.33 -26.63
CA GLY E 231 38.13 -24.64 -28.05
C GLY E 231 38.04 -23.43 -28.96
N LEU E 232 37.30 -22.40 -28.53
CA LEU E 232 37.25 -21.16 -29.30
C LEU E 232 38.59 -20.42 -29.29
N GLU E 233 39.37 -20.55 -28.21
CA GLU E 233 40.70 -19.95 -28.18
C GLU E 233 41.65 -20.63 -29.16
N ARG E 234 41.58 -21.97 -29.26
CA ARG E 234 42.39 -22.67 -30.25
C ARG E 234 41.90 -22.40 -31.67
N LEU E 235 40.59 -22.20 -31.86
CA LEU E 235 40.09 -21.81 -33.17
C LEU E 235 40.54 -20.41 -33.55
N TYR E 236 40.69 -19.52 -32.56
CA TYR E 236 41.24 -18.20 -32.83
C TYR E 236 42.73 -18.24 -33.10
N ALA E 237 43.44 -19.16 -32.46
CA ALA E 237 44.90 -19.18 -32.59
C ALA E 237 45.35 -19.87 -33.87
N GLU E 238 44.64 -20.90 -34.31
CA GLU E 238 45.10 -21.71 -35.43
C GLU E 238 44.92 -21.02 -36.78
N ASN E 239 43.90 -20.19 -36.95
CA ASN E 239 43.59 -19.58 -38.25
C ASN E 239 43.10 -18.16 -38.04
N PRO E 240 43.96 -17.16 -38.28
CA PRO E 240 43.50 -15.77 -38.17
C PRO E 240 42.61 -15.32 -39.32
N SER E 241 42.48 -16.12 -40.39
CA SER E 241 41.66 -15.76 -41.54
C SER E 241 40.18 -15.64 -41.18
N ALA E 242 39.73 -16.32 -40.13
CA ALA E 242 38.36 -16.19 -39.64
C ALA E 242 38.26 -15.24 -38.46
N ARG E 243 39.22 -14.31 -38.31
CA ARG E 243 39.16 -13.35 -37.20
C ARG E 243 38.00 -12.37 -37.33
N ASP E 244 37.46 -12.18 -38.54
CA ASP E 244 36.25 -11.39 -38.71
C ASP E 244 34.99 -12.23 -38.63
N GLN E 245 35.10 -13.51 -38.28
CA GLN E 245 33.96 -14.41 -38.27
C GLN E 245 33.61 -14.92 -36.87
N ILE E 246 34.59 -15.42 -36.12
CA ILE E 246 34.33 -15.96 -34.78
C ILE E 246 34.36 -14.88 -33.71
N LEU E 247 34.80 -13.67 -34.03
CA LEU E 247 34.81 -12.58 -33.07
C LEU E 247 33.41 -12.05 -32.71
N PRO E 248 32.40 -12.01 -33.60
CA PRO E 248 31.05 -11.76 -33.09
C PRO E 248 30.50 -12.85 -32.18
N VAL E 249 30.93 -14.09 -32.37
CA VAL E 249 30.54 -15.16 -31.46
C VAL E 249 31.16 -14.94 -30.08
N TYR E 250 32.47 -14.66 -30.05
CA TYR E 250 33.18 -14.42 -28.80
C TYR E 250 32.61 -13.22 -28.05
N ALA E 251 32.27 -12.15 -28.79
CA ALA E 251 31.63 -10.99 -28.18
C ALA E 251 30.31 -11.38 -27.53
N GLU E 252 29.54 -12.27 -28.18
CA GLU E 252 28.33 -12.79 -27.56
C GLU E 252 28.66 -13.57 -26.30
N TYR E 253 29.74 -14.36 -26.35
CA TYR E 253 30.21 -15.09 -25.18
C TYR E 253 30.61 -14.14 -24.07
N GLN E 254 31.10 -12.95 -24.42
CA GLN E 254 31.38 -11.95 -23.41
C GLN E 254 30.09 -11.48 -22.76
N GLN E 255 29.10 -11.12 -23.59
CA GLN E 255 27.91 -10.41 -23.09
C GLN E 255 27.07 -11.33 -22.21
N ARG E 256 26.88 -12.57 -22.66
CA ARG E 256 26.17 -13.57 -21.86
C ARG E 256 26.89 -13.84 -20.55
N SER E 257 28.24 -13.85 -20.57
CA SER E 257 28.98 -14.03 -19.32
C SER E 257 28.76 -12.85 -18.39
N GLU E 258 28.70 -11.63 -18.94
CA GLU E 258 28.42 -10.47 -18.11
C GLU E 258 26.99 -10.50 -17.60
N LYS E 259 26.09 -11.18 -18.32
CA LYS E 259 24.74 -11.33 -17.80
C LYS E 259 24.71 -12.29 -16.62
N VAL E 260 25.59 -13.30 -16.63
CA VAL E 260 25.55 -14.32 -15.58
C VAL E 260 26.14 -13.77 -14.29
N LEU E 261 27.36 -13.21 -14.36
CA LEU E 261 28.07 -12.79 -13.17
C LEU E 261 27.39 -11.60 -12.49
N THR E 262 26.82 -10.68 -13.28
CA THR E 262 26.00 -9.61 -12.72
C THR E 262 24.79 -10.17 -12.00
N GLU E 263 24.17 -11.22 -12.55
CA GLU E 263 23.08 -11.86 -11.85
C GLU E 263 23.55 -12.63 -10.63
N TYR E 264 24.81 -13.03 -10.59
CA TYR E 264 25.30 -13.75 -9.42
C TYR E 264 25.63 -12.79 -8.29
N ASN E 265 26.21 -11.63 -8.60
CA ASN E 265 26.52 -10.66 -7.55
C ASN E 265 25.26 -9.95 -7.04
N ASN E 266 24.18 -9.95 -7.81
CA ASN E 266 22.96 -9.31 -7.34
C ASN E 266 22.04 -10.25 -6.58
N LYS E 267 21.93 -11.52 -7.00
CA LYS E 267 20.96 -12.42 -6.41
C LYS E 267 21.50 -13.25 -5.25
N ALA E 268 22.81 -13.47 -5.17
CA ALA E 268 23.40 -14.25 -4.10
C ALA E 268 23.84 -13.40 -2.93
N ALA E 269 23.20 -12.26 -2.71
CA ALA E 269 23.47 -11.42 -1.54
C ALA E 269 22.35 -11.67 -0.54
N LEU E 270 22.63 -12.52 0.45
CA LEU E 270 21.62 -12.95 1.41
C LEU E 270 21.49 -11.94 2.54
N GLU E 271 20.27 -11.76 3.02
CA GLU E 271 20.16 -10.97 4.23
C GLU E 271 20.31 -11.87 5.45
N PRO E 272 20.89 -11.39 6.55
CA PRO E 272 21.07 -12.25 7.72
C PRO E 272 19.76 -12.55 8.42
N VAL E 273 19.74 -13.69 9.10
CA VAL E 273 18.59 -14.12 9.88
C VAL E 273 18.94 -13.92 11.35
N ASN E 274 18.56 -12.76 11.90
CA ASN E 274 18.81 -12.51 13.31
C ASN E 274 17.57 -12.91 14.10
N PRO E 275 17.65 -13.89 14.99
CA PRO E 275 16.47 -14.31 15.72
C PRO E 275 16.23 -13.41 16.91
N PRO E 276 15.01 -13.35 17.42
CA PRO E 276 14.77 -12.62 18.68
C PRO E 276 15.26 -13.45 19.85
N LYS E 277 15.78 -12.76 20.87
CA LYS E 277 16.20 -13.43 22.08
C LYS E 277 14.98 -14.00 22.80
N PRO E 278 15.13 -15.12 23.50
CA PRO E 278 13.97 -15.77 24.13
C PRO E 278 13.37 -14.90 25.22
N PRO E 279 12.06 -14.92 25.38
CA PRO E 279 11.41 -14.07 26.38
C PRO E 279 11.73 -14.54 27.78
N PRO E 280 11.86 -13.62 28.73
CA PRO E 280 12.28 -14.01 30.08
C PRO E 280 11.19 -14.77 30.80
N ALA E 281 11.59 -15.85 31.46
CA ALA E 281 10.66 -16.64 32.25
C ALA E 281 10.20 -15.86 33.47
N ILE E 282 9.03 -16.25 33.99
CA ILE E 282 8.52 -15.63 35.20
C ILE E 282 9.41 -16.06 36.37
N LYS E 283 9.68 -15.12 37.28
CA LYS E 283 10.50 -15.40 38.45
C LYS E 283 9.60 -15.47 39.66
N ILE E 284 9.34 -16.68 40.15
CA ILE E 284 8.58 -16.91 41.36
C ILE E 284 9.58 -17.28 42.44
N ASP E 285 9.71 -16.40 43.44
CA ASP E 285 10.67 -16.62 44.51
C ASP E 285 10.22 -17.76 45.41
N PRO E 286 11.16 -18.46 46.05
CA PRO E 286 10.77 -19.51 47.00
C PRO E 286 10.09 -18.92 48.21
N PRO E 287 9.19 -19.67 48.86
CA PRO E 287 8.47 -19.11 50.01
C PRO E 287 9.39 -18.99 51.22
N PRO E 288 9.14 -18.03 52.11
CA PRO E 288 9.99 -17.90 53.29
C PRO E 288 9.67 -18.97 54.30
N PRO E 289 10.66 -19.44 55.06
CA PRO E 289 10.40 -20.46 56.07
C PRO E 289 9.70 -19.87 57.27
N PRO E 290 8.54 -20.43 57.67
CA PRO E 290 7.79 -19.91 58.83
C PRO E 290 8.45 -20.26 60.16
N THR F 8 -38.71 -12.18 36.83
CA THR F 8 -37.51 -11.36 36.64
C THR F 8 -36.39 -12.19 36.00
N VAL F 9 -35.91 -13.19 36.73
CA VAL F 9 -34.84 -14.07 36.28
C VAL F 9 -35.33 -15.51 36.43
N ASP F 10 -35.31 -16.26 35.33
CA ASP F 10 -35.71 -17.67 35.33
C ASP F 10 -34.45 -18.52 35.38
N GLN F 11 -34.26 -19.22 36.50
CA GLN F 11 -33.04 -20.02 36.69
C GLN F 11 -33.03 -21.29 35.87
N GLN F 12 -34.19 -21.79 35.45
CA GLN F 12 -34.24 -23.01 34.67
C GLN F 12 -33.67 -22.78 33.26
N GLU F 13 -33.87 -21.57 32.72
CA GLU F 13 -33.23 -21.21 31.46
C GLU F 13 -31.71 -21.18 31.60
N ILE F 14 -31.22 -20.72 32.75
CA ILE F 14 -29.77 -20.67 32.98
C ILE F 14 -29.20 -22.08 33.09
N LEU F 15 -29.92 -22.99 33.78
CA LEU F 15 -29.45 -24.36 33.90
C LEU F 15 -29.49 -25.08 32.55
N ASN F 16 -30.53 -24.84 31.75
CA ASN F 16 -30.62 -25.45 30.43
C ASN F 16 -29.55 -24.91 29.49
N ARG F 17 -29.24 -23.61 29.58
CA ARG F 17 -28.18 -23.05 28.75
C ARG F 17 -26.81 -23.54 29.18
N ALA F 18 -26.60 -23.77 30.49
CA ALA F 18 -25.34 -24.34 30.93
C ALA F 18 -25.18 -25.78 30.46
N ASN F 19 -26.25 -26.57 30.55
CA ASN F 19 -26.18 -27.95 30.06
C ASN F 19 -26.13 -28.03 28.55
N GLU F 20 -26.52 -26.98 27.83
CA GLU F 20 -26.38 -26.99 26.38
C GLU F 20 -24.98 -26.52 25.95
N VAL F 21 -24.39 -25.58 26.69
CA VAL F 21 -23.02 -25.16 26.41
C VAL F 21 -22.04 -26.28 26.72
N GLU F 22 -22.27 -27.01 27.81
CA GLU F 22 -21.37 -28.10 28.18
C GLU F 22 -21.49 -29.32 27.26
N ALA F 23 -22.52 -29.38 26.41
CA ALA F 23 -22.73 -30.54 25.56
C ALA F 23 -21.63 -30.63 24.50
N PRO F 24 -21.16 -31.85 24.18
CA PRO F 24 -20.01 -31.98 23.28
C PRO F 24 -20.37 -31.72 21.83
N MET F 25 -19.43 -31.09 21.12
CA MET F 25 -19.58 -30.88 19.69
C MET F 25 -19.12 -32.12 18.94
N ALA F 26 -19.07 -32.01 17.62
CA ALA F 26 -18.60 -33.13 16.80
C ALA F 26 -17.10 -33.24 16.87
N ASP F 27 -16.61 -34.47 16.75
CA ASP F 27 -15.17 -34.70 16.80
C ASP F 27 -14.52 -34.27 15.49
N PRO F 28 -13.30 -33.72 15.55
CA PRO F 28 -12.59 -33.43 14.31
C PRO F 28 -12.17 -34.72 13.62
N PRO F 29 -11.98 -34.71 12.31
CA PRO F 29 -11.64 -35.95 11.59
C PRO F 29 -10.23 -36.41 11.90
N THR F 30 -10.04 -37.73 11.81
CA THR F 30 -8.77 -38.37 12.16
C THR F 30 -8.08 -38.98 10.95
N ASP F 31 -8.26 -38.38 9.78
CA ASP F 31 -7.56 -38.85 8.60
C ASP F 31 -6.09 -38.44 8.65
N VAL F 32 -5.22 -39.32 8.18
CA VAL F 32 -3.79 -39.10 8.20
C VAL F 32 -3.34 -38.80 6.77
N PRO F 33 -2.86 -37.59 6.48
CA PRO F 33 -2.45 -37.27 5.12
C PRO F 33 -1.10 -37.89 4.76
N ILE F 34 -1.14 -38.92 3.93
CA ILE F 34 0.07 -39.57 3.46
C ILE F 34 0.68 -38.72 2.36
N THR F 35 1.96 -38.97 2.07
CA THR F 35 2.69 -38.17 1.11
C THR F 35 2.24 -38.51 -0.31
N PRO F 36 2.21 -37.53 -1.23
CA PRO F 36 1.84 -37.83 -2.62
C PRO F 36 2.89 -38.65 -3.35
N CYS F 37 4.17 -38.47 -3.05
CA CYS F 37 5.24 -39.21 -3.70
C CYS F 37 6.37 -39.38 -2.68
N GLU F 38 7.55 -39.78 -3.16
CA GLU F 38 8.69 -39.98 -2.30
C GLU F 38 9.69 -38.83 -2.35
N LEU F 39 9.31 -37.69 -2.91
CA LEU F 39 10.16 -36.52 -2.87
C LEU F 39 10.22 -35.96 -1.45
N THR F 40 11.27 -35.17 -1.18
CA THR F 40 11.43 -34.63 0.17
C THR F 40 10.45 -33.50 0.44
N ALA F 41 10.12 -32.71 -0.58
CA ALA F 41 9.18 -31.61 -0.38
C ALA F 41 7.77 -32.12 -0.11
N ALA F 42 7.39 -33.23 -0.75
CA ALA F 42 6.07 -33.80 -0.52
C ALA F 42 5.97 -34.43 0.86
N LYS F 43 7.04 -35.08 1.32
CA LYS F 43 7.03 -35.65 2.66
C LYS F 43 7.04 -34.57 3.73
N ASN F 44 7.74 -33.45 3.48
CA ASN F 44 7.70 -32.34 4.42
C ASN F 44 6.34 -31.66 4.44
N ALA F 45 5.67 -31.58 3.29
CA ALA F 45 4.32 -31.02 3.26
C ALA F 45 3.31 -31.91 3.97
N ALA F 46 3.45 -33.24 3.82
CA ALA F 46 2.55 -34.15 4.52
C ALA F 46 2.78 -34.13 6.03
N GLN F 47 4.04 -34.04 6.45
CA GLN F 47 4.32 -33.92 7.89
C GLN F 47 3.86 -32.59 8.44
N GLN F 48 3.91 -31.52 7.64
CA GLN F 48 3.39 -30.24 8.07
C GLN F 48 1.87 -30.27 8.24
N LEU F 49 1.18 -31.01 7.35
CA LEU F 49 -0.27 -31.15 7.50
C LEU F 49 -0.63 -32.00 8.70
N VAL F 50 0.16 -33.03 9.00
CA VAL F 50 -0.06 -33.84 10.20
C VAL F 50 0.12 -33.00 11.46
N LEU F 51 1.16 -32.17 11.50
CA LEU F 51 1.40 -31.34 12.68
C LEU F 51 0.34 -30.25 12.84
N SER F 52 -0.14 -29.69 11.72
CA SER F 52 -1.21 -28.71 11.80
C SER F 52 -2.52 -29.33 12.27
N ALA F 53 -2.82 -30.57 11.84
CA ALA F 53 -4.02 -31.25 12.32
C ALA F 53 -3.94 -31.58 13.80
N ASP F 54 -2.74 -31.98 14.27
CA ASP F 54 -2.58 -32.26 15.70
C ASP F 54 -2.71 -30.99 16.54
N ASN F 55 -2.17 -29.88 16.04
CA ASN F 55 -2.33 -28.58 16.69
C ASN F 55 -3.80 -28.17 16.78
N MET F 56 -4.54 -28.40 15.68
CA MET F 56 -5.96 -28.06 15.65
C MET F 56 -6.77 -28.89 16.63
N ARG F 57 -6.46 -30.19 16.73
CA ARG F 57 -7.20 -31.06 17.66
C ARG F 57 -6.87 -30.72 19.11
N GLU F 58 -5.61 -30.36 19.39
CA GLU F 58 -5.23 -29.94 20.74
C GLU F 58 -5.95 -28.66 21.15
N TYR F 59 -6.05 -27.69 20.26
CA TYR F 59 -6.72 -26.45 20.63
C TYR F 59 -8.24 -26.62 20.67
N LEU F 60 -8.79 -27.58 19.94
CA LEU F 60 -10.22 -27.86 20.08
C LEU F 60 -10.52 -28.53 21.41
N ALA F 61 -9.62 -29.39 21.91
CA ALA F 61 -9.80 -29.94 23.25
C ALA F 61 -9.68 -28.87 24.33
N ALA F 62 -8.76 -27.91 24.13
CA ALA F 62 -8.64 -26.80 25.06
C ALA F 62 -9.89 -25.93 25.07
N GLY F 63 -10.49 -25.72 23.90
CA GLY F 63 -11.75 -25.01 23.84
C GLY F 63 -12.91 -25.76 24.47
N ALA F 64 -12.88 -27.10 24.42
CA ALA F 64 -13.88 -27.87 25.13
C ALA F 64 -13.75 -27.71 26.64
N LYS F 65 -12.51 -27.65 27.14
CA LYS F 65 -12.32 -27.39 28.56
C LYS F 65 -12.76 -25.98 28.95
N GLU F 66 -12.55 -25.01 28.06
CA GLU F 66 -13.02 -23.65 28.34
C GLU F 66 -14.54 -23.55 28.34
N ARG F 67 -15.20 -24.31 27.46
CA ARG F 67 -16.66 -24.36 27.49
C ARG F 67 -17.18 -25.05 28.75
N GLN F 68 -16.44 -26.04 29.25
CA GLN F 68 -16.81 -26.66 30.53
C GLN F 68 -16.70 -25.67 31.69
N ARG F 69 -15.64 -24.86 31.70
CA ARG F 69 -15.52 -23.83 32.73
C ARG F 69 -16.59 -22.76 32.61
N LEU F 70 -16.99 -22.42 31.37
CA LEU F 70 -18.07 -21.46 31.18
C LEU F 70 -19.41 -22.02 31.63
N ALA F 71 -19.63 -23.32 31.45
CA ALA F 71 -20.86 -23.94 31.95
C ALA F 71 -20.87 -23.99 33.47
N THR F 72 -19.71 -24.21 34.09
CA THR F 72 -19.61 -24.13 35.55
C THR F 72 -19.90 -22.73 36.06
N SER F 73 -19.42 -21.71 35.36
CA SER F 73 -19.72 -20.34 35.74
C SER F 73 -21.20 -19.98 35.55
N LEU F 74 -21.84 -20.51 34.50
CA LEU F 74 -23.27 -20.31 34.33
C LEU F 74 -24.07 -21.01 35.43
N ARG F 75 -23.62 -22.19 35.88
CA ARG F 75 -24.27 -22.84 36.99
C ARG F 75 -24.09 -22.08 38.29
N ASN F 76 -22.94 -21.44 38.49
CA ASN F 76 -22.76 -20.59 39.67
C ASN F 76 -23.64 -19.34 39.61
N ALA F 77 -23.79 -18.77 38.41
CA ALA F 77 -24.68 -17.62 38.25
C ALA F 77 -26.13 -17.99 38.45
N ALA F 78 -26.51 -19.23 38.11
CA ALA F 78 -27.85 -19.70 38.41
C ALA F 78 -28.03 -19.98 39.90
N LYS F 79 -27.01 -20.53 40.54
CA LYS F 79 -27.04 -20.81 41.98
C LYS F 79 -27.02 -19.56 42.83
N ALA F 80 -26.57 -18.43 42.27
CA ALA F 80 -26.60 -17.16 43.00
C ALA F 80 -28.03 -16.70 43.29
N TYR F 81 -28.97 -16.96 42.39
CA TYR F 81 -30.34 -16.52 42.61
C TYR F 81 -31.07 -17.43 43.60
N GLY F 82 -31.24 -18.70 43.24
CA GLY F 82 -32.00 -19.63 44.06
C GLY F 82 -31.18 -20.85 44.42
N GLU F 83 -31.85 -21.78 45.09
CA GLU F 83 -31.19 -22.98 45.60
C GLU F 83 -31.28 -24.09 44.56
N VAL F 84 -30.14 -24.41 43.94
CA VAL F 84 -30.11 -25.47 42.94
C VAL F 84 -29.97 -26.82 43.62
N ASP F 85 -30.29 -27.88 42.88
CA ASP F 85 -30.16 -29.24 43.37
C ASP F 85 -28.68 -29.64 43.51
N GLU F 127 28.38 -40.01 -20.50
CA GLU F 127 28.14 -38.59 -20.29
C GLU F 127 26.68 -38.19 -19.95
N PRO F 128 25.64 -38.81 -20.54
CA PRO F 128 24.30 -38.61 -19.98
C PRO F 128 24.13 -39.34 -18.65
N ASN F 129 23.78 -38.59 -17.61
CA ASN F 129 23.47 -39.19 -16.31
C ASN F 129 22.00 -39.57 -16.28
N PHE F 130 21.70 -40.69 -16.93
CA PHE F 130 20.34 -41.23 -16.95
C PHE F 130 19.89 -41.71 -15.59
N MET F 131 20.83 -42.06 -14.70
CA MET F 131 20.49 -42.60 -13.40
C MET F 131 19.78 -41.58 -12.52
N ASP F 132 20.27 -40.33 -12.51
CA ASP F 132 19.65 -39.30 -11.69
C ASP F 132 18.30 -38.89 -12.24
N LEU F 133 18.17 -38.86 -13.57
CA LEU F 133 16.90 -38.48 -14.20
C LEU F 133 15.82 -39.53 -13.96
N LYS F 134 16.15 -40.81 -14.19
CA LYS F 134 15.15 -41.84 -13.95
C LYS F 134 14.93 -42.09 -12.46
N GLU F 135 15.90 -41.72 -11.60
CA GLU F 135 15.66 -41.77 -10.17
C GLU F 135 14.70 -40.69 -9.73
N ALA F 136 14.82 -39.48 -10.30
CA ALA F 136 13.88 -38.41 -10.00
C ALA F 136 12.48 -38.75 -10.49
N ALA F 137 12.37 -39.34 -11.68
CA ALA F 137 11.06 -39.75 -12.18
C ALA F 137 10.45 -40.88 -11.36
N ARG F 138 11.27 -41.84 -10.94
CA ARG F 138 10.82 -42.97 -10.13
C ARG F 138 10.34 -42.46 -8.77
N LYS F 139 11.11 -41.60 -8.11
CA LYS F 139 10.72 -40.99 -6.83
C LYS F 139 9.47 -40.14 -6.98
N LEU F 140 9.29 -39.50 -8.12
CA LEU F 140 8.09 -38.70 -8.33
C LEU F 140 6.86 -39.54 -8.58
N GLU F 141 6.99 -40.78 -9.04
CA GLU F 141 5.80 -41.57 -9.33
C GLU F 141 5.49 -42.68 -8.33
N THR F 142 6.31 -42.90 -7.30
CA THR F 142 6.09 -44.05 -6.41
C THR F 142 5.24 -43.69 -5.20
N GLY F 143 4.10 -43.05 -5.40
CA GLY F 143 3.34 -42.63 -4.24
C GLY F 143 1.83 -42.84 -4.32
N ASP F 144 1.12 -42.23 -3.39
CA ASP F 144 -0.34 -42.30 -3.34
C ASP F 144 -1.01 -41.35 -4.33
N GLN F 145 -0.22 -40.52 -5.02
CA GLN F 145 -0.68 -39.59 -6.06
C GLN F 145 -1.72 -38.59 -5.56
N GLY F 146 -1.65 -38.25 -4.28
CA GLY F 146 -2.59 -37.28 -3.73
C GLY F 146 -3.98 -37.81 -3.50
N ALA F 147 -4.14 -39.12 -3.33
CA ALA F 147 -5.45 -39.69 -3.05
C ALA F 147 -5.81 -39.63 -1.58
N SER F 148 -4.83 -39.41 -0.70
CA SER F 148 -5.10 -39.25 0.72
C SER F 148 -5.16 -37.79 1.13
N LEU F 149 -4.66 -36.88 0.30
CA LEU F 149 -4.83 -35.46 0.57
C LEU F 149 -6.23 -35.00 0.22
N ALA F 150 -6.83 -35.56 -0.84
CA ALA F 150 -8.19 -35.20 -1.21
C ALA F 150 -9.23 -35.83 -0.30
N HIS F 151 -8.83 -36.79 0.54
CA HIS F 151 -9.71 -37.31 1.58
C HIS F 151 -9.47 -36.65 2.92
N PHE F 152 -8.29 -36.08 3.12
CA PHE F 152 -8.02 -35.22 4.27
C PHE F 152 -8.76 -33.89 4.13
N ALA F 153 -8.69 -33.29 2.95
CA ALA F 153 -9.29 -31.98 2.73
C ALA F 153 -10.81 -32.04 2.73
N ASP F 154 -11.40 -33.14 2.27
CA ASP F 154 -12.86 -33.28 2.31
C ASP F 154 -13.35 -33.38 3.75
N GLY F 155 -12.63 -34.10 4.60
CA GLY F 155 -13.00 -34.18 6.00
C GLY F 155 -12.83 -32.86 6.72
N TRP F 156 -11.72 -32.17 6.50
CA TRP F 156 -11.54 -30.89 7.16
C TRP F 156 -12.32 -29.75 6.53
N ASN F 157 -12.93 -29.96 5.36
CA ASN F 157 -13.87 -29.00 4.81
C ASN F 157 -15.30 -29.27 5.28
N THR F 158 -15.66 -30.54 5.50
CA THR F 158 -16.95 -30.83 6.10
C THR F 158 -16.97 -30.43 7.58
N PHE F 159 -15.82 -30.51 8.26
CA PHE F 159 -15.75 -30.09 9.65
C PHE F 159 -15.89 -28.57 9.80
N ASN F 160 -15.56 -27.81 8.75
CA ASN F 160 -15.81 -26.38 8.75
C ASN F 160 -17.31 -26.07 8.85
N LEU F 161 -18.10 -26.71 8.00
CA LEU F 161 -19.55 -26.54 8.04
C LEU F 161 -20.16 -27.16 9.29
N THR F 162 -19.53 -28.21 9.82
CA THR F 162 -20.03 -28.79 11.07
C THR F 162 -19.79 -27.86 12.25
N LEU F 163 -18.64 -27.18 12.29
CA LEU F 163 -18.40 -26.21 13.34
C LEU F 163 -19.26 -24.97 13.19
N GLN F 164 -19.55 -24.56 11.96
CA GLN F 164 -20.46 -23.44 11.78
C GLN F 164 -21.92 -23.81 12.04
N GLY F 165 -22.25 -25.10 11.99
CA GLY F 165 -23.64 -25.50 12.13
C GLY F 165 -24.15 -25.50 13.56
N ASP F 166 -23.25 -25.56 14.54
CA ASP F 166 -23.69 -25.64 15.93
C ASP F 166 -23.09 -24.52 16.77
N VAL F 167 -23.20 -23.29 16.30
CA VAL F 167 -22.93 -22.11 17.12
C VAL F 167 -24.22 -21.52 17.68
N LYS F 168 -25.32 -22.28 17.63
CA LYS F 168 -26.58 -21.84 18.21
C LYS F 168 -26.58 -21.88 19.73
N ARG F 169 -25.66 -22.62 20.34
CA ARG F 169 -25.57 -22.71 21.79
C ARG F 169 -25.00 -21.47 22.44
N PHE F 170 -24.41 -20.56 21.66
CA PHE F 170 -23.85 -19.32 22.18
C PHE F 170 -24.77 -18.13 21.94
N ARG F 171 -26.07 -18.38 21.79
CA ARG F 171 -27.02 -17.30 21.62
C ARG F 171 -27.23 -16.55 22.94
N GLY F 172 -27.71 -15.32 22.82
CA GLY F 172 -28.02 -14.53 23.99
C GLY F 172 -29.23 -15.06 24.72
N PHE F 173 -29.34 -14.68 25.99
CA PHE F 173 -30.42 -15.17 26.82
C PHE F 173 -31.72 -14.44 26.48
N ASP F 174 -32.84 -15.05 26.87
CA ASP F 174 -34.17 -14.49 26.61
C ASP F 174 -34.75 -13.82 27.84
N ASN F 175 -34.87 -14.56 28.95
CA ASN F 175 -35.52 -14.06 30.15
C ASN F 175 -34.54 -13.56 31.20
N TRP F 176 -33.24 -13.68 30.96
CA TRP F 176 -32.22 -13.24 31.91
C TRP F 176 -31.68 -11.89 31.48
N GLU F 177 -31.98 -10.86 32.26
CA GLU F 177 -31.41 -9.54 32.08
C GLU F 177 -30.73 -9.11 33.37
N GLY F 178 -29.76 -8.22 33.25
CA GLY F 178 -29.05 -7.73 34.41
C GLY F 178 -27.63 -7.36 34.04
N ASP F 179 -26.77 -7.34 35.05
CA ASP F 179 -25.37 -6.99 34.86
C ASP F 179 -24.46 -8.20 34.72
N ALA F 180 -24.85 -9.35 35.26
CA ALA F 180 -24.12 -10.58 35.02
C ALA F 180 -24.50 -11.23 33.71
N ALA F 181 -25.73 -11.01 33.24
CA ALA F 181 -26.16 -11.56 31.96
C ALA F 181 -25.42 -10.94 30.80
N THR F 182 -25.05 -9.65 30.90
CA THR F 182 -24.28 -9.00 29.84
C THR F 182 -22.87 -9.58 29.76
N ALA F 183 -22.26 -9.85 30.91
CA ALA F 183 -20.92 -10.43 30.91
C ALA F 183 -20.94 -11.88 30.43
N CYS F 184 -21.99 -12.63 30.78
CA CYS F 184 -22.09 -14.00 30.30
C CYS F 184 -22.39 -14.05 28.81
N GLU F 185 -23.18 -13.10 28.29
CA GLU F 185 -23.39 -13.00 26.85
C GLU F 185 -22.13 -12.59 26.12
N ALA F 186 -21.31 -11.73 26.75
CA ALA F 186 -20.02 -11.37 26.14
C ALA F 186 -19.07 -12.55 26.10
N SER F 187 -19.08 -13.39 27.14
CA SER F 187 -18.24 -14.59 27.14
C SER F 187 -18.71 -15.60 26.10
N LEU F 188 -20.03 -15.78 25.97
CA LEU F 188 -20.56 -16.68 24.96
C LEU F 188 -20.28 -16.15 23.55
N ASP F 189 -20.30 -14.84 23.36
CA ASP F 189 -19.99 -14.27 22.06
C ASP F 189 -18.50 -14.42 21.74
N GLN F 190 -17.64 -14.32 22.74
CA GLN F 190 -16.21 -14.56 22.53
C GLN F 190 -15.95 -16.01 22.13
N GLN F 191 -16.63 -16.95 22.79
CA GLN F 191 -16.48 -18.36 22.41
C GLN F 191 -17.02 -18.63 21.02
N ARG F 192 -18.11 -17.95 20.63
CA ARG F 192 -18.67 -18.13 19.29
C ARG F 192 -17.73 -17.59 18.22
N GLN F 193 -17.16 -16.40 18.43
CA GLN F 193 -16.20 -15.86 17.48
C GLN F 193 -14.93 -16.70 17.39
N TRP F 194 -14.50 -17.28 18.51
CA TRP F 194 -13.34 -18.17 18.46
C TRP F 194 -13.63 -19.46 17.70
N ILE F 195 -14.84 -20.00 17.84
CA ILE F 195 -15.19 -21.22 17.12
C ILE F 195 -15.33 -20.95 15.62
N LEU F 196 -15.84 -19.78 15.26
CA LEU F 196 -15.92 -19.41 13.85
C LEU F 196 -14.53 -19.18 13.25
N HIS F 197 -13.60 -18.62 14.04
CA HIS F 197 -12.22 -18.48 13.58
C HIS F 197 -11.53 -19.83 13.42
N MET F 198 -11.85 -20.77 14.31
CA MET F 198 -11.29 -22.12 14.20
C MET F 198 -11.84 -22.85 12.98
N ALA F 199 -13.11 -22.61 12.64
CA ALA F 199 -13.67 -23.19 11.42
C ALA F 199 -13.03 -22.59 10.17
N LYS F 200 -12.72 -21.28 10.22
CA LYS F 200 -12.01 -20.65 9.12
C LYS F 200 -10.61 -21.22 8.95
N LEU F 201 -9.92 -21.51 10.07
CA LEU F 201 -8.61 -22.15 9.98
C LEU F 201 -8.69 -23.58 9.46
N SER F 202 -9.77 -24.30 9.79
CA SER F 202 -9.97 -25.63 9.24
C SER F 202 -10.15 -25.59 7.72
N ALA F 203 -10.91 -24.61 7.23
CA ALA F 203 -11.07 -24.45 5.78
C ALA F 203 -9.75 -24.06 5.12
N ALA F 204 -8.93 -23.25 5.79
CA ALA F 204 -7.62 -22.89 5.24
C ALA F 204 -6.69 -24.09 5.16
N MET F 205 -6.72 -24.97 6.17
CA MET F 205 -5.90 -26.17 6.13
C MET F 205 -6.36 -27.13 5.03
N ALA F 206 -7.67 -27.24 4.83
CA ALA F 206 -8.18 -28.04 3.72
C ALA F 206 -7.76 -27.47 2.37
N LYS F 207 -7.72 -26.14 2.25
CA LYS F 207 -7.24 -25.52 1.02
C LYS F 207 -5.75 -25.76 0.80
N GLN F 208 -4.96 -25.80 1.87
CA GLN F 208 -3.54 -26.14 1.75
C GLN F 208 -3.35 -27.57 1.25
N ALA F 209 -4.15 -28.51 1.78
CA ALA F 209 -4.03 -29.90 1.33
C ALA F 209 -4.44 -30.07 -0.12
N GLN F 210 -5.52 -29.38 -0.54
CA GLN F 210 -5.91 -29.40 -1.94
C GLN F 210 -4.88 -28.75 -2.84
N TYR F 211 -4.19 -27.72 -2.35
CA TYR F 211 -3.14 -27.08 -3.14
C TYR F 211 -1.94 -28.00 -3.35
N VAL F 212 -1.57 -28.76 -2.32
CA VAL F 212 -0.48 -29.72 -2.48
C VAL F 212 -0.87 -30.84 -3.43
N ALA F 213 -2.14 -31.28 -3.38
CA ALA F 213 -2.60 -32.32 -4.29
C ALA F 213 -2.62 -31.85 -5.75
N GLN F 214 -3.09 -30.62 -5.99
CA GLN F 214 -3.08 -30.07 -7.35
C GLN F 214 -1.66 -29.83 -7.84
N LEU F 215 -0.75 -29.43 -6.95
CA LEU F 215 0.65 -29.26 -7.32
C LEU F 215 1.29 -30.58 -7.72
N HIS F 216 0.96 -31.67 -7.01
CA HIS F 216 1.52 -32.96 -7.41
C HIS F 216 0.92 -33.46 -8.71
N VAL F 217 -0.36 -33.17 -8.98
CA VAL F 217 -0.96 -33.53 -10.26
C VAL F 217 -0.28 -32.80 -11.40
N TRP F 218 0.01 -31.50 -11.21
CA TRP F 218 0.75 -30.74 -12.21
C TRP F 218 2.18 -31.26 -12.37
N ALA F 219 2.83 -31.63 -11.27
CA ALA F 219 4.22 -32.03 -11.32
C ALA F 219 4.38 -33.43 -11.88
N ARG F 220 3.31 -34.21 -11.90
CA ARG F 220 3.38 -35.49 -12.59
C ARG F 220 2.93 -35.38 -14.03
N ARG F 221 2.13 -34.35 -14.34
CA ARG F 221 1.79 -34.10 -15.75
C ARG F 221 2.99 -33.53 -16.52
N GLU F 222 3.76 -32.64 -15.88
CA GLU F 222 4.79 -31.89 -16.58
C GLU F 222 6.11 -32.67 -16.70
N HIS F 223 6.46 -33.43 -15.66
CA HIS F 223 7.71 -34.17 -15.65
C HIS F 223 7.70 -35.28 -16.69
N PRO F 224 8.83 -35.59 -17.33
CA PRO F 224 8.87 -36.72 -18.26
C PRO F 224 8.72 -38.05 -17.55
N THR F 225 7.96 -38.95 -18.17
CA THR F 225 7.59 -40.21 -17.55
C THR F 225 8.80 -41.13 -17.42
N TYR F 226 8.65 -42.13 -16.54
CA TYR F 226 9.75 -43.06 -16.28
C TYR F 226 10.00 -43.98 -17.46
N GLU F 227 8.94 -44.43 -18.13
CA GLU F 227 9.09 -45.38 -19.22
C GLU F 227 9.71 -44.72 -20.45
N ASP F 228 9.45 -43.42 -20.63
CA ASP F 228 10.07 -42.71 -21.75
C ASP F 228 11.57 -42.53 -21.54
N ILE F 229 11.98 -42.29 -20.29
CA ILE F 229 13.40 -42.16 -19.99
C ILE F 229 14.09 -43.52 -20.11
N VAL F 230 13.42 -44.59 -19.68
CA VAL F 230 13.95 -45.94 -19.86
C VAL F 230 14.08 -46.32 -21.34
N GLY F 231 13.09 -45.95 -22.17
CA GLY F 231 13.21 -46.17 -23.59
C GLY F 231 14.29 -45.35 -24.26
N LEU F 232 14.47 -44.10 -23.82
CA LEU F 232 15.56 -43.27 -24.35
C LEU F 232 16.92 -43.79 -23.94
N GLU F 233 17.02 -44.42 -22.76
CA GLU F 233 18.29 -45.03 -22.35
C GLU F 233 18.64 -46.23 -23.23
N ARG F 234 17.65 -47.05 -23.58
CA ARG F 234 17.90 -48.16 -24.49
C ARG F 234 18.19 -47.67 -25.91
N LEU F 235 17.56 -46.56 -26.32
CA LEU F 235 17.87 -45.97 -27.61
C LEU F 235 19.29 -45.41 -27.64
N TYR F 236 19.77 -44.90 -26.50
CA TYR F 236 21.16 -44.45 -26.41
C TYR F 236 22.13 -45.62 -26.37
N ALA F 237 21.73 -46.74 -25.78
CA ALA F 237 22.67 -47.85 -25.61
C ALA F 237 22.78 -48.69 -26.87
N GLU F 238 21.70 -48.85 -27.63
CA GLU F 238 21.70 -49.76 -28.77
C GLU F 238 22.45 -49.23 -29.97
N ASN F 239 22.46 -47.92 -30.20
CA ASN F 239 23.07 -47.35 -31.40
C ASN F 239 23.75 -46.02 -31.04
N PRO F 240 25.08 -46.02 -30.92
CA PRO F 240 25.78 -44.75 -30.65
C PRO F 240 25.87 -43.84 -31.86
N SER F 241 25.49 -44.31 -33.06
CA SER F 241 25.53 -43.49 -34.26
C SER F 241 24.62 -42.28 -34.20
N ALA F 242 23.55 -42.35 -33.40
CA ALA F 242 22.66 -41.22 -33.18
C ALA F 242 22.97 -40.47 -31.90
N ARG F 243 24.21 -40.59 -31.38
CA ARG F 243 24.58 -39.87 -30.17
C ARG F 243 24.61 -38.35 -30.35
N ASP F 244 24.74 -37.87 -31.59
CA ASP F 244 24.61 -36.45 -31.85
C ASP F 244 23.18 -36.04 -32.19
N GLN F 245 22.21 -36.95 -32.06
CA GLN F 245 20.83 -36.68 -32.43
C GLN F 245 19.88 -36.70 -31.25
N ILE F 246 19.92 -37.75 -30.42
CA ILE F 246 19.01 -37.85 -29.28
C ILE F 246 19.53 -37.13 -28.05
N LEU F 247 20.77 -36.68 -28.06
CA LEU F 247 21.33 -35.93 -26.93
C LEU F 247 20.74 -34.52 -26.76
N PRO F 248 20.38 -33.77 -27.82
CA PRO F 248 19.57 -32.55 -27.56
C PRO F 248 18.20 -32.83 -26.99
N VAL F 249 17.61 -33.98 -27.31
CA VAL F 249 16.32 -34.36 -26.70
C VAL F 249 16.51 -34.62 -25.22
N TYR F 250 17.53 -35.43 -24.87
CA TYR F 250 17.81 -35.76 -23.47
C TYR F 250 18.13 -34.52 -22.66
N ALA F 251 18.90 -33.59 -23.24
CA ALA F 251 19.19 -32.32 -22.58
C ALA F 251 17.91 -31.55 -22.30
N GLU F 252 16.95 -31.58 -23.23
CA GLU F 252 15.65 -30.98 -22.98
C GLU F 252 14.94 -31.70 -21.84
N TYR F 253 15.04 -33.04 -21.81
CA TYR F 253 14.49 -33.83 -20.71
C TYR F 253 15.15 -33.46 -19.39
N GLN F 254 16.42 -33.06 -19.42
CA GLN F 254 17.05 -32.58 -18.20
C GLN F 254 16.42 -31.27 -17.76
N GLN F 255 16.28 -30.32 -18.70
CA GLN F 255 15.92 -28.96 -18.32
C GLN F 255 14.49 -28.88 -17.81
N ARG F 256 13.58 -29.57 -18.51
CA ARG F 256 12.20 -29.66 -18.06
C ARG F 256 12.09 -30.34 -16.70
N SER F 257 12.93 -31.36 -16.45
CA SER F 257 12.93 -31.99 -15.14
C SER F 257 13.40 -31.02 -14.07
N GLU F 258 14.41 -30.20 -14.40
CA GLU F 258 14.87 -29.20 -13.46
C GLU F 258 13.81 -28.12 -13.24
N LYS F 259 12.95 -27.90 -14.25
CA LYS F 259 11.85 -26.97 -14.03
C LYS F 259 10.82 -27.55 -13.08
N VAL F 260 10.63 -28.87 -13.10
CA VAL F 260 9.58 -29.46 -12.27
C VAL F 260 10.00 -29.50 -10.81
N LEU F 261 11.20 -30.05 -10.55
CA LEU F 261 11.62 -30.27 -9.17
C LEU F 261 11.89 -28.95 -8.44
N THR F 262 12.42 -27.94 -9.15
CA THR F 262 12.54 -26.61 -8.58
C THR F 262 11.17 -26.04 -8.24
N GLU F 263 10.18 -26.28 -9.09
CA GLU F 263 8.82 -25.84 -8.74
C GLU F 263 8.24 -26.67 -7.61
N TYR F 264 8.72 -27.89 -7.38
CA TYR F 264 8.19 -28.68 -6.29
C TYR F 264 8.79 -28.25 -4.96
N ASN F 265 10.09 -27.94 -4.93
CA ASN F 265 10.71 -27.50 -3.70
C ASN F 265 10.31 -26.08 -3.33
N ASN F 266 9.83 -25.28 -4.29
CA ASN F 266 9.42 -23.93 -3.97
C ASN F 266 7.95 -23.82 -3.60
N LYS F 267 7.06 -24.58 -4.24
CA LYS F 267 5.64 -24.42 -4.02
C LYS F 267 5.05 -25.34 -2.95
N ALA F 268 5.69 -26.47 -2.66
CA ALA F 268 5.20 -27.38 -1.65
C ALA F 268 5.80 -27.12 -0.28
N ALA F 269 6.17 -25.87 0.01
CA ALA F 269 6.63 -25.49 1.34
C ALA F 269 5.48 -24.77 2.03
N LEU F 270 4.77 -25.50 2.88
CA LEU F 270 3.58 -24.99 3.53
C LEU F 270 3.93 -24.20 4.77
N GLU F 271 3.17 -23.14 5.02
CA GLU F 271 3.36 -22.49 6.31
C GLU F 271 2.47 -23.15 7.36
N PRO F 272 2.88 -23.22 8.62
CA PRO F 272 2.05 -23.88 9.62
C PRO F 272 0.82 -23.07 9.98
N VAL F 273 -0.20 -23.78 10.43
CA VAL F 273 -1.45 -23.16 10.86
C VAL F 273 -1.47 -23.25 12.38
N ASN F 274 -1.02 -22.19 13.05
CA ASN F 274 -1.06 -22.15 14.50
C ASN F 274 -2.33 -21.44 14.94
N PRO F 275 -3.24 -22.11 15.63
CA PRO F 275 -4.48 -21.48 16.02
C PRO F 275 -4.29 -20.67 17.29
N PRO F 276 -5.14 -19.68 17.54
CA PRO F 276 -5.10 -18.99 18.83
C PRO F 276 -5.71 -19.85 19.91
N LYS F 277 -5.16 -19.75 21.11
CA LYS F 277 -5.71 -20.47 22.24
C LYS F 277 -7.08 -19.89 22.60
N PRO F 278 -7.99 -20.72 23.10
CA PRO F 278 -9.36 -20.25 23.36
C PRO F 278 -9.40 -19.20 24.44
N PRO F 279 -10.27 -18.20 24.32
CA PRO F 279 -10.32 -17.12 25.30
C PRO F 279 -10.84 -17.63 26.64
N PRO F 280 -10.33 -17.08 27.74
CA PRO F 280 -10.73 -17.61 29.05
C PRO F 280 -12.17 -17.26 29.39
N ALA F 281 -12.87 -18.25 29.93
CA ALA F 281 -14.25 -18.03 30.34
C ALA F 281 -14.29 -17.13 31.57
N ILE F 282 -15.44 -16.48 31.75
CA ILE F 282 -15.65 -15.66 32.94
C ILE F 282 -15.71 -16.56 34.16
N LYS F 283 -15.10 -16.12 35.26
CA LYS F 283 -15.09 -16.88 36.50
C LYS F 283 -16.05 -16.19 37.48
N ILE F 284 -17.22 -16.78 37.66
CA ILE F 284 -18.19 -16.31 38.65
C ILE F 284 -18.12 -17.27 39.83
N ASP F 285 -17.67 -16.75 40.96
CA ASP F 285 -17.51 -17.58 42.16
C ASP F 285 -18.88 -17.96 42.73
N PRO F 286 -18.97 -19.10 43.41
CA PRO F 286 -20.24 -19.46 44.05
C PRO F 286 -20.55 -18.52 45.19
N PRO F 287 -21.84 -18.31 45.50
CA PRO F 287 -22.18 -17.36 46.56
C PRO F 287 -21.86 -17.93 47.93
N PRO F 288 -21.54 -17.08 48.90
CA PRO F 288 -21.23 -17.59 50.23
C PRO F 288 -22.49 -18.03 50.96
N PRO F 289 -22.42 -19.04 51.80
CA PRO F 289 -23.59 -19.48 52.55
C PRO F 289 -23.93 -18.51 53.66
N PRO F 290 -25.16 -18.00 53.71
CA PRO F 290 -25.57 -17.06 54.76
C PRO F 290 -25.76 -17.73 56.12
N THR G 8 -42.41 22.75 25.69
CA THR G 8 -41.03 22.34 25.91
C THR G 8 -40.78 20.94 25.38
N VAL G 9 -41.44 19.96 25.99
CA VAL G 9 -41.31 18.55 25.60
C VAL G 9 -42.71 18.01 25.37
N ASP G 10 -42.95 17.47 24.17
CA ASP G 10 -44.23 16.88 23.82
C ASP G 10 -44.12 15.36 23.96
N GLN G 11 -44.83 14.81 24.95
CA GLN G 11 -44.73 13.38 25.24
C GLN G 11 -45.44 12.52 24.20
N GLN G 12 -46.40 13.07 23.47
CA GLN G 12 -47.12 12.28 22.47
C GLN G 12 -46.21 11.96 21.29
N GLU G 13 -45.28 12.86 20.95
CA GLU G 13 -44.27 12.56 19.95
C GLU G 13 -43.37 11.42 20.41
N ILE G 14 -43.04 11.38 21.69
CA ILE G 14 -42.20 10.32 22.22
C ILE G 14 -42.92 8.98 22.18
N LEU G 15 -44.22 8.98 22.51
CA LEU G 15 -44.99 7.73 22.47
C LEU G 15 -45.17 7.25 21.02
N ASN G 16 -45.41 8.17 20.09
CA ASN G 16 -45.54 7.79 18.69
C ASN G 16 -44.22 7.29 18.11
N ARG G 17 -43.10 7.89 18.52
CA ARG G 17 -41.81 7.41 18.05
C ARG G 17 -41.46 6.06 18.65
N ALA G 18 -41.85 5.81 19.89
CA ALA G 18 -41.64 4.48 20.48
C ALA G 18 -42.48 3.43 19.78
N ASN G 19 -43.74 3.74 19.49
CA ASN G 19 -44.58 2.79 18.78
C ASN G 19 -44.20 2.63 17.31
N GLU G 20 -43.45 3.58 16.75
CA GLU G 20 -42.96 3.42 15.39
C GLU G 20 -41.65 2.63 15.35
N VAL G 21 -40.79 2.81 16.36
CA VAL G 21 -39.56 2.02 16.45
C VAL G 21 -39.88 0.55 16.74
N GLU G 22 -40.87 0.31 17.61
CA GLU G 22 -41.24 -1.08 17.93
C GLU G 22 -41.96 -1.79 16.80
N ALA G 23 -42.39 -1.07 15.76
CA ALA G 23 -43.14 -1.69 14.68
C ALA G 23 -42.25 -2.64 13.87
N PRO G 24 -42.77 -3.78 13.42
CA PRO G 24 -41.91 -4.78 12.78
C PRO G 24 -41.54 -4.40 11.36
N MET G 25 -40.30 -4.74 11.00
CA MET G 25 -39.83 -4.53 9.63
C MET G 25 -40.25 -5.72 8.77
N ALA G 26 -39.78 -5.74 7.53
CA ALA G 26 -40.10 -6.83 6.64
C ALA G 26 -39.27 -8.07 6.99
N ASP G 27 -39.86 -9.23 6.74
CA ASP G 27 -39.17 -10.48 7.04
C ASP G 27 -38.09 -10.75 6.00
N PRO G 28 -36.95 -11.32 6.41
CA PRO G 28 -35.95 -11.73 5.43
C PRO G 28 -36.46 -12.90 4.61
N PRO G 29 -35.96 -13.09 3.39
CA PRO G 29 -36.48 -14.17 2.54
C PRO G 29 -36.05 -15.54 3.04
N THR G 30 -36.89 -16.54 2.74
CA THR G 30 -36.69 -17.89 3.22
C THR G 30 -36.38 -18.86 2.08
N ASP G 31 -35.72 -18.39 1.03
CA ASP G 31 -35.31 -19.27 -0.05
C ASP G 31 -34.13 -20.12 0.38
N VAL G 32 -34.13 -21.38 -0.05
CA VAL G 32 -33.08 -22.34 0.31
C VAL G 32 -32.19 -22.54 -0.90
N PRO G 33 -30.92 -22.14 -0.85
CA PRO G 33 -30.04 -22.30 -2.02
C PRO G 33 -29.59 -23.73 -2.20
N ILE G 34 -30.15 -24.40 -3.21
CA ILE G 34 -29.76 -25.77 -3.53
C ILE G 34 -28.44 -25.73 -4.29
N THR G 35 -27.78 -26.87 -4.34
CA THR G 35 -26.46 -26.95 -4.97
C THR G 35 -26.60 -26.87 -6.50
N PRO G 36 -25.63 -26.26 -7.18
CA PRO G 36 -25.69 -26.23 -8.65
C PRO G 36 -25.45 -27.58 -9.29
N CYS G 37 -24.63 -28.44 -8.70
CA CYS G 37 -24.34 -29.76 -9.25
C CYS G 37 -24.07 -30.70 -8.08
N GLU G 38 -23.50 -31.86 -8.38
CA GLU G 38 -23.19 -32.84 -7.34
C GLU G 38 -21.72 -32.86 -6.96
N LEU G 39 -20.95 -31.86 -7.36
CA LEU G 39 -19.57 -31.76 -6.91
C LEU G 39 -19.52 -31.40 -5.43
N THR G 40 -18.38 -31.68 -4.81
CA THR G 40 -18.25 -31.41 -3.39
C THR G 40 -18.08 -29.93 -3.10
N ALA G 41 -17.42 -29.19 -3.99
CA ALA G 41 -17.23 -27.76 -3.80
C ALA G 41 -18.54 -27.01 -3.92
N ALA G 42 -19.42 -27.45 -4.84
CA ALA G 42 -20.71 -26.79 -5.00
C ALA G 42 -21.62 -27.07 -3.81
N LYS G 43 -21.58 -28.29 -3.27
CA LYS G 43 -22.38 -28.60 -2.09
C LYS G 43 -21.88 -27.86 -0.87
N ASN G 44 -20.55 -27.69 -0.74
CA ASN G 44 -20.02 -26.92 0.37
C ASN G 44 -20.35 -25.44 0.23
N ALA G 45 -20.38 -24.92 -1.00
CA ALA G 45 -20.77 -23.53 -1.20
C ALA G 45 -22.25 -23.31 -0.89
N ALA G 46 -23.11 -24.26 -1.27
CA ALA G 46 -24.52 -24.14 -0.96
C ALA G 46 -24.78 -24.25 0.54
N GLN G 47 -24.07 -25.14 1.24
CA GLN G 47 -24.22 -25.23 2.68
C GLN G 47 -23.67 -23.99 3.38
N GLN G 48 -22.62 -23.37 2.82
CA GLN G 48 -22.10 -22.13 3.38
C GLN G 48 -23.11 -21.00 3.21
N LEU G 49 -23.82 -20.97 2.08
CA LEU G 49 -24.85 -19.95 1.89
C LEU G 49 -26.04 -20.16 2.81
N VAL G 50 -26.40 -21.43 3.06
CA VAL G 50 -27.48 -21.74 4.01
C VAL G 50 -27.10 -21.28 5.42
N LEU G 51 -25.86 -21.55 5.83
CA LEU G 51 -25.43 -21.15 7.17
C LEU G 51 -25.31 -19.64 7.31
N SER G 52 -24.88 -18.95 6.24
CA SER G 52 -24.82 -17.49 6.29
C SER G 52 -26.21 -16.88 6.36
N ALA G 53 -27.18 -17.46 5.64
CA ALA G 53 -28.56 -16.95 5.71
C ALA G 53 -29.17 -17.18 7.09
N ASP G 54 -28.87 -18.32 7.72
CA ASP G 54 -29.37 -18.59 9.07
C ASP G 54 -28.75 -17.65 10.08
N ASN G 55 -27.45 -17.35 9.93
CA ASN G 55 -26.78 -16.37 10.78
C ASN G 55 -27.39 -14.98 10.63
N MET G 56 -27.71 -14.60 9.38
CA MET G 56 -28.31 -13.30 9.12
C MET G 56 -29.70 -13.18 9.74
N ARG G 57 -30.50 -14.25 9.64
CA ARG G 57 -31.85 -14.21 10.22
C ARG G 57 -31.80 -14.18 11.74
N GLU G 58 -30.85 -14.91 12.34
CA GLU G 58 -30.69 -14.88 13.79
C GLU G 58 -30.30 -13.49 14.29
N TYR G 59 -29.37 -12.83 13.59
CA TYR G 59 -28.97 -11.50 14.05
C TYR G 59 -30.04 -10.44 13.75
N LEU G 60 -30.89 -10.67 12.74
CA LEU G 60 -32.00 -9.75 12.53
C LEU G 60 -33.06 -9.90 13.61
N ALA G 61 -33.28 -11.12 14.11
CA ALA G 61 -34.18 -11.29 15.25
C ALA G 61 -33.60 -10.66 16.52
N ALA G 62 -32.28 -10.75 16.71
CA ALA G 62 -31.64 -10.09 17.84
C ALA G 62 -31.76 -8.58 17.75
N GLY G 63 -31.65 -8.03 16.53
CA GLY G 63 -31.86 -6.60 16.36
C GLY G 63 -33.30 -6.18 16.58
N ALA G 64 -34.26 -7.06 16.28
CA ALA G 64 -35.66 -6.77 16.61
C ALA G 64 -35.87 -6.71 18.11
N LYS G 65 -35.22 -7.60 18.87
CA LYS G 65 -35.30 -7.53 20.32
C LYS G 65 -34.63 -6.27 20.87
N GLU G 66 -33.54 -5.84 20.24
CA GLU G 66 -32.89 -4.59 20.68
C GLU G 66 -33.75 -3.37 20.38
N ARG G 67 -34.47 -3.38 19.25
CA ARG G 67 -35.40 -2.30 18.97
C ARG G 67 -36.58 -2.29 19.93
N GLN G 68 -37.01 -3.48 20.39
CA GLN G 68 -38.05 -3.55 21.41
C GLN G 68 -37.58 -2.96 22.74
N ARG G 69 -36.34 -3.24 23.12
CA ARG G 69 -35.78 -2.64 24.34
C ARG G 69 -35.60 -1.12 24.19
N LEU G 70 -35.25 -0.66 22.99
CA LEU G 70 -35.14 0.78 22.77
C LEU G 70 -36.50 1.47 22.83
N ALA G 71 -37.55 0.79 22.35
CA ALA G 71 -38.89 1.35 22.46
C ALA G 71 -39.37 1.39 23.91
N THR G 72 -39.00 0.38 24.71
CA THR G 72 -39.30 0.41 26.13
C THR G 72 -38.57 1.55 26.84
N SER G 73 -37.31 1.81 26.45
CA SER G 73 -36.59 2.94 27.01
C SER G 73 -37.18 4.28 26.60
N LEU G 74 -37.67 4.39 25.36
CA LEU G 74 -38.35 5.62 24.95
C LEU G 74 -39.65 5.82 25.69
N ARG G 75 -40.38 4.73 25.99
CA ARG G 75 -41.57 4.85 26.80
C ARG G 75 -41.26 5.26 28.23
N ASN G 76 -40.14 4.80 28.78
CA ASN G 76 -39.73 5.25 30.12
C ASN G 76 -39.32 6.71 30.10
N ALA G 77 -38.65 7.16 29.03
CA ALA G 77 -38.29 8.57 28.92
C ALA G 77 -39.53 9.45 28.74
N ALA G 78 -40.57 8.93 28.10
CA ALA G 78 -41.83 9.67 28.01
C ALA G 78 -42.55 9.68 29.35
N LYS G 79 -42.52 8.57 30.09
CA LYS G 79 -43.15 8.46 31.39
C LYS G 79 -42.45 9.28 32.46
N ALA G 80 -41.18 9.65 32.23
CA ALA G 80 -40.46 10.51 33.16
C ALA G 80 -41.07 11.90 33.24
N TYR G 81 -41.58 12.43 32.12
CA TYR G 81 -42.16 13.77 32.14
C TYR G 81 -43.55 13.78 32.76
N GLY G 82 -44.51 13.08 32.14
CA GLY G 82 -45.88 13.10 32.59
C GLY G 82 -46.39 11.70 32.86
N GLU G 83 -47.67 11.63 33.21
CA GLU G 83 -48.29 10.38 33.59
C GLU G 83 -48.89 9.69 32.36
N VAL G 84 -48.26 8.60 31.95
CA VAL G 84 -48.74 7.85 30.78
C VAL G 84 -49.86 6.90 31.21
N ASP G 85 -50.63 6.44 30.23
CA ASP G 85 -51.70 5.48 30.48
C ASP G 85 -51.13 4.11 30.84
N GLU G 127 -6.13 -48.60 -20.72
CA GLU G 127 -5.27 -47.49 -20.30
C GLU G 127 -5.96 -46.10 -20.19
N PRO G 128 -6.89 -45.73 -21.09
CA PRO G 128 -7.72 -44.55 -20.80
C PRO G 128 -8.73 -44.85 -19.71
N ASN G 129 -8.69 -44.05 -18.64
CA ASN G 129 -9.68 -44.16 -17.56
C ASN G 129 -10.86 -43.28 -17.92
N PHE G 130 -11.71 -43.79 -18.82
CA PHE G 130 -12.92 -43.09 -19.23
C PHE G 130 -13.95 -43.01 -18.11
N MET G 131 -13.87 -43.92 -17.13
CA MET G 131 -14.85 -43.96 -16.05
C MET G 131 -14.77 -42.72 -15.16
N ASP G 132 -13.55 -42.31 -14.79
CA ASP G 132 -13.38 -41.13 -13.94
C ASP G 132 -13.75 -39.86 -14.68
N LEU G 133 -13.44 -39.79 -15.97
CA LEU G 133 -13.74 -38.60 -16.77
C LEU G 133 -15.25 -38.44 -16.96
N LYS G 134 -15.93 -39.52 -17.35
CA LYS G 134 -17.37 -39.41 -17.53
C LYS G 134 -18.11 -39.34 -16.20
N GLU G 135 -17.49 -39.82 -15.11
CA GLU G 135 -18.09 -39.62 -13.78
C GLU G 135 -17.99 -38.16 -13.35
N ALA G 136 -16.86 -37.51 -13.65
CA ALA G 136 -16.72 -36.08 -13.36
C ALA G 136 -17.68 -35.24 -14.18
N ALA G 137 -17.86 -35.58 -15.45
CA ALA G 137 -18.82 -34.86 -16.29
C ALA G 137 -20.26 -35.09 -15.84
N ARG G 138 -20.59 -36.33 -15.45
CA ARG G 138 -21.93 -36.68 -14.99
C ARG G 138 -22.22 -35.93 -13.70
N LYS G 139 -21.30 -35.95 -12.72
CA LYS G 139 -21.44 -35.21 -11.47
C LYS G 139 -21.54 -33.71 -11.70
N LEU G 140 -20.85 -33.20 -12.72
CA LEU G 140 -20.92 -31.78 -13.01
C LEU G 140 -22.23 -31.38 -13.65
N GLU G 141 -22.94 -32.30 -14.31
CA GLU G 141 -24.16 -31.91 -14.99
C GLU G 141 -25.46 -32.35 -14.31
N THR G 142 -25.41 -33.08 -13.19
CA THR G 142 -26.65 -33.62 -12.61
C THR G 142 -27.24 -32.69 -11.55
N GLY G 143 -27.40 -31.40 -11.85
CA GLY G 143 -27.89 -30.51 -10.82
C GLY G 143 -28.93 -29.51 -11.26
N ASP G 144 -29.18 -28.52 -10.39
CA ASP G 144 -30.13 -27.45 -10.65
C ASP G 144 -29.56 -26.37 -11.58
N GLN G 145 -28.26 -26.46 -11.90
CA GLN G 145 -27.56 -25.55 -12.83
C GLN G 145 -27.60 -24.10 -12.37
N GLY G 146 -27.65 -23.88 -11.05
CA GLY G 146 -27.66 -22.52 -10.54
C GLY G 146 -28.97 -21.79 -10.71
N ALA G 147 -30.09 -22.51 -10.83
CA ALA G 147 -31.39 -21.85 -10.95
C ALA G 147 -31.97 -21.48 -9.59
N SER G 148 -31.47 -22.07 -8.51
CA SER G 148 -31.89 -21.71 -7.18
C SER G 148 -30.98 -20.70 -6.50
N LEU G 149 -29.76 -20.53 -7.02
CA LEU G 149 -28.89 -19.47 -6.53
C LEU G 149 -29.30 -18.12 -7.06
N ALA G 150 -29.78 -18.06 -8.31
CA ALA G 150 -30.24 -16.80 -8.87
C ALA G 150 -31.60 -16.38 -8.34
N HIS G 151 -32.31 -17.27 -7.64
CA HIS G 151 -33.51 -16.90 -6.94
C HIS G 151 -33.25 -16.61 -5.47
N PHE G 152 -32.17 -17.14 -4.91
CA PHE G 152 -31.69 -16.75 -3.59
C PHE G 152 -31.12 -15.33 -3.62
N ALA G 153 -30.30 -15.04 -4.64
CA ALA G 153 -29.63 -13.75 -4.72
C ALA G 153 -30.59 -12.62 -5.04
N ASP G 154 -31.65 -12.90 -5.82
CA ASP G 154 -32.65 -11.87 -6.10
C ASP G 154 -33.43 -11.50 -4.85
N GLY G 155 -33.75 -12.49 -4.02
CA GLY G 155 -34.43 -12.21 -2.77
C GLY G 155 -33.56 -11.46 -1.79
N TRP G 156 -32.30 -11.87 -1.63
CA TRP G 156 -31.43 -11.16 -0.71
C TRP G 156 -30.89 -9.85 -1.27
N ASN G 157 -31.09 -9.57 -2.56
CA ASN G 157 -30.80 -8.25 -3.10
C ASN G 157 -31.99 -7.32 -3.00
N THR G 158 -33.21 -7.84 -3.10
CA THR G 158 -34.39 -7.02 -2.84
C THR G 158 -34.52 -6.70 -1.36
N PHE G 159 -34.07 -7.61 -0.49
CA PHE G 159 -34.10 -7.33 0.94
C PHE G 159 -33.10 -6.25 1.34
N ASN G 160 -32.04 -6.05 0.57
CA ASN G 160 -31.13 -4.93 0.78
C ASN G 160 -31.84 -3.60 0.63
N LEU G 161 -32.57 -3.43 -0.48
CA LEU G 161 -33.32 -2.20 -0.70
C LEU G 161 -34.51 -2.09 0.25
N THR G 162 -35.06 -3.22 0.69
CA THR G 162 -36.14 -3.18 1.67
C THR G 162 -35.64 -2.72 3.04
N LEU G 163 -34.44 -3.15 3.44
CA LEU G 163 -33.87 -2.68 4.69
C LEU G 163 -33.44 -1.23 4.60
N GLN G 164 -32.96 -0.79 3.43
CA GLN G 164 -32.63 0.64 3.29
C GLN G 164 -33.87 1.51 3.16
N GLY G 165 -35.01 0.93 2.79
CA GLY G 165 -36.21 1.74 2.57
C GLY G 165 -36.91 2.19 3.83
N ASP G 166 -36.67 1.51 4.95
CA ASP G 166 -37.39 1.84 6.18
C ASP G 166 -36.43 2.13 7.33
N VAL G 167 -35.45 2.99 7.08
CA VAL G 167 -34.65 3.56 8.16
C VAL G 167 -35.15 4.95 8.54
N LYS G 168 -36.36 5.29 8.12
CA LYS G 168 -36.97 6.57 8.49
C LYS G 168 -37.43 6.60 9.94
N ARG G 169 -37.59 5.44 10.58
CA ARG G 169 -38.02 5.37 11.97
C ARG G 169 -36.92 5.77 12.95
N PHE G 170 -35.67 5.86 12.50
CA PHE G 170 -34.56 6.25 13.35
C PHE G 170 -34.17 7.71 13.16
N ARG G 171 -35.10 8.54 12.71
CA ARG G 171 -34.83 9.96 12.54
C ARG G 171 -34.77 10.64 13.90
N GLY G 172 -34.12 11.80 13.93
CA GLY G 172 -34.05 12.58 15.14
C GLY G 172 -35.39 13.21 15.49
N PHE G 173 -35.53 13.57 16.77
CA PHE G 173 -36.78 14.12 17.23
C PHE G 173 -36.93 15.56 16.78
N ASP G 174 -38.18 16.04 16.80
CA ASP G 174 -38.49 17.41 16.39
C ASP G 174 -38.70 18.33 17.58
N ASN G 175 -39.64 17.99 18.47
CA ASN G 175 -40.00 18.85 19.58
C ASN G 175 -39.33 18.46 20.88
N TRP G 176 -38.55 17.39 20.90
CA TRP G 176 -37.88 16.92 22.11
C TRP G 176 -36.42 17.37 22.07
N GLU G 177 -36.06 18.28 22.96
CA GLU G 177 -34.68 18.69 23.15
C GLU G 177 -34.31 18.49 24.62
N GLY G 178 -33.02 18.32 24.88
CA GLY G 178 -32.55 18.14 26.22
C GLY G 178 -31.30 17.27 26.23
N ASP G 179 -31.05 16.65 27.39
CA ASP G 179 -29.88 15.81 27.57
C ASP G 179 -30.18 14.33 27.39
N ALA G 180 -31.43 13.91 27.61
CA ALA G 180 -31.83 12.55 27.29
C ALA G 180 -32.17 12.36 25.83
N ALA G 181 -32.63 13.43 25.17
CA ALA G 181 -32.95 13.37 23.75
C ALA G 181 -31.70 13.15 22.90
N THR G 182 -30.56 13.70 23.33
CA THR G 182 -29.32 13.49 22.59
C THR G 182 -28.86 12.05 22.69
N ALA G 183 -29.00 11.44 23.87
CA ALA G 183 -28.62 10.04 24.04
C ALA G 183 -29.57 9.10 23.30
N CYS G 184 -30.87 9.44 23.28
CA CYS G 184 -31.81 8.62 22.53
C CYS G 184 -31.61 8.76 21.02
N GLU G 185 -31.24 9.96 20.55
CA GLU G 185 -30.90 10.13 19.14
C GLU G 185 -29.61 9.40 18.79
N ALA G 186 -28.65 9.34 19.72
CA ALA G 186 -27.43 8.58 19.47
C ALA G 186 -27.73 7.09 19.40
N SER G 187 -28.64 6.59 20.23
CA SER G 187 -29.02 5.18 20.18
C SER G 187 -29.76 4.85 18.89
N LEU G 188 -30.67 5.74 18.46
CA LEU G 188 -31.37 5.53 17.20
C LEU G 188 -30.42 5.60 16.01
N ASP G 189 -29.40 6.46 16.09
CA ASP G 189 -28.41 6.53 15.02
C ASP G 189 -27.54 5.28 14.98
N GLN G 190 -27.22 4.72 16.14
CA GLN G 190 -26.47 3.47 16.19
C GLN G 190 -27.27 2.33 15.58
N GLN G 191 -28.57 2.26 15.88
CA GLN G 191 -29.42 1.24 15.30
C GLN G 191 -29.55 1.42 13.78
N ARG G 192 -29.61 2.67 13.32
CA ARG G 192 -29.70 2.94 11.89
C ARG G 192 -28.44 2.53 11.15
N GLN G 193 -27.27 2.85 11.71
CA GLN G 193 -26.01 2.45 11.09
C GLN G 193 -25.84 0.93 11.10
N TRP G 194 -26.32 0.27 12.15
CA TRP G 194 -26.25 -1.19 12.19
C TRP G 194 -27.18 -1.82 11.15
N ILE G 195 -28.36 -1.24 10.94
CA ILE G 195 -29.27 -1.79 9.93
C ILE G 195 -28.73 -1.56 8.52
N LEU G 196 -28.08 -0.42 8.29
CA LEU G 196 -27.45 -0.20 6.98
C LEU G 196 -26.28 -1.14 6.75
N HIS G 197 -25.52 -1.45 7.80
CA HIS G 197 -24.43 -2.43 7.68
C HIS G 197 -24.98 -3.83 7.41
N MET G 198 -26.12 -4.16 8.02
CA MET G 198 -26.75 -5.46 7.76
C MET G 198 -27.28 -5.56 6.34
N ALA G 199 -27.78 -4.44 5.79
CA ALA G 199 -28.20 -4.42 4.40
C ALA G 199 -27.02 -4.58 3.45
N LYS G 200 -25.88 -3.97 3.81
CA LYS G 200 -24.66 -4.15 3.02
C LYS G 200 -24.18 -5.60 3.04
N LEU G 201 -24.30 -6.27 4.20
CA LEU G 201 -23.95 -7.68 4.27
C LEU G 201 -24.91 -8.56 3.48
N SER G 202 -26.20 -8.18 3.43
CA SER G 202 -27.16 -8.91 2.60
C SER G 202 -26.82 -8.79 1.12
N ALA G 203 -26.41 -7.60 0.69
CA ALA G 203 -25.98 -7.43 -0.71
C ALA G 203 -24.70 -8.22 -1.00
N ALA G 204 -23.79 -8.30 -0.03
CA ALA G 204 -22.57 -9.08 -0.21
C ALA G 204 -22.87 -10.59 -0.32
N MET G 205 -23.83 -11.08 0.46
CA MET G 205 -24.20 -12.48 0.37
C MET G 205 -24.89 -12.79 -0.97
N ALA G 206 -25.71 -11.86 -1.46
CA ALA G 206 -26.31 -12.04 -2.78
C ALA G 206 -25.25 -12.04 -3.88
N LYS G 207 -24.20 -11.21 -3.72
CA LYS G 207 -23.11 -11.23 -4.69
C LYS G 207 -22.32 -12.53 -4.65
N GLN G 208 -22.17 -13.12 -3.46
CA GLN G 208 -21.52 -14.43 -3.35
C GLN G 208 -22.32 -15.52 -4.06
N ALA G 209 -23.65 -15.49 -3.89
CA ALA G 209 -24.49 -16.49 -4.56
C ALA G 209 -24.46 -16.33 -6.07
N GLN G 210 -24.49 -15.08 -6.57
CA GLN G 210 -24.36 -14.85 -8.00
C GLN G 210 -22.98 -15.26 -8.52
N TYR G 211 -21.93 -15.10 -7.71
CA TYR G 211 -20.60 -15.53 -8.14
C TYR G 211 -20.50 -17.04 -8.26
N VAL G 212 -21.12 -17.78 -7.34
CA VAL G 212 -21.12 -19.24 -7.45
C VAL G 212 -21.93 -19.69 -8.66
N ALA G 213 -23.04 -19.00 -8.96
CA ALA G 213 -23.84 -19.36 -10.13
C ALA G 213 -23.08 -19.09 -11.44
N GLN G 214 -22.40 -17.94 -11.53
CA GLN G 214 -21.60 -17.65 -12.72
C GLN G 214 -20.41 -18.59 -12.87
N LEU G 215 -19.83 -19.01 -11.73
CA LEU G 215 -18.74 -19.98 -11.77
C LEU G 215 -19.21 -21.33 -12.28
N HIS G 216 -20.42 -21.75 -11.88
CA HIS G 216 -20.92 -23.02 -12.38
C HIS G 216 -21.30 -22.94 -13.86
N VAL G 217 -21.79 -21.78 -14.31
CA VAL G 217 -22.07 -21.61 -15.74
C VAL G 217 -20.78 -21.70 -16.56
N TRP G 218 -19.70 -21.08 -16.07
CA TRP G 218 -18.41 -21.20 -16.73
C TRP G 218 -17.88 -22.62 -16.68
N ALA G 219 -18.06 -23.31 -15.55
CA ALA G 219 -17.50 -24.64 -15.39
C ALA G 219 -18.29 -25.68 -16.17
N ARG G 220 -19.51 -25.37 -16.56
CA ARG G 220 -20.22 -26.28 -17.45
C ARG G 220 -20.00 -25.90 -18.90
N ARG G 221 -19.65 -24.64 -19.18
CA ARG G 221 -19.27 -24.28 -20.54
C ARG G 221 -17.91 -24.84 -20.92
N GLU G 222 -16.95 -24.85 -19.99
CA GLU G 222 -15.57 -25.19 -20.31
C GLU G 222 -15.32 -26.70 -20.28
N HIS G 223 -15.97 -27.42 -19.38
CA HIS G 223 -15.75 -28.85 -19.24
C HIS G 223 -16.29 -29.59 -20.45
N PRO G 224 -15.64 -30.67 -20.89
CA PRO G 224 -16.20 -31.46 -22.00
C PRO G 224 -17.47 -32.17 -21.59
N THR G 225 -18.44 -32.20 -22.52
CA THR G 225 -19.76 -32.70 -22.24
C THR G 225 -19.75 -34.22 -22.05
N TYR G 226 -20.83 -34.72 -21.43
CA TYR G 226 -20.93 -36.15 -21.12
C TYR G 226 -21.11 -36.97 -22.38
N GLU G 227 -21.92 -36.47 -23.32
CA GLU G 227 -22.23 -37.23 -24.53
C GLU G 227 -21.02 -37.32 -25.44
N ASP G 228 -20.15 -36.31 -25.43
CA ASP G 228 -18.94 -36.36 -26.24
C ASP G 228 -17.94 -37.38 -25.69
N ILE G 229 -17.86 -37.50 -24.37
CA ILE G 229 -16.99 -38.51 -23.75
C ILE G 229 -17.55 -39.90 -23.99
N VAL G 230 -18.87 -40.07 -23.92
CA VAL G 230 -19.50 -41.35 -24.24
C VAL G 230 -19.29 -41.73 -25.70
N GLY G 231 -19.38 -40.77 -26.63
CA GLY G 231 -19.07 -41.06 -28.02
C GLY G 231 -17.62 -41.38 -28.28
N LEU G 232 -16.70 -40.70 -27.57
CA LEU G 232 -15.28 -41.02 -27.70
C LEU G 232 -14.96 -42.38 -27.12
N GLU G 233 -15.68 -42.83 -26.10
CA GLU G 233 -15.48 -44.17 -25.56
C GLU G 233 -15.91 -45.25 -26.55
N ARG G 234 -17.03 -45.03 -27.25
CA ARG G 234 -17.43 -45.97 -28.30
C ARG G 234 -16.50 -45.92 -29.50
N LEU G 235 -15.95 -44.75 -29.80
CA LEU G 235 -14.96 -44.66 -30.87
C LEU G 235 -13.67 -45.37 -30.49
N TYR G 236 -13.31 -45.38 -29.21
CA TYR G 236 -12.17 -46.15 -28.74
C TYR G 236 -12.45 -47.64 -28.72
N ALA G 237 -13.69 -48.03 -28.45
CA ALA G 237 -14.00 -49.45 -28.31
C ALA G 237 -14.19 -50.13 -29.66
N GLU G 238 -14.76 -49.42 -30.64
CA GLU G 238 -15.12 -50.05 -31.91
C GLU G 238 -13.92 -50.34 -32.81
N ASN G 239 -12.88 -49.51 -32.76
CA ASN G 239 -11.74 -49.65 -33.69
C ASN G 239 -10.46 -49.30 -32.95
N PRO G 240 -9.68 -50.32 -32.56
CA PRO G 240 -8.39 -50.03 -31.92
C PRO G 240 -7.31 -49.56 -32.88
N SER G 241 -7.56 -49.61 -34.20
CA SER G 241 -6.58 -49.17 -35.18
C SER G 241 -6.27 -47.68 -35.08
N ALA G 242 -7.19 -46.88 -34.56
CA ALA G 242 -6.96 -45.46 -34.31
C ALA G 242 -6.57 -45.18 -32.86
N ARG G 243 -6.05 -46.17 -32.14
CA ARG G 243 -5.63 -45.96 -30.75
C ARG G 243 -4.44 -45.02 -30.63
N ASP G 244 -3.65 -44.84 -31.70
CA ASP G 244 -2.60 -43.84 -31.71
C ASP G 244 -3.07 -42.51 -32.25
N GLN G 245 -4.38 -42.35 -32.50
CA GLN G 245 -4.91 -41.13 -33.10
C GLN G 245 -5.84 -40.36 -32.17
N ILE G 246 -6.82 -41.03 -31.56
CA ILE G 246 -7.77 -40.36 -30.68
C ILE G 246 -7.27 -40.25 -29.25
N LEU G 247 -6.18 -40.92 -28.90
CA LEU G 247 -5.60 -40.81 -27.58
C LEU G 247 -4.95 -39.46 -27.26
N PRO G 248 -4.32 -38.74 -28.21
CA PRO G 248 -3.98 -37.33 -27.90
C PRO G 248 -5.18 -36.43 -27.69
N VAL G 249 -6.31 -36.73 -28.34
CA VAL G 249 -7.53 -35.97 -28.09
C VAL G 249 -8.04 -36.23 -26.68
N TYR G 250 -8.12 -37.51 -26.29
CA TYR G 250 -8.58 -37.89 -24.95
C TYR G 250 -7.69 -37.31 -23.86
N ALA G 251 -6.38 -37.32 -24.09
CA ALA G 251 -5.44 -36.70 -23.15
C ALA G 251 -5.73 -35.22 -22.99
N GLU G 252 -6.06 -34.54 -24.09
CA GLU G 252 -6.50 -33.15 -24.01
C GLU G 252 -7.78 -33.02 -23.21
N TYR G 253 -8.72 -33.97 -23.41
CA TYR G 253 -9.94 -34.02 -22.62
C TYR G 253 -9.65 -34.23 -21.14
N GLN G 254 -8.57 -34.94 -20.84
CA GLN G 254 -8.16 -35.06 -19.44
C GLN G 254 -7.71 -33.73 -18.90
N GLN G 255 -6.81 -33.05 -19.64
CA GLN G 255 -6.12 -31.88 -19.11
C GLN G 255 -7.08 -30.72 -18.89
N ARG G 256 -7.96 -30.49 -19.88
CA ARG G 256 -8.99 -29.47 -19.76
C ARG G 256 -9.94 -29.78 -18.60
N SER G 257 -10.25 -31.07 -18.38
CA SER G 257 -11.09 -31.43 -17.25
C SER G 257 -10.39 -31.12 -15.93
N GLU G 258 -9.07 -31.38 -15.89
CA GLU G 258 -8.32 -31.04 -14.69
C GLU G 258 -8.22 -29.55 -14.50
N LYS G 259 -8.30 -28.77 -15.60
CA LYS G 259 -8.34 -27.33 -15.45
C LYS G 259 -9.66 -26.87 -14.85
N VAL G 260 -10.75 -27.57 -15.16
CA VAL G 260 -12.06 -27.13 -14.71
C VAL G 260 -12.24 -27.43 -13.22
N LEU G 261 -12.00 -28.67 -12.82
CA LEU G 261 -12.28 -29.10 -11.46
C LEU G 261 -11.35 -28.42 -10.45
N THR G 262 -10.08 -28.22 -10.83
CA THR G 262 -9.17 -27.42 -10.01
C THR G 262 -9.68 -26.00 -9.84
N GLU G 263 -10.23 -25.43 -10.92
CA GLU G 263 -10.83 -24.10 -10.79
C GLU G 263 -12.11 -24.13 -9.98
N TYR G 264 -12.79 -25.28 -9.90
CA TYR G 264 -14.00 -25.34 -9.11
C TYR G 264 -13.69 -25.48 -7.62
N ASN G 265 -12.68 -26.27 -7.28
CA ASN G 265 -12.31 -26.42 -5.87
C ASN G 265 -11.61 -25.18 -5.32
N ASN G 266 -11.04 -24.34 -6.19
CA ASN G 266 -10.38 -23.14 -5.72
C ASN G 266 -11.30 -21.93 -5.64
N LYS G 267 -12.22 -21.78 -6.59
CA LYS G 267 -13.04 -20.56 -6.65
C LYS G 267 -14.36 -20.67 -5.91
N ALA G 268 -14.89 -21.87 -5.72
CA ALA G 268 -16.16 -22.05 -5.02
C ALA G 268 -15.98 -22.28 -3.53
N ALA G 269 -14.92 -21.76 -2.94
CA ALA G 269 -14.72 -21.82 -1.50
C ALA G 269 -15.08 -20.45 -0.93
N LEU G 270 -16.29 -20.34 -0.41
CA LEU G 270 -16.83 -19.08 0.06
C LEU G 270 -16.37 -18.79 1.48
N GLU G 271 -16.12 -17.52 1.77
CA GLU G 271 -15.88 -17.20 3.16
C GLU G 271 -17.21 -16.90 3.85
N PRO G 272 -17.36 -17.22 5.14
CA PRO G 272 -18.64 -16.98 5.81
C PRO G 272 -18.89 -15.50 6.04
N VAL G 273 -20.17 -15.14 6.12
CA VAL G 273 -20.59 -13.79 6.40
C VAL G 273 -21.09 -13.76 7.83
N ASN G 274 -20.21 -13.41 8.77
CA ASN G 274 -20.62 -13.30 10.16
C ASN G 274 -20.99 -11.85 10.46
N PRO G 275 -22.24 -11.57 10.80
CA PRO G 275 -22.63 -10.19 11.05
C PRO G 275 -22.26 -9.76 12.46
N PRO G 276 -22.13 -8.47 12.71
CA PRO G 276 -21.95 -8.01 14.09
C PRO G 276 -23.26 -8.07 14.84
N LYS G 277 -23.19 -8.38 16.13
CA LYS G 277 -24.38 -8.37 16.96
C LYS G 277 -24.88 -6.94 17.12
N PRO G 278 -26.19 -6.75 17.26
CA PRO G 278 -26.75 -5.40 17.30
C PRO G 278 -26.30 -4.64 18.55
N PRO G 279 -26.06 -3.35 18.43
CA PRO G 279 -25.55 -2.58 19.58
C PRO G 279 -26.61 -2.46 20.65
N PRO G 280 -26.22 -2.45 21.93
CA PRO G 280 -27.21 -2.45 23.00
C PRO G 280 -27.93 -1.11 23.09
N ALA G 281 -29.24 -1.17 23.26
CA ALA G 281 -30.03 0.03 23.42
C ALA G 281 -29.74 0.69 24.76
N ILE G 282 -30.00 1.99 24.83
CA ILE G 282 -29.84 2.73 26.08
C ILE G 282 -30.90 2.24 27.07
N LYS G 283 -30.51 2.09 28.33
CA LYS G 283 -31.42 1.66 29.38
C LYS G 283 -31.76 2.84 30.25
N ILE G 284 -32.97 3.38 30.08
CA ILE G 284 -33.48 4.46 30.90
C ILE G 284 -34.48 3.84 31.86
N ASP G 285 -34.16 3.86 33.15
CA ASP G 285 -35.00 3.25 34.16
C ASP G 285 -36.27 4.07 34.35
N PRO G 286 -37.37 3.44 34.78
CA PRO G 286 -38.58 4.20 35.05
C PRO G 286 -38.39 5.10 36.26
N PRO G 287 -39.11 6.22 36.33
CA PRO G 287 -38.92 7.13 37.46
C PRO G 287 -39.53 6.57 38.73
N PRO G 288 -38.96 6.91 39.90
CA PRO G 288 -39.53 6.39 41.14
C PRO G 288 -40.83 7.11 41.48
N PRO G 289 -41.77 6.42 42.11
CA PRO G 289 -43.03 7.08 42.50
C PRO G 289 -42.82 7.99 43.69
N PRO G 290 -43.20 9.27 43.58
CA PRO G 290 -43.04 10.22 44.68
C PRO G 290 -44.05 9.99 45.81
#